data_9LXH
#
_entry.id   9LXH
#
_cell.length_a   1.00
_cell.length_b   1.00
_cell.length_c   1.00
_cell.angle_alpha   90.00
_cell.angle_beta   90.00
_cell.angle_gamma   90.00
#
_symmetry.space_group_name_H-M   'P 1'
#
loop_
_entity.id
_entity.type
_entity.pdbx_description
1 polymer 'Engulfment and cell motility protein 1'
2 polymer 'Dedicator of cytokinesis protein 5'
3 polymer 'Rho-related GTP-binding protein RhoG'
#
loop_
_entity_poly.entity_id
_entity_poly.type
_entity_poly.pdbx_seq_one_letter_code
_entity_poly.pdbx_strand_id
1 'polypeptide(L)'
;GGSVGSMPPPADIVKVAIEWPGAYPKLMEIDQKKPLSAIIKEVCDGWSLANHEYFALQHADSSNFYITEKNRNEIKNGTI
LRLTTSPAQNAQQLHERIQSSSMDAKLEALKDLASLSRDVTFAQEFINLDGISLLTQMVESGTERYQKLQKIMKPCFGDM
LSFTLTAFVELMDHGIVSWDTFSVAFIKKIASFVNKSAIDISILQRSLAILESMVLNSHDLYQKVAQEITIGQLIPHLQG
SDQEIQTYTIAVINALFLKAPDERRQEMANILAQKQLRSIILTHVIRAQRAINNEMAHQLYVLQVLTFNLLEDRMMTKMD
PQDQAQRDIIFELRRIAFDAESEPNNSSGSMEKRKSMYTRDYKKLGFINHVNPAMDFTQTPPGMLALDNMLYFAKHHQDA
YIRIVLENSSREDKHECPFGRSSIELTKMLCEILKVGELPSETCNDFHPMFFTHDRSFEEFFCICIQLLNKTWKEMRATS
EDFNKVMQVVKEQVMRALTTKPSSLDQFKSKLQNLSYTEILKIRQSERMNQEDFQSRPILELKEKIQPEILELIKQQRLN
RLVEGTCFRKLNARRRQDKFWYCRLSPNHKVLHYGDLEESPQGEVPHDSLQDKLPVADIKAVVTGKDCPHMKEKGALKQN
KEVLELAFSILYDSNCQLNFIAPDKHEYCIWTDGLNALLGKDMMSDLTRNDLDTLLSMEIKLRLLDLENIQIPDAPPPIP
KEPSNYDFVYDCN
;
A
2 'polypeptide(L)'
;GGSGGSMARWIPTKRQKYGVAIYNYNASQDVELSLQIGDTVHILEMYEGWYRGYTLQNKSKKGIFPETYIHLKEATVEDL
GQHETVIPGELPLVQELTSTLREWAVIWRKLYVNNKLTLFRQLQQMTYSLIEWRSQILSGTLPKDELAELKKKVTAKIDH
GNRMLGLDLVVRDDNGNILDPDETSTIALFKAHEVASKRIEEKIQEEKSILQNLDLRGQSIFSTIHTYGLYVNFKNFVCN
IGEDAELFMALYDPDQSTFISENYLIRWGSNGMPKEIEKLNNLQAVFTDLSSMDLIRPRVSLVCQIVRVGHMELKEGKKH
TCGLRRPFGVAVMDITDIIHGKVDDEEKQHFIPFQQIAMETYIRQRQLIMSPLITSHVIGENEPLTSVLNKVIAAKEVNH
KGQGLWVSLKLLPGDLTQVQKNFSHLVDRSTAIARKMGFPEIILPGDVRNDIYVTLIHGEFDKGKKKTPKNVEVTMSVHD
EEGKLLEKAIHPGAGYEGISEYKSVVYYQVKQPCWYETVKVSIAIEEVTRCHIRFTFRHRSSQETRDKSERAFGVAFVKL
MNPDGTTLQDGRHDLVVYKGDNKKMEDAKFYLTLPGTKMEMEEKELQASKNLVTFTPSKDSTKDSFQIATLICSTKLTQN
VDLLGLLNWRSNSQNIKHNLKKLMEVDGGEIVKFLQDTLDALFNIMMEMSDSETYDFLVFDALVFIISLIGDIKFQHFNP
VLETYIYKHFSATLAYVKLSKVLNFYVANADDSSKTELLFAALKALKYLFRFIIQSRVLYLRFYGQSKDGDEFNNSIRQL
FLAFNMLMDRPLEEAVKIKGAALKYLPSIINDVKLVFDPVELSVLFCKFIQSIPDNQLVRQKLNCMTKIVESTLFRQSEC
REVLLPLLTDQLSGQLDDNSNKPDHEASSQLLSNILEVLDRKDVGATAVHIQLIMERLLRRINRTVIGMNRQSPHIGSFV
ACMIALLQQMDDSHYSHYISTFKTRQDIIDFLMETFIMFKDLIGKNVYAKDWMVMNMTQNRVFLRAINQFAEVLTRFFMD
QASFELQLWNNYFHLAVAFLTHESLQLETFSQAKRNKIVKKYGDMRKEIGFRIRDMWYNLGPHKIKFIPSMVGPILEVTL
TPEVELRKATIPIFFDMMQCEFNFSGNGNFHMFENELITKLDQEVEGGRGDEQYKVLLEKLLLEHCRKHKYLSSSGEVFA
LLVSSLLENLLDYRTIIMQDESKENRMSCTVNVLNFYKEKKREDIYIRYLYKLRDLHRDCENYTEAAYTLLLHAELLQWS
DKPCVPHLLQRDSYYVYTQQELKEKLYQEIISYFDKGKMWEKAIKLSKELAETYESKVFDYEGLGNLLKKRASFYENIIK
AMRPQPEYFAVGYYGQGFPSFLRNKIFIYRGKEYERREDFSLRLLTQFPNAEKMTSTTPPGEDIKSSPKQYMQCFTVKPV
MSLPPSYKDKPVPEQILNYYRANEVQQFRYSRPFRKGEKDPDNEFATMWIERTTYTTAYTFPGILKWFEVKQISTEEISP
LENAIETMELTNERISNCVQQHAWDRSLSVHPLSMLLSGIVDPAVMGGFSNYEKAFFTEKYLQEHPEDQEKVELLKRLIA
LQMPLLTEGIRIHGEKLTEQLKPLHERLSSCFRELKEKVEKHYGVITLPPNLTERKQSRTGSIVLPYIMSSTLRRLSITS
VTSSVVSTSSNSSDNAPSRPGSDGSILEPLLERRASSGARVEDLSLREENSENRISKFKRKDWSLSKSQVIAEKAPEPDL
MSPTRKAQRPKSLQLMDNRLSPFHGSSPPQSTPLSPPPLTPKATRTLSSPSLQTDGIAATPVPPPPPPKSKPYEGSQRNS
TELAPPLPVRREAKAPPPPPPKARKSGIPTSEPGSQ
;
B
3 'polypeptide(L)'
;GSSGSSGMQSIKCVVVGDGAVGKTCLLICYTTNAFPKEYIPTVFDNYSAQSAVDGRTVNLNLWDTAGLEEYDRLRTLSYP
QTNVFVICFSIASPPSYENVRHKWHPEVCHHCPDVPILLVGTKKDLRAQPDTLRRLKEQGQAPITPQQGQALAKQIHAVR
YLECSALQQDGVKEVFAEAVRAVLNPTPIKRGRSCILLSGPSSGHHHHHHHHHH
;
C
#
# COMPACT_ATOMS: atom_id res chain seq x y z
N MET A 7 43.90 40.41 -20.27
CA MET A 7 45.27 40.05 -20.62
C MET A 7 45.92 39.24 -19.50
N PRO A 8 45.93 37.92 -19.65
CA PRO A 8 46.54 37.08 -18.64
C PRO A 8 48.04 37.33 -18.57
N PRO A 9 48.63 37.20 -17.38
CA PRO A 9 50.07 37.45 -17.25
C PRO A 9 50.86 36.38 -17.97
N PRO A 10 52.05 36.71 -18.48
CA PRO A 10 52.90 35.68 -19.11
C PRO A 10 53.30 34.62 -18.10
N ALA A 11 53.43 33.38 -18.58
CA ALA A 11 53.77 32.25 -17.74
C ALA A 11 55.13 31.65 -18.06
N ASP A 12 55.99 32.41 -18.75
CA ASP A 12 57.32 31.94 -19.11
C ASP A 12 58.25 31.81 -17.92
N ILE A 13 57.91 32.43 -16.79
CA ILE A 13 58.74 32.37 -15.58
C ILE A 13 57.99 31.57 -14.53
N VAL A 14 58.66 30.55 -14.00
CA VAL A 14 58.11 29.70 -12.94
C VAL A 14 59.19 29.47 -11.90
N LYS A 15 58.75 29.06 -10.71
CA LYS A 15 59.66 28.78 -9.60
C LYS A 15 59.65 27.30 -9.31
N VAL A 16 60.84 26.70 -9.22
CA VAL A 16 60.98 25.28 -8.92
C VAL A 16 62.32 25.07 -8.24
N ALA A 17 62.28 24.43 -7.08
CA ALA A 17 63.48 24.10 -6.33
C ALA A 17 63.81 22.62 -6.56
N ILE A 18 65.07 22.36 -6.92
CA ILE A 18 65.54 21.00 -7.15
C ILE A 18 66.39 20.60 -5.95
N GLU A 19 65.87 19.69 -5.14
CA GLU A 19 66.54 19.29 -3.91
C GLU A 19 67.67 18.31 -4.21
N TRP A 20 68.39 17.95 -3.15
CA TRP A 20 69.38 16.89 -3.16
C TRP A 20 69.21 16.04 -1.90
N PRO A 21 69.60 14.77 -1.96
CA PRO A 21 69.53 13.94 -0.75
C PRO A 21 70.52 14.40 0.31
N GLY A 22 70.02 14.95 1.41
CA GLY A 22 70.87 15.42 2.48
C GLY A 22 71.41 16.83 2.31
N ALA A 23 71.01 17.53 1.25
CA ALA A 23 71.49 18.88 0.98
C ALA A 23 70.32 19.83 0.80
N TYR A 24 70.61 21.13 0.90
CA TYR A 24 69.57 22.16 0.89
C TYR A 24 69.34 22.71 -0.52
N PRO A 25 68.13 23.17 -0.83
CA PRO A 25 67.74 23.34 -2.24
C PRO A 25 68.38 24.55 -2.91
N LYS A 26 68.39 24.48 -4.24
CA LYS A 26 68.79 25.57 -5.10
C LYS A 26 67.74 25.73 -6.19
N LEU A 27 67.48 26.98 -6.58
CA LEU A 27 66.35 27.31 -7.44
C LEU A 27 66.84 27.59 -8.86
N MET A 28 65.99 27.31 -9.84
CA MET A 28 66.25 27.68 -11.23
C MET A 28 64.93 27.81 -11.95
N GLU A 29 64.96 28.55 -13.06
CA GLU A 29 63.82 28.67 -13.96
C GLU A 29 63.94 27.65 -15.08
N ILE A 30 62.93 26.79 -15.21
CA ILE A 30 62.93 25.71 -16.19
C ILE A 30 61.72 25.86 -17.09
N ASP A 31 61.94 25.87 -18.40
CA ASP A 31 60.88 25.93 -19.39
C ASP A 31 60.77 24.56 -20.06
N GLN A 32 59.60 23.93 -19.93
CA GLN A 32 59.44 22.55 -20.41
C GLN A 32 59.22 22.46 -21.92
N LYS A 33 58.89 23.57 -22.58
CA LYS A 33 58.65 23.52 -24.02
C LYS A 33 59.92 23.18 -24.78
N LYS A 34 61.06 23.69 -24.33
CA LYS A 34 62.32 23.40 -24.98
C LYS A 34 62.71 21.93 -24.76
N PRO A 35 63.51 21.36 -25.65
CA PRO A 35 63.93 19.96 -25.48
C PRO A 35 64.71 19.76 -24.18
N LEU A 36 64.64 18.54 -23.66
CA LEU A 36 65.32 18.23 -22.39
C LEU A 36 66.82 18.47 -22.47
N SER A 37 67.39 18.41 -23.67
CA SER A 37 68.81 18.72 -23.82
C SER A 37 69.12 20.15 -23.41
N ALA A 38 68.26 21.10 -23.82
CA ALA A 38 68.46 22.49 -23.42
C ALA A 38 68.30 22.66 -21.91
N ILE A 39 67.33 21.95 -21.31
CA ILE A 39 67.14 22.03 -19.86
C ILE A 39 68.38 21.52 -19.13
N ILE A 40 68.93 20.39 -19.59
CA ILE A 40 70.13 19.84 -18.97
C ILE A 40 71.30 20.81 -19.12
N LYS A 41 71.45 21.38 -20.31
CA LYS A 41 72.54 22.33 -20.53
C LYS A 41 72.42 23.54 -19.62
N GLU A 42 71.21 24.09 -19.47
CA GLU A 42 71.04 25.25 -18.60
C GLU A 42 71.26 24.90 -17.14
N VAL A 43 70.80 23.72 -16.72
CA VAL A 43 71.04 23.29 -15.34
C VAL A 43 72.54 23.17 -15.07
N CYS A 44 73.27 22.53 -15.98
CA CYS A 44 74.71 22.37 -15.79
C CYS A 44 75.43 23.71 -15.82
N ASP A 45 75.00 24.61 -16.70
CA ASP A 45 75.61 25.95 -16.76
C ASP A 45 75.36 26.71 -15.47
N GLY A 46 74.14 26.64 -14.93
CA GLY A 46 73.84 27.34 -13.70
C GLY A 46 74.59 26.79 -12.51
N TRP A 47 74.66 25.46 -12.39
CA TRP A 47 75.34 24.83 -11.26
C TRP A 47 76.81 24.53 -11.54
N SER A 48 77.33 24.91 -12.70
CA SER A 48 78.75 24.72 -13.04
C SER A 48 79.15 23.25 -12.91
N LEU A 49 78.33 22.36 -13.44
CA LEU A 49 78.55 20.93 -13.37
C LEU A 49 78.94 20.39 -14.74
N ALA A 50 80.02 19.60 -14.78
CA ALA A 50 80.46 18.97 -16.00
C ALA A 50 79.74 17.63 -16.20
N ASN A 51 79.97 17.01 -17.36
CA ASN A 51 79.39 15.72 -17.70
C ASN A 51 77.86 15.77 -17.64
N HIS A 52 77.29 16.58 -18.54
CA HIS A 52 75.85 16.79 -18.56
C HIS A 52 75.08 15.51 -18.87
N GLU A 53 75.75 14.48 -19.40
CA GLU A 53 75.08 13.24 -19.74
C GLU A 53 74.95 12.28 -18.57
N TYR A 54 75.46 12.64 -17.39
CA TYR A 54 75.43 11.78 -16.23
C TYR A 54 74.41 12.23 -15.18
N PHE A 55 73.48 13.11 -15.55
CA PHE A 55 72.41 13.54 -14.66
C PHE A 55 71.10 13.58 -15.45
N ALA A 56 69.99 13.42 -14.74
CA ALA A 56 68.67 13.45 -15.36
C ALA A 56 67.68 14.03 -14.35
N LEU A 57 66.40 14.01 -14.72
CA LEU A 57 65.34 14.61 -13.93
C LEU A 57 64.30 13.56 -13.55
N GLN A 58 63.91 13.58 -12.28
CA GLN A 58 62.88 12.67 -11.79
C GLN A 58 62.05 13.39 -10.74
N HIS A 59 60.84 12.89 -10.52
CA HIS A 59 59.88 13.52 -9.63
C HIS A 59 60.02 12.95 -8.22
N ALA A 60 60.13 13.83 -7.23
CA ALA A 60 60.25 13.42 -5.84
C ALA A 60 58.90 13.42 -5.12
N ASP A 61 57.80 13.37 -5.86
CA ASP A 61 56.47 13.23 -5.27
C ASP A 61 56.23 11.75 -4.97
N SER A 62 54.97 11.40 -4.70
CA SER A 62 54.63 10.01 -4.43
C SER A 62 54.91 9.11 -5.63
N SER A 63 54.84 9.66 -6.84
CA SER A 63 55.07 8.85 -8.03
C SER A 63 56.49 8.32 -8.09
N ASN A 64 57.47 9.16 -7.75
CA ASN A 64 58.90 8.79 -7.79
C ASN A 64 59.31 8.33 -9.19
N PHE A 65 58.84 9.05 -10.21
CA PHE A 65 59.14 8.73 -11.60
C PHE A 65 60.01 9.83 -12.21
N TYR A 66 60.54 9.54 -13.40
CA TYR A 66 61.33 10.50 -14.15
C TYR A 66 60.44 11.32 -15.08
N ILE A 67 61.00 12.39 -15.60
CA ILE A 67 60.26 13.29 -16.50
C ILE A 67 60.15 12.64 -17.87
N THR A 68 58.92 12.54 -18.38
CA THR A 68 58.64 11.98 -19.69
C THR A 68 57.95 13.02 -20.56
N GLU A 69 58.11 12.88 -21.88
CA GLU A 69 57.46 13.79 -22.80
C GLU A 69 55.93 13.64 -22.75
N LYS A 70 55.44 12.49 -22.30
CA LYS A 70 54.01 12.24 -22.26
C LYS A 70 53.36 12.69 -20.97
N ASN A 71 54.08 12.65 -19.84
CA ASN A 71 53.50 12.92 -18.53
C ASN A 71 54.38 13.87 -17.74
N ARG A 72 54.82 14.95 -18.38
CA ARG A 72 55.52 16.03 -17.69
C ARG A 72 54.58 17.14 -17.24
N ASN A 73 53.27 16.98 -17.45
CA ASN A 73 52.30 17.99 -17.07
C ASN A 73 52.05 18.04 -15.56
N GLU A 74 52.48 17.02 -14.81
CA GLU A 74 52.35 17.05 -13.36
C GLU A 74 53.28 18.07 -12.72
N ILE A 75 54.22 18.62 -13.47
CA ILE A 75 55.12 19.64 -12.94
C ILE A 75 54.31 20.88 -12.60
N LYS A 76 54.22 21.19 -11.30
CA LYS A 76 53.50 22.35 -10.81
C LYS A 76 54.38 23.10 -9.82
N ASN A 77 54.18 24.41 -9.76
CA ASN A 77 54.98 25.25 -8.87
C ASN A 77 54.81 24.81 -7.42
N GLY A 78 55.93 24.74 -6.71
CA GLY A 78 55.91 24.40 -5.29
C GLY A 78 55.77 22.93 -5.00
N THR A 79 56.66 22.09 -5.52
CA THR A 79 56.66 20.66 -5.26
C THR A 79 58.07 20.20 -4.88
N ILE A 80 58.14 19.23 -3.97
CA ILE A 80 59.43 18.67 -3.57
C ILE A 80 60.02 17.90 -4.73
N LEU A 81 61.27 18.24 -5.11
CA LEU A 81 61.95 17.61 -6.22
C LEU A 81 63.43 17.49 -5.90
N ARG A 82 63.90 16.26 -5.68
CA ARG A 82 65.29 16.03 -5.31
C ARG A 82 66.03 15.34 -6.45
N LEU A 83 67.28 15.73 -6.66
CA LEU A 83 68.05 15.26 -7.80
C LEU A 83 68.53 13.83 -7.61
N THR A 84 68.58 13.08 -8.70
CA THR A 84 69.13 11.73 -8.74
C THR A 84 70.14 11.63 -9.87
N THR A 85 70.88 10.53 -9.88
CA THR A 85 71.81 10.27 -10.97
C THR A 85 71.05 9.84 -12.22
N SER A 86 71.74 9.87 -13.36
CA SER A 86 71.13 9.52 -14.62
C SER A 86 70.70 8.06 -14.63
N PRO A 87 69.58 7.73 -15.28
CA PRO A 87 69.12 6.34 -15.31
C PRO A 87 70.11 5.38 -15.95
N ALA A 88 70.92 5.85 -16.91
CA ALA A 88 71.95 4.99 -17.47
C ALA A 88 72.96 4.59 -16.41
N GLN A 89 73.39 5.55 -15.58
CA GLN A 89 74.30 5.22 -14.48
C GLN A 89 73.62 4.32 -13.45
N ASN A 90 72.32 4.53 -13.22
CA ASN A 90 71.59 3.66 -12.31
C ASN A 90 71.58 2.22 -12.82
N ALA A 91 71.31 2.04 -14.12
CA ALA A 91 71.33 0.70 -14.69
C ALA A 91 72.73 0.10 -14.64
N GLN A 92 73.76 0.91 -14.90
CA GLN A 92 75.12 0.41 -14.84
C GLN A 92 75.50 -0.06 -13.43
N GLN A 93 75.15 0.73 -12.41
CA GLN A 93 75.48 0.33 -11.04
C GLN A 93 74.64 -0.86 -10.59
N LEU A 94 73.38 -0.95 -11.02
CA LEU A 94 72.59 -2.14 -10.72
C LEU A 94 73.20 -3.37 -11.36
N HIS A 95 73.67 -3.26 -12.60
CA HIS A 95 74.31 -4.39 -13.27
C HIS A 95 75.59 -4.79 -12.54
N GLU A 96 76.37 -3.80 -12.10
CA GLU A 96 77.59 -4.11 -11.35
C GLU A 96 77.28 -4.79 -10.03
N ARG A 97 76.24 -4.33 -9.33
CA ARG A 97 75.90 -4.86 -8.01
C ARG A 97 75.06 -6.13 -8.06
N ILE A 98 74.60 -6.54 -9.25
CA ILE A 98 73.86 -7.80 -9.34
C ILE A 98 74.74 -8.97 -8.94
N GLN A 99 75.99 -8.99 -9.41
CA GLN A 99 76.95 -10.04 -9.08
C GLN A 99 78.01 -9.56 -8.09
N SER A 100 77.63 -8.67 -7.17
CA SER A 100 78.57 -8.14 -6.19
C SER A 100 78.83 -9.18 -5.10
N SER A 101 79.63 -8.78 -4.12
CA SER A 101 80.00 -9.66 -3.01
C SER A 101 79.22 -9.38 -1.73
N SER A 102 78.26 -8.45 -1.76
CA SER A 102 77.48 -8.09 -0.59
C SER A 102 76.02 -8.47 -0.79
N MET A 103 75.47 -9.25 0.14
CA MET A 103 74.08 -9.67 0.02
C MET A 103 73.11 -8.53 0.35
N ASP A 104 73.48 -7.67 1.31
CA ASP A 104 72.65 -6.51 1.62
C ASP A 104 72.57 -5.57 0.41
N ALA A 105 73.69 -5.38 -0.28
CA ALA A 105 73.69 -4.56 -1.49
C ALA A 105 72.78 -5.16 -2.55
N LYS A 106 72.84 -6.49 -2.74
CA LYS A 106 71.95 -7.14 -3.68
C LYS A 106 70.49 -6.94 -3.29
N LEU A 107 70.18 -7.09 -2.00
CA LEU A 107 68.81 -6.94 -1.53
C LEU A 107 68.28 -5.54 -1.81
N GLU A 108 69.05 -4.52 -1.43
CA GLU A 108 68.59 -3.14 -1.63
C GLU A 108 68.51 -2.80 -3.11
N ALA A 109 69.47 -3.27 -3.91
CA ALA A 109 69.46 -2.98 -5.34
C ALA A 109 68.24 -3.61 -6.02
N LEU A 110 67.95 -4.87 -5.70
CA LEU A 110 66.77 -5.51 -6.30
C LEU A 110 65.49 -4.90 -5.79
N LYS A 111 65.44 -4.48 -4.52
CA LYS A 111 64.27 -3.79 -4.01
C LYS A 111 64.02 -2.50 -4.76
N ASP A 112 65.07 -1.70 -4.97
CA ASP A 112 64.92 -0.46 -5.74
C ASP A 112 64.53 -0.74 -7.18
N LEU A 113 65.13 -1.78 -7.78
CA LEU A 113 64.81 -2.14 -9.16
C LEU A 113 63.33 -2.51 -9.30
N ALA A 114 62.81 -3.30 -8.36
CA ALA A 114 61.40 -3.67 -8.43
C ALA A 114 60.48 -2.49 -8.14
N SER A 115 60.85 -1.65 -7.17
CA SER A 115 60.01 -0.50 -6.85
C SER A 115 59.95 0.50 -8.02
N LEU A 116 61.06 0.69 -8.71
CA LEU A 116 61.14 1.66 -9.82
C LEU A 116 61.01 0.99 -11.18
N SER A 117 60.17 -0.06 -11.18
CA SER A 117 59.89 -0.83 -12.41
C SER A 117 58.52 -0.42 -12.92
N ARG A 118 58.31 0.88 -13.09
CA ARG A 118 57.03 1.36 -13.59
C ARG A 118 57.16 2.26 -14.82
N ASP A 119 58.27 2.16 -15.55
CA ASP A 119 58.48 2.94 -16.76
C ASP A 119 58.61 2.01 -17.95
N VAL A 120 58.21 2.49 -19.12
CA VAL A 120 58.27 1.70 -20.35
C VAL A 120 59.55 1.99 -21.13
N THR A 121 59.80 3.27 -21.46
CA THR A 121 60.95 3.61 -22.28
C THR A 121 62.26 3.30 -21.55
N PHE A 122 62.33 3.57 -20.25
CA PHE A 122 63.49 3.17 -19.48
C PHE A 122 63.62 1.66 -19.42
N ALA A 123 62.51 0.94 -19.39
CA ALA A 123 62.56 -0.51 -19.51
C ALA A 123 63.13 -0.93 -20.86
N GLN A 124 62.77 -0.21 -21.93
CA GLN A 124 63.36 -0.47 -23.23
C GLN A 124 64.87 -0.28 -23.18
N GLU A 125 65.32 0.82 -22.57
CA GLU A 125 66.75 1.10 -22.49
C GLU A 125 67.48 0.02 -21.70
N PHE A 126 66.90 -0.41 -20.58
CA PHE A 126 67.54 -1.43 -19.76
C PHE A 126 67.59 -2.78 -20.48
N ILE A 127 66.49 -3.15 -21.17
CA ILE A 127 66.48 -4.40 -21.92
C ILE A 127 67.47 -4.34 -23.07
N ASN A 128 67.73 -3.14 -23.62
CA ASN A 128 68.76 -3.00 -24.64
C ASN A 128 70.13 -3.40 -24.12
N LEU A 129 70.34 -3.44 -22.80
CA LEU A 129 71.58 -3.88 -22.20
C LEU A 129 71.61 -5.38 -21.92
N ASP A 130 70.81 -6.16 -22.65
CA ASP A 130 70.73 -7.61 -22.47
C ASP A 130 70.34 -7.98 -21.04
N GLY A 131 69.45 -7.17 -20.44
CA GLY A 131 69.00 -7.46 -19.09
C GLY A 131 68.17 -8.73 -19.01
N ILE A 132 67.26 -8.92 -19.96
CA ILE A 132 66.39 -10.10 -19.95
C ILE A 132 67.21 -11.37 -20.14
N SER A 133 68.17 -11.34 -21.07
CA SER A 133 69.01 -12.51 -21.30
C SER A 133 69.83 -12.85 -20.07
N LEU A 134 70.40 -11.84 -19.41
CA LEU A 134 71.18 -12.08 -18.20
C LEU A 134 70.31 -12.63 -17.08
N LEU A 135 69.08 -12.10 -16.95
CA LEU A 135 68.17 -12.62 -15.93
C LEU A 135 67.82 -14.07 -16.21
N THR A 136 67.54 -14.42 -17.47
CA THR A 136 67.25 -15.80 -17.80
C THR A 136 68.43 -16.71 -17.52
N GLN A 137 69.65 -16.26 -17.88
CA GLN A 137 70.84 -17.07 -17.64
C GLN A 137 71.08 -17.28 -16.15
N MET A 138 70.92 -16.23 -15.34
CA MET A 138 71.17 -16.38 -13.90
C MET A 138 70.08 -17.19 -13.22
N VAL A 139 68.85 -17.16 -13.74
CA VAL A 139 67.80 -18.01 -13.20
C VAL A 139 68.07 -19.47 -13.55
N GLU A 140 68.43 -19.74 -14.81
CA GLU A 140 68.69 -21.12 -15.21
C GLU A 140 69.91 -21.69 -14.49
N SER A 141 70.98 -20.91 -14.34
CA SER A 141 72.16 -21.35 -13.64
C SER A 141 72.03 -21.25 -12.13
N GLY A 142 71.04 -20.53 -11.63
CA GLY A 142 70.78 -20.40 -10.21
C GLY A 142 69.85 -21.44 -9.63
N THR A 143 69.48 -22.45 -10.42
CA THR A 143 68.58 -23.49 -9.91
C THR A 143 69.23 -24.26 -8.76
N GLU A 144 70.48 -24.68 -8.94
CA GLU A 144 71.21 -25.41 -7.91
C GLU A 144 72.08 -24.50 -7.04
N ARG A 145 72.20 -23.22 -7.38
CA ARG A 145 73.06 -22.33 -6.61
C ARG A 145 72.44 -21.96 -5.29
N TYR A 146 71.13 -21.67 -5.27
CA TYR A 146 70.46 -21.23 -4.06
C TYR A 146 70.00 -22.39 -3.17
N GLN A 147 70.14 -23.64 -3.62
CA GLN A 147 69.67 -24.77 -2.82
C GLN A 147 70.47 -24.90 -1.53
N LYS A 148 71.78 -24.66 -1.59
CA LYS A 148 72.61 -24.78 -0.40
C LYS A 148 72.21 -23.76 0.66
N LEU A 149 71.90 -22.53 0.24
CA LEU A 149 71.52 -21.46 1.14
C LEU A 149 70.01 -21.26 1.22
N GLN A 150 69.22 -22.16 0.63
CA GLN A 150 67.77 -22.03 0.70
C GLN A 150 67.27 -22.17 2.13
N LYS A 151 67.70 -23.23 2.81
CA LYS A 151 67.29 -23.44 4.20
C LYS A 151 67.82 -22.36 5.13
N ILE A 152 68.76 -21.54 4.68
CA ILE A 152 69.32 -20.47 5.51
C ILE A 152 68.58 -19.16 5.27
N MET A 153 68.31 -18.80 4.02
CA MET A 153 67.72 -17.51 3.70
C MET A 153 66.52 -17.66 2.77
N LYS A 154 65.63 -18.61 3.09
CA LYS A 154 64.37 -18.71 2.37
C LYS A 154 63.53 -17.43 2.40
N PRO A 155 63.38 -16.71 3.53
CA PRO A 155 62.54 -15.49 3.48
C PRO A 155 63.07 -14.43 2.53
N CYS A 156 64.35 -14.07 2.64
CA CYS A 156 64.90 -13.03 1.77
C CYS A 156 64.89 -13.46 0.31
N PHE A 157 65.25 -14.72 0.04
CA PHE A 157 65.22 -15.22 -1.34
C PHE A 157 63.81 -15.21 -1.89
N GLY A 158 62.83 -15.58 -1.07
CA GLY A 158 61.44 -15.54 -1.53
C GLY A 158 60.95 -14.13 -1.80
N ASP A 159 61.36 -13.18 -0.96
CA ASP A 159 60.98 -11.79 -1.20
C ASP A 159 61.61 -11.27 -2.50
N MET A 160 62.88 -11.59 -2.73
CA MET A 160 63.52 -11.19 -3.98
C MET A 160 62.85 -11.85 -5.17
N LEU A 161 62.46 -13.12 -5.04
CA LEU A 161 61.73 -13.80 -6.10
C LEU A 161 60.40 -13.13 -6.36
N SER A 162 59.70 -12.70 -5.30
CA SER A 162 58.44 -12.00 -5.47
C SER A 162 58.63 -10.68 -6.21
N PHE A 163 59.70 -9.94 -5.86
CA PHE A 163 59.99 -8.70 -6.57
C PHE A 163 60.29 -8.95 -8.05
N THR A 164 61.10 -9.97 -8.33
CA THR A 164 61.43 -10.29 -9.72
C THR A 164 60.19 -10.74 -10.49
N LEU A 165 59.30 -11.49 -9.83
CA LEU A 165 58.06 -11.91 -10.49
C LEU A 165 57.15 -10.73 -10.75
N THR A 166 57.10 -9.76 -9.84
CA THR A 166 56.34 -8.54 -10.09
C THR A 166 56.90 -7.79 -11.29
N ALA A 167 58.23 -7.71 -11.38
CA ALA A 167 58.85 -7.08 -12.55
C ALA A 167 58.50 -7.84 -13.83
N PHE A 168 58.52 -9.18 -13.76
CA PHE A 168 58.13 -10.00 -14.91
C PHE A 168 56.69 -9.73 -15.33
N VAL A 169 55.79 -9.65 -14.34
CA VAL A 169 54.37 -9.43 -14.63
C VAL A 169 54.17 -8.07 -15.29
N GLU A 170 54.82 -7.02 -14.77
CA GLU A 170 54.62 -5.71 -15.37
C GLU A 170 55.28 -5.62 -16.75
N LEU A 171 56.41 -6.28 -16.96
CA LEU A 171 57.01 -6.33 -18.29
C LEU A 171 56.10 -7.03 -19.28
N MET A 172 55.49 -8.14 -18.87
CA MET A 172 54.54 -8.83 -19.73
C MET A 172 53.33 -7.96 -20.02
N ASP A 173 52.86 -7.21 -19.02
CA ASP A 173 51.74 -6.30 -19.22
C ASP A 173 52.09 -5.23 -20.26
N HIS A 174 53.30 -4.68 -20.18
CA HIS A 174 53.76 -3.78 -21.24
C HIS A 174 54.12 -4.54 -22.51
N GLY A 175 54.28 -5.86 -22.43
CA GLY A 175 54.57 -6.66 -23.60
C GLY A 175 55.91 -6.40 -24.24
N ILE A 176 56.85 -5.82 -23.49
CA ILE A 176 58.17 -5.53 -24.05
C ILE A 176 58.90 -6.82 -24.38
N VAL A 177 58.77 -7.83 -23.54
CA VAL A 177 59.35 -9.14 -23.85
C VAL A 177 58.52 -9.81 -24.93
N SER A 178 59.21 -10.50 -25.84
CA SER A 178 58.54 -11.14 -26.97
C SER A 178 57.78 -12.39 -26.51
N TRP A 179 56.76 -12.76 -27.29
CA TRP A 179 55.95 -13.93 -26.95
C TRP A 179 56.75 -15.22 -27.06
N ASP A 180 57.50 -15.40 -28.15
CA ASP A 180 58.23 -16.63 -28.37
C ASP A 180 59.42 -16.78 -27.43
N THR A 181 59.89 -15.69 -26.83
CA THR A 181 61.01 -15.78 -25.90
C THR A 181 60.68 -16.59 -24.66
N PHE A 182 59.41 -16.84 -24.39
CA PHE A 182 59.03 -17.69 -23.28
C PHE A 182 59.53 -19.11 -23.49
N SER A 183 60.07 -19.70 -22.44
CA SER A 183 60.58 -21.06 -22.47
C SER A 183 59.93 -21.89 -21.37
N VAL A 184 60.10 -23.22 -21.47
CA VAL A 184 59.52 -24.13 -20.49
C VAL A 184 60.16 -24.00 -19.12
N ALA A 185 61.32 -23.35 -19.03
CA ALA A 185 62.00 -23.21 -17.74
C ALA A 185 61.18 -22.41 -16.75
N PHE A 186 60.52 -21.34 -17.22
CA PHE A 186 59.69 -20.53 -16.33
C PHE A 186 58.52 -21.34 -15.77
N ILE A 187 57.84 -22.09 -16.62
CA ILE A 187 56.71 -22.91 -16.16
C ILE A 187 57.19 -23.99 -15.21
N LYS A 188 58.34 -24.61 -15.52
CA LYS A 188 58.88 -25.64 -14.63
C LYS A 188 59.24 -25.05 -13.27
N LYS A 189 59.82 -23.86 -13.25
CA LYS A 189 60.18 -23.21 -11.99
C LYS A 189 58.93 -22.87 -11.18
N ILE A 190 57.89 -22.37 -11.84
CA ILE A 190 56.65 -22.06 -11.14
C ILE A 190 56.02 -23.33 -10.59
N ALA A 191 56.05 -24.43 -11.36
CA ALA A 191 55.52 -25.69 -10.89
C ALA A 191 56.31 -26.21 -9.68
N SER A 192 57.64 -26.05 -9.71
CA SER A 192 58.45 -26.44 -8.56
C SER A 192 58.10 -25.61 -7.34
N PHE A 193 57.85 -24.31 -7.54
CA PHE A 193 57.43 -23.46 -6.44
C PHE A 193 56.10 -23.92 -5.85
N VAL A 194 55.16 -24.28 -6.72
CA VAL A 194 53.84 -24.72 -6.25
C VAL A 194 53.95 -26.05 -5.51
N ASN A 195 54.75 -26.98 -6.03
CA ASN A 195 54.82 -28.32 -5.46
C ASN A 195 55.38 -28.33 -4.04
N LYS A 196 56.18 -27.32 -3.67
CA LYS A 196 56.73 -27.27 -2.32
C LYS A 196 55.61 -27.09 -1.30
N SER A 197 55.67 -27.88 -0.23
CA SER A 197 54.63 -27.85 0.80
C SER A 197 54.93 -26.88 1.93
N ALA A 198 56.05 -26.15 1.86
CA ALA A 198 56.44 -25.21 2.91
C ALA A 198 56.48 -23.77 2.39
N ILE A 199 55.56 -23.42 1.50
CA ILE A 199 55.50 -22.08 0.92
C ILE A 199 54.49 -21.26 1.70
N ASP A 200 54.69 -19.94 1.71
CA ASP A 200 53.78 -19.03 2.39
C ASP A 200 52.57 -18.74 1.52
N ILE A 201 51.59 -18.06 2.12
CA ILE A 201 50.34 -17.77 1.40
C ILE A 201 50.59 -16.84 0.23
N SER A 202 51.51 -15.88 0.40
CA SER A 202 51.80 -14.92 -0.68
C SER A 202 52.39 -15.62 -1.89
N ILE A 203 53.29 -16.57 -1.67
CA ILE A 203 53.92 -17.29 -2.78
C ILE A 203 52.88 -18.05 -3.60
N LEU A 204 51.92 -18.67 -2.91
CA LEU A 204 50.86 -19.39 -3.60
C LEU A 204 50.02 -18.43 -4.44
N GLN A 205 49.70 -17.25 -3.90
CA GLN A 205 48.93 -16.27 -4.65
C GLN A 205 49.68 -15.80 -5.89
N ARG A 206 50.98 -15.53 -5.75
CA ARG A 206 51.78 -15.10 -6.90
C ARG A 206 51.86 -16.20 -7.94
N SER A 207 52.03 -17.45 -7.50
CA SER A 207 52.11 -18.57 -8.45
C SER A 207 50.79 -18.73 -9.21
N LEU A 208 49.66 -18.62 -8.52
CA LEU A 208 48.38 -18.73 -9.19
C LEU A 208 48.14 -17.55 -10.14
N ALA A 209 48.62 -16.37 -9.78
CA ALA A 209 48.56 -15.24 -10.70
C ALA A 209 49.37 -15.50 -11.96
N ILE A 210 50.56 -16.07 -11.79
CA ILE A 210 51.37 -16.44 -12.96
C ILE A 210 50.65 -17.48 -13.80
N LEU A 211 50.00 -18.44 -13.15
CA LEU A 211 49.26 -19.48 -13.88
C LEU A 211 48.11 -18.88 -14.68
N GLU A 212 47.36 -17.96 -14.08
CA GLU A 212 46.23 -17.38 -14.80
C GLU A 212 46.71 -16.47 -15.93
N SER A 213 47.84 -15.79 -15.74
CA SER A 213 48.45 -15.04 -16.84
C SER A 213 48.84 -15.98 -17.97
N MET A 214 49.44 -17.13 -17.64
CA MET A 214 49.82 -18.10 -18.65
C MET A 214 48.60 -18.61 -19.42
N VAL A 215 47.50 -18.86 -18.70
CA VAL A 215 46.27 -19.30 -19.36
C VAL A 215 45.74 -18.21 -20.28
N LEU A 216 45.75 -16.96 -19.81
CA LEU A 216 45.29 -15.85 -20.64
C LEU A 216 46.15 -15.64 -21.89
N ASN A 217 47.43 -16.03 -21.84
CA ASN A 217 48.31 -15.79 -22.98
C ASN A 217 47.95 -16.68 -24.16
N SER A 218 48.01 -18.00 -23.97
CA SER A 218 47.80 -18.94 -25.07
C SER A 218 46.97 -20.11 -24.56
N HIS A 219 46.90 -21.18 -25.36
CA HIS A 219 46.05 -22.33 -25.06
C HIS A 219 46.80 -23.60 -24.74
N ASP A 220 47.90 -23.89 -25.45
CA ASP A 220 48.63 -25.13 -25.19
C ASP A 220 49.29 -25.11 -23.82
N LEU A 221 49.78 -23.95 -23.38
CA LEU A 221 50.32 -23.83 -22.03
C LEU A 221 49.21 -24.03 -21.00
N TYR A 222 47.99 -23.62 -21.32
CA TYR A 222 46.86 -23.91 -20.45
C TYR A 222 46.64 -25.41 -20.33
N GLN A 223 46.76 -26.14 -21.44
CA GLN A 223 46.68 -27.60 -21.37
C GLN A 223 47.80 -28.17 -20.52
N LYS A 224 49.01 -27.63 -20.67
CA LYS A 224 50.14 -28.12 -19.89
C LYS A 224 49.91 -27.93 -18.39
N VAL A 225 49.44 -26.75 -17.98
CA VAL A 225 49.21 -26.51 -16.57
C VAL A 225 48.02 -27.34 -16.06
N ALA A 226 46.98 -27.50 -16.90
CA ALA A 226 45.83 -28.27 -16.49
C ALA A 226 46.17 -29.76 -16.34
N GLN A 227 47.18 -30.24 -17.07
CA GLN A 227 47.62 -31.62 -16.87
C GLN A 227 48.16 -31.84 -15.46
N GLU A 228 48.55 -30.78 -14.75
CA GLU A 228 49.02 -30.87 -13.38
C GLU A 228 48.10 -30.12 -12.42
N ILE A 229 46.81 -30.06 -12.75
CA ILE A 229 45.81 -29.40 -11.91
C ILE A 229 44.81 -30.45 -11.47
N THR A 230 44.60 -30.55 -10.16
CA THR A 230 43.64 -31.47 -9.58
C THR A 230 42.62 -30.71 -8.75
N ILE A 231 41.37 -31.19 -8.76
CA ILE A 231 40.32 -30.54 -8.00
C ILE A 231 40.55 -30.66 -6.50
N GLY A 232 41.35 -31.64 -6.07
CA GLY A 232 41.61 -31.87 -4.66
C GLY A 232 42.64 -30.98 -4.01
N GLN A 233 43.29 -30.09 -4.77
CA GLN A 233 44.28 -29.18 -4.21
C GLN A 233 43.82 -27.74 -4.16
N LEU A 234 42.87 -27.34 -5.00
CA LEU A 234 42.33 -25.98 -4.97
C LEU A 234 41.20 -25.82 -3.95
N ILE A 235 40.68 -26.92 -3.42
CA ILE A 235 39.66 -26.87 -2.36
C ILE A 235 40.29 -26.51 -1.02
N PRO A 236 41.46 -27.06 -0.65
CA PRO A 236 42.11 -26.58 0.59
C PRO A 236 42.43 -25.10 0.57
N HIS A 237 42.62 -24.51 -0.61
CA HIS A 237 42.82 -23.06 -0.69
C HIS A 237 41.59 -22.31 -0.20
N LEU A 238 40.40 -22.89 -0.41
CA LEU A 238 39.17 -22.27 0.09
C LEU A 238 39.11 -22.28 1.60
N GLN A 239 39.80 -23.22 2.26
CA GLN A 239 39.78 -23.28 3.71
C GLN A 239 40.38 -22.03 4.34
N GLY A 240 41.33 -21.39 3.65
CA GLY A 240 41.89 -20.14 4.12
C GLY A 240 40.86 -19.04 4.25
N SER A 241 40.89 -18.32 5.38
CA SER A 241 39.91 -17.26 5.62
C SER A 241 40.18 -16.01 4.80
N ASP A 242 41.35 -15.90 4.19
CA ASP A 242 41.66 -14.71 3.39
C ASP A 242 40.77 -14.65 2.15
N GLN A 243 40.24 -13.45 1.89
CA GLN A 243 39.41 -13.25 0.71
C GLN A 243 40.24 -13.13 -0.57
N GLU A 244 41.46 -12.59 -0.46
CA GLU A 244 42.29 -12.39 -1.65
C GLU A 244 42.68 -13.70 -2.29
N ILE A 245 43.07 -14.70 -1.50
CA ILE A 245 43.42 -16.00 -2.06
C ILE A 245 42.20 -16.67 -2.68
N GLN A 246 41.03 -16.48 -2.07
CA GLN A 246 39.81 -17.01 -2.66
C GLN A 246 39.52 -16.38 -4.02
N THR A 247 39.69 -15.06 -4.11
CA THR A 247 39.51 -14.38 -5.39
C THR A 247 40.50 -14.90 -6.44
N TYR A 248 41.76 -15.09 -6.04
CA TYR A 248 42.76 -15.60 -6.97
C TYR A 248 42.42 -17.00 -7.46
N THR A 249 42.00 -17.88 -6.54
CA THR A 249 41.64 -19.23 -6.93
C THR A 249 40.43 -19.25 -7.85
N ILE A 250 39.42 -18.43 -7.55
CA ILE A 250 38.25 -18.37 -8.42
C ILE A 250 38.62 -17.83 -9.79
N ALA A 251 39.51 -16.84 -9.84
CA ALA A 251 39.96 -16.30 -11.12
C ALA A 251 40.69 -17.36 -11.94
N VAL A 252 41.54 -18.16 -11.29
CA VAL A 252 42.22 -19.24 -12.00
C VAL A 252 41.22 -20.28 -12.48
N ILE A 253 40.19 -20.57 -11.67
CA ILE A 253 39.15 -21.50 -12.09
C ILE A 253 38.43 -20.99 -13.32
N ASN A 254 38.11 -19.69 -13.33
CA ASN A 254 37.49 -19.09 -14.52
C ASN A 254 38.41 -19.18 -15.72
N ALA A 255 39.72 -18.98 -15.50
CA ALA A 255 40.69 -19.16 -16.57
C ALA A 255 40.66 -20.59 -17.11
N LEU A 256 40.38 -21.56 -16.25
CA LEU A 256 40.25 -22.94 -16.72
C LEU A 256 39.09 -23.11 -17.69
N PHE A 257 38.08 -22.24 -17.59
CA PHE A 257 36.89 -22.31 -18.43
C PHE A 257 36.93 -21.32 -19.59
N LEU A 258 38.07 -20.67 -19.84
CA LEU A 258 38.14 -19.60 -20.82
C LEU A 258 38.28 -20.11 -22.25
N LYS A 259 39.34 -20.86 -22.54
CA LYS A 259 39.67 -21.26 -23.90
C LYS A 259 39.81 -22.77 -24.00
N ALA A 260 38.82 -23.49 -23.46
CA ALA A 260 38.78 -24.93 -23.48
C ALA A 260 37.59 -25.42 -24.30
N PRO A 261 37.67 -26.63 -24.87
CA PRO A 261 36.52 -27.17 -25.60
C PRO A 261 35.32 -27.36 -24.69
N ASP A 262 34.12 -27.21 -25.28
CA ASP A 262 32.89 -27.31 -24.52
C ASP A 262 32.71 -28.70 -23.90
N GLU A 263 33.19 -29.75 -24.57
CA GLU A 263 33.10 -31.08 -24.01
C GLU A 263 33.89 -31.19 -22.71
N ARG A 264 35.12 -30.66 -22.70
CA ARG A 264 35.88 -30.65 -21.45
C ARG A 264 35.28 -29.70 -20.43
N ARG A 265 34.61 -28.64 -20.89
CA ARG A 265 33.86 -27.78 -19.98
C ARG A 265 32.79 -28.59 -19.23
N GLN A 266 32.03 -29.40 -19.98
CA GLN A 266 31.02 -30.25 -19.35
C GLN A 266 31.66 -31.28 -18.44
N GLU A 267 32.80 -31.84 -18.85
CA GLU A 267 33.49 -32.83 -18.02
C GLU A 267 33.90 -32.24 -16.68
N MET A 268 34.54 -31.07 -16.70
CA MET A 268 34.98 -30.48 -15.43
C MET A 268 33.81 -29.93 -14.63
N ALA A 269 32.72 -29.53 -15.30
CA ALA A 269 31.51 -29.16 -14.57
C ALA A 269 30.93 -30.36 -13.83
N ASN A 270 30.93 -31.52 -14.48
CA ASN A 270 30.47 -32.74 -13.82
C ASN A 270 31.40 -33.12 -12.66
N ILE A 271 32.70 -32.89 -12.83
CA ILE A 271 33.65 -33.15 -11.75
C ILE A 271 33.36 -32.24 -10.56
N LEU A 272 33.11 -30.95 -10.83
CA LEU A 272 32.77 -30.02 -9.77
C LEU A 272 31.48 -30.42 -9.07
N ALA A 273 30.48 -30.86 -9.85
CA ALA A 273 29.21 -31.29 -9.27
C ALA A 273 29.39 -32.52 -8.39
N GLN A 274 30.18 -33.50 -8.85
CA GLN A 274 30.40 -34.69 -8.03
C GLN A 274 31.24 -34.39 -6.80
N LYS A 275 32.07 -33.34 -6.86
CA LYS A 275 32.78 -32.90 -5.66
C LYS A 275 31.96 -31.95 -4.80
N GLN A 276 30.82 -31.48 -5.30
CA GLN A 276 29.93 -30.57 -4.58
C GLN A 276 30.67 -29.32 -4.13
N LEU A 277 31.22 -28.61 -5.11
CA LEU A 277 32.01 -27.42 -4.82
C LEU A 277 31.14 -26.29 -4.28
N ARG A 278 29.91 -26.16 -4.79
CA ARG A 278 29.08 -25.02 -4.39
C ARG A 278 28.69 -25.10 -2.92
N SER A 279 28.56 -26.31 -2.37
CA SER A 279 28.20 -26.44 -0.96
C SER A 279 29.31 -25.89 -0.06
N ILE A 280 30.55 -26.31 -0.32
CA ILE A 280 31.67 -25.83 0.50
C ILE A 280 31.92 -24.35 0.23
N ILE A 281 31.66 -23.89 -1.01
CA ILE A 281 31.76 -22.46 -1.30
C ILE A 281 30.77 -21.67 -0.45
N LEU A 282 29.52 -22.13 -0.39
CA LEU A 282 28.52 -21.45 0.43
C LEU A 282 28.90 -21.49 1.91
N THR A 283 29.40 -22.63 2.39
CA THR A 283 29.76 -22.73 3.79
C THR A 283 31.08 -22.04 4.12
N HIS A 284 31.82 -21.55 3.12
CA HIS A 284 33.09 -20.90 3.35
C HIS A 284 33.06 -19.39 3.07
N VAL A 285 32.66 -18.98 1.86
CA VAL A 285 32.80 -17.57 1.48
C VAL A 285 31.47 -16.84 1.65
N ILE A 286 30.36 -17.54 1.47
CA ILE A 286 29.05 -16.89 1.62
C ILE A 286 28.79 -16.56 3.08
N ARG A 287 29.07 -17.50 3.99
CA ARG A 287 28.83 -17.29 5.41
C ARG A 287 29.83 -16.33 6.05
N ALA A 288 30.88 -15.94 5.35
CA ALA A 288 31.83 -14.99 5.90
C ALA A 288 31.24 -13.59 5.90
N GLN A 289 31.45 -12.86 7.00
CA GLN A 289 30.96 -11.50 7.15
C GLN A 289 32.11 -10.49 7.19
N ARG A 290 33.15 -10.74 6.40
CA ARG A 290 34.29 -9.85 6.34
C ARG A 290 34.09 -8.81 5.24
N ALA A 291 35.13 -8.04 4.93
CA ALA A 291 35.06 -7.00 3.91
C ALA A 291 35.11 -7.65 2.53
N ILE A 292 33.96 -7.71 1.86
CA ILE A 292 33.89 -8.32 0.55
C ILE A 292 34.53 -7.40 -0.48
N ASN A 293 35.40 -7.95 -1.31
CA ASN A 293 36.07 -7.16 -2.33
C ASN A 293 35.26 -7.12 -3.61
N ASN A 294 35.43 -6.03 -4.37
CA ASN A 294 34.81 -5.95 -5.68
C ASN A 294 35.39 -6.98 -6.64
N GLU A 295 36.63 -7.42 -6.40
CA GLU A 295 37.20 -8.50 -7.19
C GLU A 295 36.41 -9.78 -7.00
N MET A 296 35.98 -10.07 -5.78
CA MET A 296 35.12 -11.23 -5.55
C MET A 296 33.79 -11.06 -6.25
N ALA A 297 33.29 -9.83 -6.34
CA ALA A 297 32.07 -9.58 -7.11
C ALA A 297 32.28 -9.89 -8.58
N HIS A 298 33.43 -9.50 -9.13
CA HIS A 298 33.77 -9.87 -10.50
C HIS A 298 33.86 -11.38 -10.65
N GLN A 299 34.40 -12.05 -9.63
CA GLN A 299 34.47 -13.52 -9.65
C GLN A 299 33.07 -14.13 -9.71
N LEU A 300 32.14 -13.62 -8.91
CA LEU A 300 30.77 -14.11 -8.93
C LEU A 300 30.13 -13.87 -10.29
N TYR A 301 30.35 -12.67 -10.86
CA TYR A 301 29.77 -12.36 -12.16
C TYR A 301 30.31 -13.28 -13.25
N VAL A 302 31.62 -13.52 -13.26
CA VAL A 302 32.20 -14.35 -14.31
C VAL A 302 31.82 -15.81 -14.11
N LEU A 303 31.65 -16.27 -12.86
CA LEU A 303 31.16 -17.63 -12.64
C LEU A 303 29.71 -17.77 -13.09
N GLN A 304 28.90 -16.73 -12.89
CA GLN A 304 27.54 -16.73 -13.43
C GLN A 304 27.58 -16.81 -14.95
N VAL A 305 28.48 -16.06 -15.58
CA VAL A 305 28.64 -16.12 -17.03
C VAL A 305 29.07 -17.52 -17.46
N LEU A 306 29.95 -18.16 -16.69
CA LEU A 306 30.38 -19.52 -17.00
C LEU A 306 29.23 -20.50 -16.93
N THR A 307 28.38 -20.38 -15.90
CA THR A 307 27.21 -21.25 -15.82
C THR A 307 26.26 -21.00 -16.98
N PHE A 308 26.07 -19.74 -17.35
CA PHE A 308 25.20 -19.42 -18.48
C PHE A 308 25.74 -20.01 -19.78
N ASN A 309 27.07 -19.96 -19.96
CA ASN A 309 27.67 -20.54 -21.16
C ASN A 309 27.59 -22.06 -21.14
N LEU A 310 27.74 -22.67 -19.95
CA LEU A 310 27.58 -24.11 -19.82
C LEU A 310 26.15 -24.56 -20.10
N LEU A 311 25.17 -23.67 -19.92
CA LEU A 311 23.82 -23.96 -20.37
C LEU A 311 23.63 -23.66 -21.85
N GLU A 312 24.30 -22.63 -22.38
CA GLU A 312 24.08 -22.24 -23.76
C GLU A 312 24.70 -23.23 -24.74
N ASP A 313 25.94 -23.68 -24.47
CA ASP A 313 26.61 -24.58 -25.40
C ASP A 313 25.86 -25.89 -25.59
N ARG A 314 25.00 -26.26 -24.64
CA ARG A 314 24.10 -27.38 -24.81
C ARG A 314 22.69 -26.96 -25.24
N MET A 315 22.35 -25.68 -25.10
CA MET A 315 21.06 -25.18 -25.56
C MET A 315 21.15 -24.40 -26.87
N MET A 316 22.34 -23.99 -27.29
CA MET A 316 22.47 -23.22 -28.52
C MET A 316 22.04 -24.01 -29.74
N THR A 317 22.22 -25.33 -29.72
CA THR A 317 21.81 -26.17 -30.83
C THR A 317 20.28 -26.24 -30.89
N LYS A 318 19.79 -26.59 -32.08
CA LYS A 318 18.35 -26.69 -32.32
C LYS A 318 17.93 -28.15 -32.27
N MET A 319 16.85 -28.43 -31.55
CA MET A 319 16.35 -29.79 -31.43
C MET A 319 15.60 -30.17 -32.70
N ASP A 320 16.13 -31.15 -33.43
CA ASP A 320 15.53 -31.57 -34.69
C ASP A 320 14.19 -32.25 -34.43
N PRO A 321 13.09 -31.76 -35.01
CA PRO A 321 11.80 -32.44 -34.81
C PRO A 321 11.73 -33.84 -35.38
N GLN A 322 12.63 -34.19 -36.30
CA GLN A 322 12.61 -35.51 -36.94
C GLN A 322 13.28 -36.59 -36.11
N ASP A 323 13.85 -36.24 -34.95
CA ASP A 323 14.54 -37.21 -34.12
C ASP A 323 13.52 -38.13 -33.45
N GLN A 324 13.69 -39.45 -33.65
CA GLN A 324 12.82 -40.41 -32.97
C GLN A 324 13.09 -40.45 -31.48
N ALA A 325 14.35 -40.25 -31.07
CA ALA A 325 14.68 -40.18 -29.65
C ALA A 325 13.97 -39.01 -28.98
N GLN A 326 13.90 -37.87 -29.66
CA GLN A 326 13.16 -36.74 -29.14
C GLN A 326 11.68 -37.07 -29.00
N ARG A 327 11.13 -37.80 -29.97
CA ARG A 327 9.73 -38.23 -29.86
C ARG A 327 9.52 -39.13 -28.66
N ASP A 328 10.45 -40.07 -28.42
CA ASP A 328 10.33 -40.94 -27.25
C ASP A 328 10.44 -40.14 -25.95
N ILE A 329 11.34 -39.16 -25.91
CA ILE A 329 11.53 -38.36 -24.71
C ILE A 329 10.26 -37.56 -24.40
N ILE A 330 9.69 -36.93 -25.42
CA ILE A 330 8.48 -36.14 -25.19
C ILE A 330 7.30 -37.06 -24.89
N PHE A 331 7.29 -38.27 -25.44
CA PHE A 331 6.26 -39.25 -25.10
C PHE A 331 6.32 -39.59 -23.61
N GLU A 332 7.52 -39.90 -23.12
CA GLU A 332 7.66 -40.22 -21.69
C GLU A 332 7.31 -39.02 -20.82
N LEU A 333 7.72 -37.82 -21.25
CA LEU A 333 7.43 -36.61 -20.46
C LEU A 333 5.92 -36.37 -20.38
N ARG A 334 5.21 -36.49 -21.51
CA ARG A 334 3.77 -36.28 -21.45
C ARG A 334 3.04 -37.44 -20.79
N ARG A 335 3.64 -38.63 -20.76
CA ARG A 335 3.08 -39.70 -19.95
C ARG A 335 3.17 -39.38 -18.46
N ILE A 336 4.35 -38.97 -18.00
CA ILE A 336 4.52 -38.64 -16.59
C ILE A 336 3.88 -37.31 -16.22
N ALA A 337 3.45 -36.52 -17.20
CA ALA A 337 2.76 -35.26 -16.94
C ALA A 337 1.25 -35.40 -16.96
N PHE A 338 0.70 -36.08 -17.97
CA PHE A 338 -0.73 -36.09 -18.24
C PHE A 338 -1.37 -37.44 -17.90
N ASP A 339 -0.99 -38.04 -16.79
CA ASP A 339 -1.66 -39.26 -16.35
C ASP A 339 -2.94 -38.93 -15.61
N ALA A 340 -3.76 -38.09 -16.20
CA ALA A 340 -5.10 -37.75 -15.72
C ALA A 340 -6.15 -37.85 -16.82
N GLU A 341 -5.79 -37.49 -18.06
CA GLU A 341 -6.69 -37.61 -19.19
C GLU A 341 -6.32 -38.74 -20.14
N SER A 342 -5.06 -39.19 -20.10
CA SER A 342 -4.57 -40.22 -21.00
C SER A 342 -4.51 -41.56 -20.28
N GLU A 343 -5.12 -42.57 -20.87
CA GLU A 343 -5.08 -43.91 -20.31
C GLU A 343 -3.65 -44.45 -20.34
N PRO A 344 -3.25 -45.25 -19.35
CA PRO A 344 -1.92 -45.85 -19.38
C PRO A 344 -1.71 -46.82 -20.54
N ASN A 345 -2.78 -47.28 -21.18
CA ASN A 345 -2.66 -48.26 -22.26
C ASN A 345 -1.99 -47.68 -23.50
N ASN A 346 -1.98 -46.35 -23.65
CA ASN A 346 -1.37 -45.76 -24.84
C ASN A 346 0.15 -45.79 -24.82
N SER A 347 0.76 -46.14 -23.70
CA SER A 347 2.22 -46.22 -23.63
C SER A 347 2.76 -47.28 -24.60
N SER A 348 2.10 -48.44 -24.65
CA SER A 348 2.46 -49.50 -25.58
C SER A 348 1.57 -49.53 -26.81
N GLY A 349 0.73 -48.51 -27.00
CA GLY A 349 -0.20 -48.47 -28.11
C GLY A 349 0.43 -47.98 -29.39
N SER A 350 -0.42 -47.57 -30.32
CA SER A 350 0.01 -47.12 -31.64
C SER A 350 0.12 -45.60 -31.67
N MET A 351 0.53 -45.08 -32.83
CA MET A 351 0.77 -43.65 -32.98
C MET A 351 -0.48 -42.85 -33.28
N GLU A 352 -1.58 -43.51 -33.68
CA GLU A 352 -2.83 -42.79 -33.89
C GLU A 352 -3.34 -42.18 -32.59
N LYS A 353 -3.33 -42.95 -31.51
CA LYS A 353 -3.69 -42.40 -30.21
C LYS A 353 -2.66 -41.38 -29.74
N ARG A 354 -1.39 -41.55 -30.15
CA ARG A 354 -0.38 -40.55 -29.83
C ARG A 354 -0.74 -39.20 -30.43
N LYS A 355 -1.12 -39.19 -31.72
CA LYS A 355 -1.52 -37.94 -32.36
C LYS A 355 -2.82 -37.40 -31.77
N SER A 356 -3.76 -38.28 -31.43
CA SER A 356 -5.00 -37.83 -30.81
C SER A 356 -4.74 -37.15 -29.48
N MET A 357 -3.89 -37.74 -28.64
CA MET A 357 -3.52 -37.10 -27.38
C MET A 357 -2.76 -35.81 -27.62
N TYR A 358 -1.88 -35.80 -28.62
CA TYR A 358 -1.15 -34.57 -28.96
C TYR A 358 -2.11 -33.43 -29.25
N THR A 359 -3.07 -33.66 -30.15
CA THR A 359 -3.97 -32.57 -30.54
C THR A 359 -4.91 -32.20 -29.39
N ARG A 360 -5.42 -33.20 -28.64
CA ARG A 360 -6.38 -32.89 -27.59
C ARG A 360 -5.71 -32.22 -26.39
N ASP A 361 -4.40 -32.40 -26.21
CA ASP A 361 -3.69 -31.76 -25.11
C ASP A 361 -2.98 -30.49 -25.52
N TYR A 362 -2.75 -30.27 -26.81
CA TYR A 362 -2.15 -29.02 -27.27
C TYR A 362 -3.17 -27.99 -27.75
N LYS A 363 -4.41 -28.41 -28.03
CA LYS A 363 -5.45 -27.42 -28.27
C LYS A 363 -5.86 -26.71 -26.99
N LYS A 364 -5.50 -27.26 -25.83
CA LYS A 364 -5.71 -26.62 -24.55
C LYS A 364 -4.48 -25.85 -24.07
N LEU A 365 -3.38 -25.88 -24.82
CA LEU A 365 -2.14 -25.23 -24.42
C LEU A 365 -1.66 -24.22 -25.46
N GLY A 366 -2.55 -23.72 -26.29
CA GLY A 366 -2.21 -22.66 -27.24
C GLY A 366 -1.24 -23.06 -28.33
N PHE A 367 -1.42 -24.23 -28.93
CA PHE A 367 -0.65 -24.65 -30.09
C PHE A 367 -1.57 -24.78 -31.30
N ILE A 368 -1.14 -24.20 -32.42
CA ILE A 368 -2.01 -24.15 -33.59
C ILE A 368 -1.86 -25.41 -34.43
N ASN A 369 -0.63 -25.82 -34.70
CA ASN A 369 -0.37 -26.99 -35.53
C ASN A 369 -0.57 -28.26 -34.72
N HIS A 370 -1.22 -29.25 -35.34
CA HIS A 370 -1.51 -30.52 -34.69
C HIS A 370 -0.87 -31.72 -35.38
N VAL A 371 -0.16 -31.52 -36.50
CA VAL A 371 0.49 -32.63 -37.17
C VAL A 371 1.99 -32.67 -36.88
N ASN A 372 2.60 -31.51 -36.61
CA ASN A 372 4.03 -31.42 -36.31
C ASN A 372 4.19 -30.64 -35.01
N PRO A 373 4.00 -31.29 -33.87
CA PRO A 373 4.05 -30.56 -32.59
C PRO A 373 5.41 -29.98 -32.26
N ALA A 374 6.50 -30.49 -32.84
CA ALA A 374 7.84 -30.05 -32.48
C ALA A 374 8.34 -28.89 -33.35
N MET A 375 7.43 -28.16 -34.00
CA MET A 375 7.84 -26.99 -34.76
C MET A 375 8.32 -25.87 -33.86
N ASP A 376 7.88 -25.85 -32.61
CA ASP A 376 8.24 -24.80 -31.66
C ASP A 376 9.55 -25.07 -30.93
N PHE A 377 10.22 -26.19 -31.22
CA PHE A 377 11.45 -26.57 -30.55
C PHE A 377 12.70 -26.26 -31.37
N THR A 378 12.56 -25.48 -32.45
CA THR A 378 13.69 -25.14 -33.30
C THR A 378 14.23 -23.73 -33.04
N GLN A 379 13.74 -23.06 -32.01
CA GLN A 379 14.17 -21.70 -31.68
C GLN A 379 14.77 -21.69 -30.29
N THR A 380 15.99 -21.15 -30.17
CA THR A 380 16.70 -21.03 -28.91
C THR A 380 17.18 -19.59 -28.72
N PRO A 381 17.28 -19.10 -27.48
CA PRO A 381 16.93 -19.77 -26.21
C PRO A 381 15.42 -19.81 -25.97
N PRO A 382 14.95 -20.76 -25.14
CA PRO A 382 15.74 -21.75 -24.43
C PRO A 382 15.96 -23.04 -25.21
N GLY A 383 14.99 -23.42 -26.05
CA GLY A 383 15.08 -24.64 -26.82
C GLY A 383 14.80 -25.88 -26.00
N MET A 384 15.82 -26.69 -25.75
CA MET A 384 15.69 -27.90 -24.96
C MET A 384 15.78 -27.66 -23.47
N LEU A 385 16.07 -26.42 -23.05
CA LEU A 385 16.12 -26.12 -21.63
C LEU A 385 14.75 -26.29 -20.98
N ALA A 386 13.68 -25.97 -21.72
CA ALA A 386 12.34 -26.22 -21.21
C ALA A 386 12.09 -27.71 -21.00
N LEU A 387 12.64 -28.57 -21.87
CA LEU A 387 12.52 -30.00 -21.68
C LEU A 387 13.19 -30.44 -20.39
N ASP A 388 14.39 -29.92 -20.12
CA ASP A 388 15.07 -30.23 -18.86
C ASP A 388 14.27 -29.73 -17.66
N ASN A 389 13.70 -28.53 -17.77
CA ASN A 389 12.91 -27.99 -16.67
C ASN A 389 11.68 -28.85 -16.39
N MET A 390 10.98 -29.29 -17.45
CA MET A 390 9.80 -30.11 -17.23
C MET A 390 10.16 -31.51 -16.73
N LEU A 391 11.31 -32.04 -17.16
CA LEU A 391 11.80 -33.29 -16.59
C LEU A 391 12.07 -33.14 -15.10
N TYR A 392 12.68 -32.03 -14.70
CA TYR A 392 12.93 -31.77 -13.29
C TYR A 392 11.63 -31.61 -12.52
N PHE A 393 10.64 -30.96 -13.13
CA PHE A 393 9.32 -30.83 -12.50
C PHE A 393 8.70 -32.19 -12.27
N ALA A 394 8.76 -33.07 -13.27
CA ALA A 394 8.21 -34.42 -13.10
C ALA A 394 8.97 -35.20 -12.05
N LYS A 395 10.29 -35.00 -11.96
CA LYS A 395 11.10 -35.77 -11.02
C LYS A 395 10.83 -35.33 -9.58
N HIS A 396 10.80 -34.03 -9.32
CA HIS A 396 10.71 -33.53 -7.96
C HIS A 396 9.36 -32.94 -7.58
N HIS A 397 8.72 -32.21 -8.49
CA HIS A 397 7.46 -31.53 -8.20
C HIS A 397 6.27 -32.26 -8.84
N GLN A 398 6.26 -33.59 -8.78
CA GLN A 398 5.21 -34.36 -9.44
C GLN A 398 3.82 -33.96 -8.95
N ASP A 399 3.70 -33.61 -7.66
CA ASP A 399 2.42 -33.13 -7.15
C ASP A 399 2.04 -31.81 -7.81
N ALA A 400 2.96 -30.84 -7.78
CA ALA A 400 2.70 -29.57 -8.44
C ALA A 400 2.57 -29.73 -9.96
N TYR A 401 3.34 -30.66 -10.54
CA TYR A 401 3.24 -30.92 -11.96
C TYR A 401 1.85 -31.41 -12.34
N ILE A 402 1.31 -32.35 -11.55
CA ILE A 402 -0.03 -32.86 -11.81
C ILE A 402 -1.08 -31.78 -11.59
N ARG A 403 -0.89 -30.95 -10.55
CA ARG A 403 -1.83 -29.86 -10.31
C ARG A 403 -1.86 -28.88 -11.48
N ILE A 404 -0.68 -28.53 -12.01
CA ILE A 404 -0.62 -27.62 -13.15
C ILE A 404 -1.22 -28.27 -14.38
N VAL A 405 -0.98 -29.57 -14.57
CA VAL A 405 -1.56 -30.28 -15.71
C VAL A 405 -3.09 -30.25 -15.65
N LEU A 406 -3.65 -30.50 -14.47
CA LEU A 406 -5.09 -30.44 -14.29
C LEU A 406 -5.62 -29.01 -14.23
N GLU A 407 -4.75 -28.01 -14.14
CA GLU A 407 -5.17 -26.62 -14.02
C GLU A 407 -5.37 -25.94 -15.37
N ASN A 408 -4.36 -26.02 -16.25
CA ASN A 408 -4.45 -25.32 -17.54
C ASN A 408 -5.53 -25.93 -18.42
N SER A 409 -5.67 -27.25 -18.42
CA SER A 409 -6.68 -27.91 -19.24
C SER A 409 -8.10 -27.61 -18.75
N SER A 410 -8.26 -27.27 -17.47
CA SER A 410 -9.56 -26.92 -16.91
C SER A 410 -9.85 -25.43 -16.96
N ARG A 411 -8.96 -24.64 -17.56
CA ARG A 411 -9.14 -23.19 -17.62
C ARG A 411 -10.36 -22.84 -18.48
N GLU A 412 -11.43 -22.39 -17.83
CA GLU A 412 -12.67 -22.03 -18.51
C GLU A 412 -12.88 -20.53 -18.63
N ASP A 413 -11.85 -19.73 -18.34
CA ASP A 413 -11.95 -18.28 -18.43
C ASP A 413 -11.54 -17.72 -19.79
N LYS A 414 -11.24 -18.60 -20.75
CA LYS A 414 -10.85 -18.19 -22.11
C LYS A 414 -9.59 -17.32 -22.11
N HIS A 415 -8.70 -17.54 -21.14
CA HIS A 415 -7.44 -16.81 -21.03
C HIS A 415 -6.30 -17.76 -20.68
N GLU A 416 -6.28 -18.94 -21.31
CA GLU A 416 -5.22 -19.90 -21.06
C GLU A 416 -3.88 -19.34 -21.53
N CYS A 417 -2.85 -19.52 -20.70
CA CYS A 417 -1.53 -18.98 -20.99
C CYS A 417 -0.72 -20.01 -21.77
N PRO A 418 -0.21 -19.69 -22.96
CA PRO A 418 0.66 -20.62 -23.67
C PRO A 418 1.97 -20.80 -22.91
N PHE A 419 2.22 -22.04 -22.46
CA PHE A 419 3.41 -22.31 -21.65
C PHE A 419 4.69 -22.05 -22.46
N GLY A 420 4.71 -22.50 -23.71
CA GLY A 420 5.91 -22.31 -24.52
C GLY A 420 6.20 -20.85 -24.81
N ARG A 421 5.16 -20.10 -25.21
CA ARG A 421 5.36 -18.69 -25.53
C ARG A 421 5.75 -17.89 -24.30
N SER A 422 5.08 -18.14 -23.17
CA SER A 422 5.42 -17.44 -21.94
C SER A 422 6.83 -17.78 -21.49
N SER A 423 7.23 -19.05 -21.61
CA SER A 423 8.59 -19.44 -21.23
C SER A 423 9.62 -18.77 -22.13
N ILE A 424 9.34 -18.69 -23.44
CA ILE A 424 10.26 -18.02 -24.35
C ILE A 424 10.39 -16.55 -24.01
N GLU A 425 9.25 -15.88 -23.73
CA GLU A 425 9.29 -14.47 -23.37
C GLU A 425 10.07 -14.25 -22.08
N LEU A 426 9.85 -15.10 -21.08
CA LEU A 426 10.56 -14.96 -19.81
C LEU A 426 12.05 -15.21 -19.98
N THR A 427 12.42 -16.19 -20.80
CA THR A 427 13.83 -16.44 -21.07
C THR A 427 14.48 -15.25 -21.79
N LYS A 428 13.76 -14.67 -22.75
CA LYS A 428 14.28 -13.48 -23.43
C LYS A 428 14.46 -12.32 -22.45
N MET A 429 13.49 -12.11 -21.57
CA MET A 429 13.60 -11.03 -20.59
C MET A 429 14.77 -11.28 -19.63
N LEU A 430 14.95 -12.51 -19.19
CA LEU A 430 16.06 -12.83 -18.30
C LEU A 430 17.40 -12.64 -19.00
N CYS A 431 17.51 -13.05 -20.26
CA CYS A 431 18.74 -12.84 -21.01
C CYS A 431 19.02 -11.35 -21.19
N GLU A 432 17.99 -10.56 -21.43
CA GLU A 432 18.19 -9.12 -21.61
C GLU A 432 18.61 -8.44 -20.31
N ILE A 433 17.95 -8.77 -19.20
CA ILE A 433 18.27 -8.11 -17.94
C ILE A 433 19.64 -8.56 -17.43
N LEU A 434 19.98 -9.83 -17.62
CA LEU A 434 21.28 -10.34 -17.16
C LEU A 434 22.39 -10.11 -18.17
N LYS A 435 22.10 -9.53 -19.34
CA LYS A 435 23.10 -9.18 -20.34
C LYS A 435 23.89 -10.41 -20.78
N VAL A 436 23.17 -11.35 -21.39
CA VAL A 436 23.74 -12.61 -21.86
C VAL A 436 24.35 -12.38 -23.24
N GLY A 437 25.61 -12.77 -23.39
CA GLY A 437 26.31 -12.63 -24.66
C GLY A 437 27.24 -11.45 -24.77
N GLU A 438 27.51 -10.73 -23.69
CA GLU A 438 28.37 -9.56 -23.71
C GLU A 438 29.64 -9.82 -22.91
N LEU A 439 30.69 -9.07 -23.25
CA LEU A 439 31.97 -9.21 -22.57
C LEU A 439 31.85 -8.74 -21.12
N PRO A 440 32.67 -9.29 -20.22
CA PRO A 440 32.63 -8.84 -18.83
C PRO A 440 33.02 -7.38 -18.70
N SER A 441 32.35 -6.69 -17.78
CA SER A 441 32.60 -5.27 -17.55
C SER A 441 33.88 -5.05 -16.77
N GLU A 442 34.53 -3.92 -17.04
CA GLU A 442 35.76 -3.55 -16.35
C GLU A 442 35.53 -2.69 -15.12
N THR A 443 34.31 -2.21 -14.91
CA THR A 443 34.01 -1.35 -13.77
C THR A 443 32.88 -1.88 -12.91
N CYS A 444 31.84 -2.46 -13.51
CA CYS A 444 30.72 -2.96 -12.74
C CYS A 444 31.14 -4.17 -11.91
N ASN A 445 30.67 -4.21 -10.67
CA ASN A 445 31.02 -5.25 -9.71
C ASN A 445 29.77 -5.76 -9.00
N ASP A 446 28.74 -6.09 -9.78
CA ASP A 446 27.54 -6.69 -9.23
C ASP A 446 27.77 -8.18 -8.97
N PHE A 447 27.33 -8.65 -7.81
CA PHE A 447 27.51 -10.04 -7.43
C PHE A 447 26.20 -10.58 -6.85
N HIS A 448 25.90 -11.83 -7.19
CA HIS A 448 24.71 -12.51 -6.68
C HIS A 448 25.14 -13.73 -5.86
N PRO A 449 25.14 -13.65 -4.53
CA PRO A 449 25.59 -14.79 -3.73
C PRO A 449 24.65 -15.99 -3.78
N MET A 450 23.48 -15.88 -4.40
CA MET A 450 22.54 -17.00 -4.48
C MET A 450 22.88 -17.98 -5.59
N PHE A 451 23.79 -17.62 -6.50
CA PHE A 451 24.20 -18.55 -7.54
C PHE A 451 25.06 -19.69 -7.01
N PHE A 452 25.61 -19.56 -5.80
CA PHE A 452 26.44 -20.59 -5.21
C PHE A 452 25.67 -21.54 -4.31
N THR A 453 24.35 -21.33 -4.15
CA THR A 453 23.55 -22.25 -3.35
C THR A 453 23.50 -23.64 -3.99
N HIS A 454 23.32 -23.68 -5.31
CA HIS A 454 23.29 -24.94 -6.04
C HIS A 454 24.15 -24.81 -7.29
N ASP A 455 24.65 -25.95 -7.77
CA ASP A 455 25.35 -25.95 -9.05
C ASP A 455 24.39 -25.70 -10.21
N ARG A 456 23.11 -26.05 -10.02
CA ARG A 456 22.04 -25.77 -10.96
C ARG A 456 21.23 -24.55 -10.52
N SER A 457 21.91 -23.55 -9.97
CA SER A 457 21.23 -22.44 -9.31
C SER A 457 20.33 -21.66 -10.25
N PHE A 458 20.75 -21.47 -11.51
CA PHE A 458 19.91 -20.71 -12.44
C PHE A 458 18.59 -21.40 -12.69
N GLU A 459 18.60 -22.73 -12.79
CA GLU A 459 17.35 -23.47 -12.98
C GLU A 459 16.44 -23.32 -11.77
N GLU A 460 17.00 -23.38 -10.56
CA GLU A 460 16.20 -23.17 -9.35
C GLU A 460 15.60 -21.76 -9.32
N PHE A 461 16.40 -20.76 -9.72
CA PHE A 461 15.91 -19.40 -9.78
C PHE A 461 14.76 -19.27 -10.78
N PHE A 462 14.91 -19.89 -11.95
CA PHE A 462 13.84 -19.85 -12.96
C PHE A 462 12.59 -20.56 -12.46
N CYS A 463 12.76 -21.68 -11.76
CA CYS A 463 11.61 -22.40 -11.21
C CYS A 463 10.87 -21.54 -10.19
N ILE A 464 11.60 -20.91 -9.29
CA ILE A 464 10.98 -20.03 -8.30
C ILE A 464 10.26 -18.88 -9.00
N CYS A 465 10.90 -18.31 -10.02
CA CYS A 465 10.28 -17.20 -10.76
C CYS A 465 8.98 -17.62 -11.42
N ILE A 466 8.98 -18.76 -12.11
CA ILE A 466 7.78 -19.17 -12.83
C ILE A 466 6.68 -19.57 -11.85
N GLN A 467 7.04 -20.19 -10.71
CA GLN A 467 6.04 -20.50 -9.71
C GLN A 467 5.41 -19.24 -9.13
N LEU A 468 6.23 -18.23 -8.84
CA LEU A 468 5.69 -16.96 -8.35
C LEU A 468 4.81 -16.31 -9.40
N LEU A 469 5.21 -16.36 -10.66
CA LEU A 469 4.39 -15.80 -11.73
C LEU A 469 3.05 -16.51 -11.85
N ASN A 470 3.07 -17.84 -11.73
CA ASN A 470 1.83 -18.60 -11.78
C ASN A 470 0.92 -18.23 -10.61
N LYS A 471 1.49 -18.10 -9.42
CA LYS A 471 0.68 -17.70 -8.25
C LYS A 471 0.08 -16.31 -8.46
N THR A 472 0.88 -15.36 -8.90
CA THR A 472 0.39 -14.00 -9.10
C THR A 472 -0.66 -13.94 -10.20
N TRP A 473 -0.48 -14.70 -11.28
CA TRP A 473 -1.44 -14.72 -12.36
C TRP A 473 -2.75 -15.39 -11.93
N LYS A 474 -2.65 -16.45 -11.12
CA LYS A 474 -3.85 -17.06 -10.57
C LYS A 474 -4.61 -16.08 -9.68
N GLU A 475 -3.88 -15.31 -8.87
CA GLU A 475 -4.52 -14.28 -8.07
C GLU A 475 -5.18 -13.21 -8.93
N MET A 476 -4.50 -12.79 -10.00
CA MET A 476 -4.99 -11.69 -10.83
C MET A 476 -5.98 -12.15 -11.89
N ARG A 477 -5.81 -13.35 -12.45
CA ARG A 477 -6.59 -13.82 -13.59
C ARG A 477 -6.44 -12.85 -14.76
N ALA A 478 -5.20 -12.72 -15.24
CA ALA A 478 -4.87 -11.73 -16.25
C ALA A 478 -5.50 -12.10 -17.59
N THR A 479 -5.50 -11.13 -18.50
CA THR A 479 -6.10 -11.26 -19.81
C THR A 479 -5.00 -11.11 -20.88
N SER A 480 -5.43 -11.00 -22.13
CA SER A 480 -4.52 -10.83 -23.26
C SER A 480 -4.21 -9.37 -23.56
N GLU A 481 -4.78 -8.43 -22.80
CA GLU A 481 -4.59 -7.00 -23.05
C GLU A 481 -3.56 -6.36 -22.14
N ASP A 482 -2.94 -7.13 -21.24
CA ASP A 482 -2.00 -6.58 -20.27
C ASP A 482 -0.65 -7.30 -20.35
N PHE A 483 -0.22 -7.67 -21.56
CA PHE A 483 1.09 -8.28 -21.72
C PHE A 483 2.20 -7.33 -21.29
N ASN A 484 2.08 -6.05 -21.66
CA ASN A 484 3.06 -5.06 -21.23
C ASN A 484 3.06 -4.92 -19.72
N LYS A 485 1.88 -4.93 -19.10
CA LYS A 485 1.80 -4.86 -17.65
C LYS A 485 2.48 -6.07 -17.00
N VAL A 486 2.24 -7.26 -17.55
CA VAL A 486 2.87 -8.46 -17.01
C VAL A 486 4.38 -8.37 -17.14
N MET A 487 4.87 -7.94 -18.30
CA MET A 487 6.32 -7.83 -18.50
C MET A 487 6.92 -6.83 -17.52
N GLN A 488 6.30 -5.67 -17.37
CA GLN A 488 6.87 -4.65 -16.48
C GLN A 488 6.82 -5.09 -15.03
N VAL A 489 5.73 -5.75 -14.61
CA VAL A 489 5.65 -6.15 -13.20
C VAL A 489 6.65 -7.27 -12.91
N VAL A 490 6.83 -8.21 -13.84
CA VAL A 490 7.79 -9.28 -13.58
C VAL A 490 9.22 -8.73 -13.59
N LYS A 491 9.50 -7.77 -14.49
CA LYS A 491 10.83 -7.16 -14.50
C LYS A 491 11.09 -6.41 -13.20
N GLU A 492 10.09 -5.64 -12.72
CA GLU A 492 10.27 -4.90 -11.48
C GLU A 492 10.46 -5.82 -10.29
N GLN A 493 9.68 -6.90 -10.22
CA GLN A 493 9.82 -7.82 -9.09
C GLN A 493 11.15 -8.57 -9.14
N VAL A 494 11.63 -8.93 -10.34
CA VAL A 494 12.93 -9.58 -10.45
C VAL A 494 14.04 -8.63 -10.01
N MET A 495 13.98 -7.36 -10.46
CA MET A 495 15.00 -6.40 -10.05
C MET A 495 14.96 -6.17 -8.54
N ARG A 496 13.77 -6.06 -7.97
CA ARG A 496 13.64 -5.86 -6.52
C ARG A 496 14.18 -7.06 -5.75
N ALA A 497 13.93 -8.27 -6.25
CA ALA A 497 14.47 -9.47 -5.61
C ALA A 497 16.00 -9.49 -5.70
N LEU A 498 16.56 -9.08 -6.84
CA LEU A 498 18.00 -9.06 -6.99
C LEU A 498 18.63 -8.02 -6.06
N THR A 499 17.97 -6.89 -5.86
CA THR A 499 18.51 -5.85 -4.99
C THR A 499 18.50 -6.24 -3.51
N THR A 500 17.72 -7.26 -3.14
CA THR A 500 17.62 -7.66 -1.74
C THR A 500 18.78 -8.52 -1.27
N LYS A 501 19.59 -9.06 -2.20
CA LYS A 501 20.75 -9.89 -1.88
C LYS A 501 20.37 -11.09 -1.02
N PRO A 502 19.64 -12.06 -1.56
CA PRO A 502 19.28 -13.24 -0.76
C PRO A 502 20.46 -14.18 -0.57
N SER A 503 20.31 -15.09 0.39
CA SER A 503 21.34 -16.06 0.72
C SER A 503 20.92 -17.50 0.44
N SER A 504 19.66 -17.85 0.73
CA SER A 504 19.17 -19.21 0.56
C SER A 504 17.92 -19.19 -0.31
N LEU A 505 17.70 -20.29 -1.04
CA LEU A 505 16.60 -20.34 -2.00
C LEU A 505 15.25 -20.30 -1.31
N ASP A 506 15.05 -21.14 -0.28
CA ASP A 506 13.77 -21.18 0.41
C ASP A 506 13.48 -19.86 1.13
N GLN A 507 14.49 -19.29 1.80
CA GLN A 507 14.30 -18.01 2.46
C GLN A 507 14.04 -16.91 1.44
N PHE A 508 14.71 -16.97 0.28
CA PHE A 508 14.45 -15.99 -0.78
C PHE A 508 13.01 -16.08 -1.27
N LYS A 509 12.52 -17.29 -1.52
CA LYS A 509 11.15 -17.44 -2.00
C LYS A 509 10.13 -17.01 -0.95
N SER A 510 10.40 -17.31 0.33
CA SER A 510 9.51 -16.87 1.39
C SER A 510 9.49 -15.35 1.51
N LYS A 511 10.66 -14.72 1.43
CA LYS A 511 10.73 -13.26 1.52
C LYS A 511 10.12 -12.60 0.30
N LEU A 512 10.03 -13.32 -0.83
CA LEU A 512 9.31 -12.80 -1.98
C LEU A 512 7.85 -12.53 -1.63
N GLN A 513 7.21 -13.47 -0.93
CA GLN A 513 5.84 -13.26 -0.48
C GLN A 513 5.79 -12.34 0.73
N ASN A 514 6.85 -12.30 1.54
CA ASN A 514 6.85 -11.47 2.74
C ASN A 514 6.99 -9.99 2.44
N LEU A 515 7.53 -9.63 1.27
CA LEU A 515 7.73 -8.22 0.93
C LEU A 515 6.41 -7.52 0.70
N SER A 516 6.33 -6.26 1.12
CA SER A 516 5.12 -5.45 0.96
C SER A 516 5.09 -4.86 -0.44
N TYR A 517 4.15 -3.93 -0.67
CA TYR A 517 3.98 -3.29 -1.97
C TYR A 517 4.85 -2.04 -2.02
N THR A 518 6.14 -2.25 -2.30
CA THR A 518 7.11 -1.16 -2.44
C THR A 518 7.16 -0.29 -1.18
N GLU A 519 7.06 -0.93 -0.01
CA GLU A 519 7.12 -0.19 1.24
C GLU A 519 8.53 0.37 1.48
N ILE A 520 9.55 -0.28 0.92
CA ILE A 520 10.93 0.17 1.11
C ILE A 520 11.12 1.57 0.55
N LEU A 521 10.56 1.84 -0.64
CA LEU A 521 10.67 3.16 -1.22
C LEU A 521 10.00 4.21 -0.36
N LYS A 522 8.80 3.89 0.16
CA LYS A 522 8.08 4.85 0.99
C LYS A 522 8.83 5.16 2.28
N ILE A 523 9.34 4.12 2.95
CA ILE A 523 10.04 4.35 4.21
C ILE A 523 11.36 5.07 3.97
N ARG A 524 12.04 4.76 2.86
CA ARG A 524 13.26 5.48 2.52
C ARG A 524 12.98 6.95 2.24
N GLN A 525 11.88 7.24 1.53
CA GLN A 525 11.52 8.62 1.27
C GLN A 525 11.18 9.35 2.56
N SER A 526 10.46 8.70 3.47
CA SER A 526 10.14 9.32 4.74
C SER A 526 11.40 9.61 5.56
N GLU A 527 12.34 8.66 5.59
CA GLU A 527 13.58 8.86 6.32
C GLU A 527 14.40 9.98 5.70
N ARG A 528 14.46 10.03 4.37
CA ARG A 528 15.20 11.10 3.70
C ARG A 528 14.58 12.46 3.97
N MET A 529 13.24 12.52 3.96
CA MET A 529 12.56 13.78 4.27
C MET A 529 12.82 14.21 5.71
N ASN A 530 12.80 13.26 6.64
CA ASN A 530 13.09 13.59 8.04
C ASN A 530 14.52 14.08 8.21
N GLN A 531 15.47 13.42 7.55
CA GLN A 531 16.86 13.86 7.63
C GLN A 531 17.05 15.24 7.02
N GLU A 532 16.38 15.50 5.89
CA GLU A 532 16.44 16.81 5.27
C GLU A 532 15.84 17.88 6.18
N ASP A 533 14.76 17.53 6.89
CA ASP A 533 14.22 18.42 7.90
C ASP A 533 15.24 18.68 9.00
N PHE A 534 15.97 17.64 9.41
CA PHE A 534 17.06 17.83 10.37
C PHE A 534 18.19 18.66 9.77
N GLN A 535 18.66 18.27 8.57
CA GLN A 535 19.75 18.97 7.92
C GLN A 535 19.88 18.57 6.45
N SER A 536 19.87 19.56 5.56
CA SER A 536 20.10 19.33 4.14
C SER A 536 20.42 20.66 3.47
N ARG A 537 21.19 20.59 2.38
CA ARG A 537 21.52 21.78 1.60
C ARG A 537 20.35 22.19 0.70
N PRO A 538 19.80 21.33 -0.14
CA PRO A 538 18.76 21.76 -1.09
C PRO A 538 17.32 21.57 -0.64
N ILE A 539 17.08 21.07 0.58
CA ILE A 539 15.73 20.80 1.08
C ILE A 539 15.43 21.59 2.34
N LEU A 540 16.35 21.59 3.30
CA LEU A 540 16.09 22.22 4.59
C LEU A 540 15.85 23.72 4.44
N GLU A 541 16.58 24.38 3.54
CA GLU A 541 16.40 25.81 3.37
C GLU A 541 15.01 26.16 2.85
N LEU A 542 14.31 25.20 2.23
CA LEU A 542 13.00 25.48 1.66
C LEU A 542 11.99 25.87 2.73
N LYS A 543 11.94 25.11 3.82
CA LYS A 543 10.96 25.38 4.86
C LYS A 543 11.30 26.65 5.62
N GLU A 544 12.58 26.84 5.98
CA GLU A 544 12.98 28.03 6.69
C GLU A 544 12.94 29.28 5.82
N LYS A 545 12.99 29.12 4.50
CA LYS A 545 12.89 30.26 3.61
C LYS A 545 11.54 30.94 3.73
N ILE A 546 10.47 30.14 3.79
CA ILE A 546 9.11 30.67 3.83
C ILE A 546 8.50 30.39 5.20
N GLN A 547 8.60 31.36 6.10
CA GLN A 547 7.97 31.26 7.43
C GLN A 547 7.18 32.52 7.78
N PRO A 548 6.36 33.06 6.84
CA PRO A 548 5.63 34.29 7.16
C PRO A 548 4.27 34.05 7.80
N GLU A 549 3.64 32.92 7.48
CA GLU A 549 2.28 32.64 7.89
C GLU A 549 2.19 31.72 9.10
N ILE A 550 3.08 30.73 9.20
CA ILE A 550 2.98 29.76 10.30
C ILE A 550 3.11 30.47 11.64
N LEU A 551 4.16 31.29 11.80
CA LEU A 551 4.38 31.96 13.07
C LEU A 551 3.31 33.03 13.32
N GLU A 552 2.91 33.74 12.27
CA GLU A 552 1.88 34.77 12.43
C GLU A 552 0.56 34.17 12.87
N LEU A 553 0.15 33.05 12.28
CA LEU A 553 -1.10 32.43 12.65
C LEU A 553 -1.00 31.73 14.00
N ILE A 554 0.19 31.25 14.37
CA ILE A 554 0.40 30.74 15.73
C ILE A 554 0.18 31.86 16.74
N LYS A 555 0.75 33.04 16.45
CA LYS A 555 0.53 34.19 17.33
C LYS A 555 -0.94 34.58 17.38
N GLN A 556 -1.63 34.53 16.22
CA GLN A 556 -3.06 34.83 16.21
C GLN A 556 -3.83 33.85 17.07
N GLN A 557 -3.48 32.56 17.00
CA GLN A 557 -4.12 31.55 17.84
C GLN A 557 -3.87 31.83 19.32
N ARG A 558 -2.63 32.19 19.67
CA ARG A 558 -2.33 32.53 21.06
C ARG A 558 -3.15 33.73 21.53
N LEU A 559 -3.28 34.74 20.66
CA LEU A 559 -4.05 35.93 21.03
C LEU A 559 -5.53 35.62 21.18
N ASN A 560 -6.06 34.76 20.29
CA ASN A 560 -7.45 34.33 20.44
C ASN A 560 -7.63 33.57 21.74
N ARG A 561 -6.63 32.77 22.13
CA ARG A 561 -6.65 32.14 23.45
C ARG A 561 -6.65 33.17 24.55
N LEU A 562 -5.96 34.29 24.35
CA LEU A 562 -5.92 35.34 25.37
C LEU A 562 -7.26 36.07 25.45
N VAL A 563 -7.91 36.30 24.30
CA VAL A 563 -9.17 37.04 24.30
C VAL A 563 -10.24 36.25 25.03
N GLU A 564 -10.35 34.95 24.76
CA GLU A 564 -11.34 34.13 25.46
C GLU A 564 -11.00 34.02 26.94
N GLY A 565 -9.72 33.90 27.27
CA GLY A 565 -9.28 33.87 28.65
C GLY A 565 -9.80 32.64 29.39
N THR A 566 -9.61 32.69 30.71
CA THR A 566 -10.03 31.60 31.59
C THR A 566 -10.07 32.13 33.02
N CYS A 567 -10.19 31.21 33.98
CA CYS A 567 -10.13 31.58 35.39
C CYS A 567 -8.68 31.63 35.84
N PHE A 568 -8.32 32.70 36.53
CA PHE A 568 -6.97 32.89 37.03
C PHE A 568 -6.94 32.75 38.55
N ARG A 569 -5.75 32.82 39.13
CA ARG A 569 -5.57 32.67 40.57
C ARG A 569 -4.82 33.87 41.13
N LYS A 570 -5.09 34.18 42.38
CA LYS A 570 -4.54 35.37 43.04
C LYS A 570 -3.40 34.97 43.97
N LEU A 571 -2.88 35.96 44.70
CA LEU A 571 -1.73 35.79 45.57
C LEU A 571 -2.16 35.90 47.02
N ASN A 572 -1.74 34.95 47.84
CA ASN A 572 -1.95 34.96 49.29
C ASN A 572 -3.44 35.10 49.62
N ALA A 573 -4.26 34.40 48.82
CA ALA A 573 -5.71 34.43 48.97
C ALA A 573 -6.12 33.38 49.99
N ARG A 574 -5.85 33.66 51.26
CA ARG A 574 -6.21 32.72 52.32
C ARG A 574 -7.16 33.30 53.36
N ARG A 575 -7.29 34.63 53.42
CA ARG A 575 -8.15 35.29 54.41
C ARG A 575 -9.28 36.02 53.66
N ARG A 576 -10.35 35.27 53.36
CA ARG A 576 -11.53 35.79 52.68
C ARG A 576 -11.17 36.53 51.39
N GLN A 577 -10.22 35.96 50.64
CA GLN A 577 -9.86 36.45 49.32
C GLN A 577 -10.19 35.39 48.28
N ASP A 578 -11.06 35.74 47.34
CA ASP A 578 -11.41 34.79 46.29
C ASP A 578 -10.22 34.52 45.39
N LYS A 579 -10.10 33.26 44.95
CA LYS A 579 -9.02 32.86 44.06
C LYS A 579 -9.48 32.65 42.63
N PHE A 580 -10.72 32.98 42.31
CA PHE A 580 -11.22 32.92 40.94
C PHE A 580 -11.40 34.32 40.40
N TRP A 581 -10.88 34.58 39.21
CA TRP A 581 -11.05 35.86 38.54
C TRP A 581 -10.71 35.67 37.06
N TYR A 582 -10.81 36.76 36.31
CA TYR A 582 -10.66 36.70 34.87
C TYR A 582 -9.76 37.82 34.38
N CYS A 583 -9.10 37.58 33.24
CA CYS A 583 -8.27 38.58 32.55
C CYS A 583 -8.54 38.41 31.06
N ARG A 584 -9.46 39.20 30.54
CA ARG A 584 -9.88 39.11 29.14
C ARG A 584 -9.24 40.22 28.33
N LEU A 585 -8.67 39.85 27.19
CA LEU A 585 -8.13 40.84 26.25
C LEU A 585 -9.28 41.49 25.49
N SER A 586 -9.08 42.74 25.10
CA SER A 586 -10.07 43.46 24.32
C SER A 586 -10.27 42.77 22.96
N PRO A 587 -11.48 42.84 22.41
CA PRO A 587 -11.67 42.37 21.03
C PRO A 587 -10.86 43.17 20.02
N ASN A 588 -10.40 44.36 20.38
CA ASN A 588 -9.46 45.11 19.56
C ASN A 588 -8.01 44.80 19.91
N HIS A 589 -7.78 43.97 20.94
CA HIS A 589 -6.45 43.46 21.27
C HIS A 589 -5.48 44.58 21.65
N LYS A 590 -5.92 45.49 22.51
CA LYS A 590 -5.03 46.56 22.96
C LYS A 590 -5.10 46.75 24.47
N VAL A 591 -6.20 46.33 25.10
CA VAL A 591 -6.41 46.55 26.52
C VAL A 591 -6.78 45.25 27.20
N LEU A 592 -6.50 45.17 28.50
CA LEU A 592 -6.73 43.98 29.29
C LEU A 592 -7.72 44.29 30.40
N HIS A 593 -8.71 43.42 30.58
CA HIS A 593 -9.72 43.59 31.60
C HIS A 593 -9.48 42.56 32.70
N TYR A 594 -9.04 43.03 33.86
CA TYR A 594 -8.64 42.14 34.94
C TYR A 594 -8.83 42.87 36.27
N GLY A 595 -8.95 42.09 37.34
CA GLY A 595 -9.16 42.65 38.65
C GLY A 595 -9.67 41.59 39.62
N ASP A 596 -10.23 42.08 40.73
CA ASP A 596 -10.73 41.21 41.78
C ASP A 596 -12.13 40.75 41.44
N LEU A 597 -12.29 39.43 41.27
CA LEU A 597 -13.57 38.82 40.96
C LEU A 597 -13.90 37.73 41.99
N GLU A 598 -15.02 37.06 41.76
CA GLU A 598 -15.59 36.14 42.73
C GLU A 598 -15.31 34.70 42.31
N GLU A 599 -15.84 33.74 43.08
CA GLU A 599 -15.69 32.31 42.79
C GLU A 599 -16.49 32.01 41.53
N SER A 600 -15.79 31.84 40.40
CA SER A 600 -16.44 31.70 39.11
C SER A 600 -16.10 30.35 38.49
N PRO A 601 -16.91 29.31 38.70
CA PRO A 601 -16.69 28.05 37.96
C PRO A 601 -17.05 28.16 36.49
N GLN A 602 -18.02 29.01 36.13
CA GLN A 602 -18.38 29.17 34.73
C GLN A 602 -17.22 29.72 33.92
N GLY A 603 -16.53 30.72 34.45
CA GLY A 603 -15.42 31.33 33.74
C GLY A 603 -15.42 32.84 33.80
N GLU A 604 -15.22 33.48 32.66
CA GLU A 604 -15.17 34.94 32.61
C GLU A 604 -16.56 35.53 32.40
N VAL A 605 -16.84 36.61 33.13
CA VAL A 605 -18.11 37.31 33.03
C VAL A 605 -17.89 38.60 32.24
N PRO A 606 -18.58 38.82 31.13
CA PRO A 606 -18.30 39.98 30.29
C PRO A 606 -18.74 41.30 30.93
N HIS A 607 -17.77 42.08 31.40
CA HIS A 607 -18.02 43.41 31.95
C HIS A 607 -16.66 44.09 32.13
N ASP A 608 -16.69 45.28 32.71
CA ASP A 608 -15.47 46.03 33.01
C ASP A 608 -14.96 45.61 34.39
N SER A 609 -13.66 45.32 34.47
CA SER A 609 -13.05 44.84 35.69
C SER A 609 -12.52 46.02 36.51
N LEU A 610 -11.91 45.72 37.65
CA LEU A 610 -11.35 46.78 38.50
C LEU A 610 -10.18 47.47 37.81
N GLN A 611 -9.23 46.69 37.30
CA GLN A 611 -8.11 47.23 36.53
C GLN A 611 -8.42 46.92 35.06
N ASP A 612 -9.24 47.77 34.45
CA ASP A 612 -9.71 47.54 33.09
C ASP A 612 -8.72 48.03 32.04
N LYS A 613 -7.63 48.67 32.45
CA LYS A 613 -6.64 49.24 31.53
C LYS A 613 -5.28 48.63 31.81
N LEU A 614 -4.55 48.29 30.75
CA LEU A 614 -3.16 47.83 30.87
C LEU A 614 -2.41 48.28 29.63
N PRO A 615 -1.52 49.26 29.76
CA PRO A 615 -0.82 49.78 28.58
C PRO A 615 0.17 48.76 28.05
N VAL A 616 -0.17 48.19 26.89
CA VAL A 616 0.71 47.19 26.28
C VAL A 616 1.99 47.81 25.72
N ALA A 617 1.98 49.10 25.40
CA ALA A 617 3.18 49.79 24.96
C ALA A 617 4.08 50.19 26.13
N ASP A 618 3.56 50.17 27.35
CA ASP A 618 4.35 50.47 28.55
C ASP A 618 4.82 49.21 29.25
N ILE A 619 4.48 48.03 28.74
CA ILE A 619 4.99 46.79 29.30
C ILE A 619 6.38 46.55 28.74
N LYS A 620 7.37 46.44 29.63
CA LYS A 620 8.76 46.28 29.20
C LYS A 620 9.02 44.84 28.75
N ALA A 621 8.83 43.89 29.63
CA ALA A 621 9.04 42.47 29.33
C ALA A 621 8.31 41.65 30.39
N VAL A 622 8.38 40.33 30.26
CA VAL A 622 7.77 39.40 31.20
C VAL A 622 8.86 38.47 31.69
N VAL A 623 9.30 38.67 32.94
CA VAL A 623 10.32 37.80 33.51
C VAL A 623 9.71 36.44 33.82
N THR A 624 10.42 35.39 33.42
CA THR A 624 9.99 34.01 33.64
C THR A 624 11.02 33.30 34.50
N GLY A 625 10.56 32.72 35.61
CA GLY A 625 11.45 32.02 36.51
C GLY A 625 11.53 32.64 37.89
N LYS A 626 12.75 32.69 38.44
CA LYS A 626 12.98 33.12 39.80
C LYS A 626 13.20 34.63 39.93
N ASP A 627 13.14 35.38 38.83
CA ASP A 627 13.33 36.82 38.88
C ASP A 627 12.06 37.59 39.20
N CYS A 628 10.95 36.89 39.43
CA CYS A 628 9.70 37.55 39.76
C CYS A 628 9.79 38.17 41.16
N PRO A 629 9.54 39.47 41.30
CA PRO A 629 9.68 40.10 42.62
C PRO A 629 8.77 39.52 43.69
N HIS A 630 7.58 39.06 43.33
CA HIS A 630 6.63 38.58 44.33
C HIS A 630 7.10 37.29 45.00
N MET A 631 8.00 36.54 44.38
CA MET A 631 8.55 35.34 45.00
C MET A 631 9.69 35.64 45.96
N LYS A 632 10.10 36.89 46.09
CA LYS A 632 11.26 37.27 46.89
C LYS A 632 10.89 37.89 48.23
N GLU A 633 9.67 37.65 48.71
CA GLU A 633 9.25 38.20 50.00
C GLU A 633 9.89 37.41 51.14
N LYS A 634 10.40 38.14 52.13
CA LYS A 634 11.00 37.55 53.32
C LYS A 634 10.15 37.75 54.56
N GLY A 635 8.87 38.10 54.40
CA GLY A 635 8.00 38.33 55.53
C GLY A 635 7.09 37.16 55.85
N ALA A 636 5.82 37.27 55.46
CA ALA A 636 4.83 36.25 55.77
C ALA A 636 4.10 35.69 54.57
N LEU A 637 4.24 36.29 53.38
CA LEU A 637 3.49 35.86 52.20
C LEU A 637 4.33 35.02 51.25
N LYS A 638 5.21 34.17 51.77
CA LYS A 638 6.03 33.31 50.92
C LYS A 638 5.16 32.28 50.20
N GLN A 639 5.48 32.04 48.93
CA GLN A 639 4.79 31.05 48.12
C GLN A 639 5.47 29.70 48.21
N ASN A 640 4.78 28.68 47.74
CA ASN A 640 5.32 27.32 47.77
C ASN A 640 6.43 27.16 46.77
N LYS A 641 7.30 26.18 47.03
CA LYS A 641 8.28 25.75 46.03
C LYS A 641 7.62 24.98 44.90
N GLU A 642 6.41 24.48 45.13
CA GLU A 642 5.66 23.74 44.10
C GLU A 642 5.25 24.62 42.93
N VAL A 643 5.10 25.93 43.14
CA VAL A 643 4.69 26.84 42.08
C VAL A 643 5.90 27.51 41.42
N LEU A 644 7.10 26.93 41.60
CA LEU A 644 8.28 27.45 40.93
C LEU A 644 8.15 27.34 39.41
N GLU A 645 7.37 26.39 38.93
CA GLU A 645 7.07 26.25 37.51
C GLU A 645 5.87 27.08 37.09
N LEU A 646 5.28 27.85 37.99
CA LEU A 646 4.04 28.59 37.73
C LEU A 646 4.21 30.08 38.01
N ALA A 647 5.39 30.63 37.73
CA ALA A 647 5.69 32.03 38.05
C ALA A 647 5.89 32.82 36.76
N PHE A 648 5.19 33.96 36.66
CA PHE A 648 5.37 34.88 35.54
C PHE A 648 4.72 36.21 35.91
N SER A 649 5.44 37.31 35.70
CA SER A 649 5.02 38.62 36.14
C SER A 649 5.07 39.61 34.99
N ILE A 650 4.02 40.43 34.86
CA ILE A 650 3.99 41.51 33.87
C ILE A 650 4.51 42.76 34.56
N LEU A 651 5.77 43.10 34.28
CA LEU A 651 6.41 44.23 34.96
C LEU A 651 6.12 45.53 34.23
N TYR A 652 5.78 46.57 34.98
CA TYR A 652 5.65 47.91 34.44
C TYR A 652 5.80 48.91 35.57
N ASP A 653 6.13 50.15 35.21
CA ASP A 653 6.37 51.28 36.11
C ASP A 653 7.59 51.07 37.00
N SER A 654 8.30 49.95 36.87
CA SER A 654 9.46 49.58 37.70
C SER A 654 9.10 49.43 39.17
N ASN A 655 7.83 49.58 39.53
CA ASN A 655 7.39 49.43 40.92
C ASN A 655 6.14 48.59 41.09
N CYS A 656 5.31 48.42 40.07
CA CYS A 656 4.11 47.60 40.14
C CYS A 656 4.28 46.36 39.29
N GLN A 657 3.96 45.20 39.87
CA GLN A 657 4.16 43.92 39.21
C GLN A 657 2.84 43.17 39.13
N LEU A 658 2.54 42.63 37.95
CA LEU A 658 1.33 41.83 37.72
C LEU A 658 1.74 40.37 37.76
N ASN A 659 1.71 39.79 38.95
CA ASN A 659 2.12 38.40 39.17
C ASN A 659 0.88 37.51 39.12
N PHE A 660 0.93 36.47 38.31
CA PHE A 660 -0.22 35.60 38.06
C PHE A 660 0.14 34.15 38.35
N ILE A 661 -0.88 33.36 38.64
CA ILE A 661 -0.73 31.96 39.02
C ILE A 661 -1.45 31.08 37.99
N ALA A 662 -0.74 30.02 37.51
CA ALA A 662 -1.20 29.09 36.49
C ALA A 662 -1.58 27.75 37.11
N PRO A 663 -2.56 27.05 36.53
CA PRO A 663 -2.92 25.71 37.02
C PRO A 663 -1.82 24.68 36.83
N ASP A 664 -1.28 24.57 35.63
CA ASP A 664 -0.23 23.60 35.34
C ASP A 664 0.69 24.17 34.27
N LYS A 665 1.52 23.31 33.68
CA LYS A 665 2.62 23.79 32.83
C LYS A 665 2.11 24.30 31.48
N HIS A 666 1.22 23.57 30.83
CA HIS A 666 0.86 23.89 29.46
C HIS A 666 0.12 25.22 29.37
N GLU A 667 -0.74 25.52 30.35
CA GLU A 667 -1.43 26.79 30.35
C GLU A 667 -0.48 27.96 30.57
N TYR A 668 0.52 27.79 31.45
CA TYR A 668 1.53 28.82 31.63
C TYR A 668 2.34 29.02 30.36
N CYS A 669 2.65 27.92 29.66
CA CYS A 669 3.36 28.04 28.39
C CYS A 669 2.52 28.82 27.37
N ILE A 670 1.22 28.54 27.33
CA ILE A 670 0.31 29.30 26.46
C ILE A 670 0.35 30.78 26.82
N TRP A 671 0.28 31.09 28.11
CA TRP A 671 0.24 32.48 28.54
C TRP A 671 1.54 33.21 28.21
N THR A 672 2.69 32.56 28.45
CA THR A 672 3.95 33.22 28.16
C THR A 672 4.16 33.38 26.65
N ASP A 673 3.69 32.42 25.85
CA ASP A 673 3.73 32.59 24.40
C ASP A 673 2.86 33.76 23.96
N GLY A 674 1.67 33.90 24.56
CA GLY A 674 0.82 35.04 24.24
C GLY A 674 1.47 36.36 24.62
N LEU A 675 2.09 36.41 25.79
CA LEU A 675 2.77 37.63 26.22
C LEU A 675 3.92 37.98 25.31
N ASN A 676 4.70 36.99 24.90
CA ASN A 676 5.81 37.36 23.98
C ASN A 676 5.22 37.78 22.65
N ALA A 677 4.18 37.10 22.17
CA ALA A 677 3.56 37.56 20.94
C ALA A 677 3.12 39.01 21.04
N LEU A 678 2.59 39.41 22.20
CA LEU A 678 2.36 40.83 22.46
C LEU A 678 3.65 41.62 22.36
N LEU A 679 4.76 41.03 22.81
CA LEU A 679 6.09 41.62 22.65
C LEU A 679 6.68 41.35 21.27
N GLY A 680 6.03 40.51 20.47
CA GLY A 680 6.53 40.21 19.13
C GLY A 680 7.86 39.49 19.09
N LYS A 681 8.07 38.52 19.98
CA LYS A 681 9.32 37.76 20.05
C LYS A 681 9.04 36.28 19.78
N ASP A 682 10.08 35.47 19.96
CA ASP A 682 9.95 34.04 19.78
C ASP A 682 9.16 33.42 20.92
N MET A 683 8.71 32.19 20.70
CA MET A 683 7.87 31.48 21.66
C MET A 683 8.73 30.69 22.64
N MET A 684 8.16 30.43 23.82
CA MET A 684 8.82 29.71 24.90
C MET A 684 7.91 28.61 25.44
N SER A 685 7.36 27.81 24.53
CA SER A 685 6.48 26.71 24.91
C SER A 685 6.89 25.43 24.19
N ASP A 686 7.04 24.35 24.95
CA ASP A 686 7.32 23.05 24.35
C ASP A 686 6.17 22.62 23.45
N LEU A 687 4.93 22.95 23.84
CA LEU A 687 3.78 22.68 22.98
C LEU A 687 3.89 23.43 21.66
N THR A 688 4.33 24.69 21.72
CA THR A 688 4.55 25.45 20.49
C THR A 688 5.61 24.78 19.63
N ARG A 689 6.74 24.38 20.23
CA ARG A 689 7.72 23.59 19.50
C ARG A 689 7.12 22.27 19.04
N ASN A 690 6.30 21.65 19.89
CA ASN A 690 5.55 20.47 19.46
C ASN A 690 4.65 20.81 18.29
N ASP A 691 4.02 21.99 18.31
CA ASP A 691 3.17 22.40 17.19
C ASP A 691 3.98 22.96 16.04
N LEU A 692 5.14 23.58 16.33
CA LEU A 692 5.92 24.19 15.27
C LEU A 692 6.42 23.16 14.27
N ASP A 693 6.89 22.01 14.76
CA ASP A 693 7.44 21.00 13.85
C ASP A 693 6.36 20.45 12.93
N THR A 694 5.21 20.04 13.48
CA THR A 694 4.19 19.40 12.67
C THR A 694 3.58 20.36 11.65
N LEU A 695 3.29 21.60 12.04
CA LEU A 695 2.69 22.55 11.12
C LEU A 695 3.56 22.74 9.89
N LEU A 696 4.85 22.97 10.10
CA LEU A 696 5.78 23.00 8.97
C LEU A 696 5.82 21.65 8.28
N SER A 697 5.84 20.57 9.06
CA SER A 697 5.84 19.23 8.48
C SER A 697 4.57 19.01 7.67
N MET A 698 3.42 19.41 8.21
CA MET A 698 2.17 19.26 7.47
C MET A 698 2.17 20.08 6.18
N GLU A 699 2.67 21.32 6.25
CA GLU A 699 2.69 22.16 5.05
C GLU A 699 3.58 21.56 3.98
N ILE A 700 4.79 21.14 4.34
CA ILE A 700 5.69 20.59 3.34
C ILE A 700 5.21 19.21 2.88
N LYS A 701 4.56 18.46 3.75
CA LYS A 701 3.94 17.21 3.34
C LYS A 701 2.86 17.45 2.31
N LEU A 702 2.13 18.55 2.46
CA LEU A 702 1.16 18.95 1.44
C LEU A 702 1.86 19.30 0.13
N ARG A 703 2.94 20.08 0.23
CA ARG A 703 3.56 20.64 -0.97
C ARG A 703 4.42 19.62 -1.73
N LEU A 704 4.85 18.54 -1.09
CA LEU A 704 5.75 17.59 -1.73
C LEU A 704 5.07 16.74 -2.80
N LEU A 705 3.74 16.78 -2.90
CA LEU A 705 3.05 15.93 -3.87
C LEU A 705 3.39 16.31 -5.29
N ASP A 706 3.68 17.59 -5.54
CA ASP A 706 4.06 18.02 -6.88
C ASP A 706 5.36 17.36 -7.33
N LEU A 707 6.27 17.11 -6.40
CA LEU A 707 7.56 16.50 -6.71
C LEU A 707 7.55 14.99 -6.53
N GLU A 708 6.40 14.38 -6.22
CA GLU A 708 6.34 12.93 -6.12
C GLU A 708 6.61 12.29 -7.48
N ASN A 709 7.23 11.11 -7.46
CA ASN A 709 7.68 10.38 -8.64
C ASN A 709 8.77 11.11 -9.40
N ILE A 710 9.29 12.22 -8.86
CA ILE A 710 10.33 13.00 -9.49
C ILE A 710 11.42 13.28 -8.46
N GLN A 711 12.63 12.82 -8.75
CA GLN A 711 13.75 13.11 -7.86
C GLN A 711 14.15 14.58 -7.95
N ILE A 712 14.53 15.15 -6.82
CA ILE A 712 14.88 16.56 -6.71
C ILE A 712 16.40 16.68 -6.80
N PRO A 713 16.95 17.34 -7.82
CA PRO A 713 18.40 17.49 -7.90
C PRO A 713 18.93 18.32 -6.74
N ASP A 714 20.16 17.99 -6.32
CA ASP A 714 20.81 18.67 -5.21
C ASP A 714 21.51 19.94 -5.64
N ALA A 715 22.27 19.88 -6.74
CA ALA A 715 22.97 21.05 -7.23
C ALA A 715 21.97 22.06 -7.80
N PRO A 716 22.28 23.36 -7.70
CA PRO A 716 21.37 24.37 -8.26
C PRO A 716 21.33 24.28 -9.78
N PRO A 717 20.13 24.26 -10.37
CA PRO A 717 20.05 24.21 -11.82
C PRO A 717 20.62 25.48 -12.43
N PRO A 718 21.17 25.39 -13.63
CA PRO A 718 21.77 26.57 -14.26
C PRO A 718 20.75 27.61 -14.68
N ILE A 719 21.21 28.71 -15.26
CA ILE A 719 20.33 29.76 -15.75
C ILE A 719 20.50 29.86 -17.26
N PRO A 720 19.66 29.21 -18.05
CA PRO A 720 19.83 29.25 -19.50
C PRO A 720 19.55 30.64 -20.06
N LYS A 721 20.16 30.91 -21.21
CA LYS A 721 20.04 32.21 -21.85
C LYS A 721 18.60 32.50 -22.25
N GLU A 722 18.23 33.77 -22.20
CA GLU A 722 16.91 34.23 -22.60
C GLU A 722 17.06 35.34 -23.64
N PRO A 723 16.12 35.45 -24.57
CA PRO A 723 16.12 36.59 -25.49
C PRO A 723 15.98 37.90 -24.73
N SER A 724 16.66 38.94 -25.22
CA SER A 724 16.58 40.24 -24.57
C SER A 724 15.23 40.91 -24.82
N ASN A 725 14.63 40.67 -25.97
CA ASN A 725 13.37 41.31 -26.33
C ASN A 725 12.20 40.67 -25.62
N TYR A 726 11.14 41.47 -25.39
CA TYR A 726 9.89 41.01 -24.80
C TYR A 726 8.81 40.78 -25.85
N ASP A 727 9.19 40.40 -27.06
CA ASP A 727 8.21 40.21 -28.13
C ASP A 727 7.34 39.00 -27.83
N PHE A 728 6.03 39.20 -27.88
CA PHE A 728 5.05 38.15 -27.58
C PHE A 728 4.47 37.62 -28.89
N VAL A 729 4.89 36.43 -29.29
CA VAL A 729 4.25 35.76 -30.42
C VAL A 729 2.80 35.45 -30.10
N TYR A 730 2.54 34.95 -28.89
CA TYR A 730 1.20 34.73 -28.38
C TYR A 730 0.88 35.83 -27.37
N ASP A 731 -0.27 36.46 -27.54
CA ASP A 731 -0.64 37.57 -26.67
C ASP A 731 -0.85 37.10 -25.24
N CYS A 732 -0.44 37.95 -24.29
CA CYS A 732 -0.55 37.62 -22.88
C CYS A 732 -2.02 37.66 -22.45
N ASN A 733 -2.25 37.30 -21.19
CA ASN A 733 -3.58 37.29 -20.59
C ASN A 733 -4.54 36.38 -21.34
N MET B 7 13.31 36.93 -23.42
CA MET B 7 12.02 36.27 -23.19
C MET B 7 11.12 36.40 -24.43
N ALA B 8 11.60 35.89 -25.54
CA ALA B 8 10.86 35.85 -26.79
C ALA B 8 10.65 34.40 -27.22
N ARG B 9 10.01 34.22 -28.38
CA ARG B 9 9.76 32.90 -28.96
C ARG B 9 8.95 32.02 -28.01
N TRP B 10 7.72 32.46 -27.73
CA TRP B 10 6.79 31.73 -26.88
C TRP B 10 5.66 31.21 -27.75
N ILE B 11 5.41 29.90 -27.66
CA ILE B 11 4.46 29.20 -28.53
C ILE B 11 3.35 28.65 -27.65
N PRO B 12 2.09 28.78 -28.04
CA PRO B 12 1.02 28.12 -27.27
C PRO B 12 1.19 26.61 -27.28
N THR B 13 0.97 25.99 -26.12
CA THR B 13 1.08 24.54 -25.98
C THR B 13 0.22 24.11 -24.81
N LYS B 14 -0.33 22.90 -24.90
CA LYS B 14 -1.18 22.35 -23.86
C LYS B 14 -0.57 21.12 -23.21
N ARG B 15 0.72 20.84 -23.46
CA ARG B 15 1.40 19.68 -22.92
C ARG B 15 2.34 20.03 -21.77
N GLN B 16 2.06 21.13 -21.06
CA GLN B 16 2.92 21.55 -19.96
C GLN B 16 2.11 22.06 -18.76
N LYS B 17 0.84 21.66 -18.64
CA LYS B 17 -0.01 22.15 -17.56
C LYS B 17 0.55 21.79 -16.19
N TYR B 18 1.26 20.68 -16.07
CA TYR B 18 1.83 20.23 -14.81
C TYR B 18 3.29 20.66 -14.77
N GLY B 19 3.51 21.91 -14.38
CA GLY B 19 4.87 22.42 -14.25
C GLY B 19 5.46 22.14 -12.89
N VAL B 20 6.28 21.09 -12.81
CA VAL B 20 6.86 20.64 -11.56
C VAL B 20 8.11 21.45 -11.27
N ALA B 21 8.19 22.01 -10.06
CA ALA B 21 9.34 22.80 -9.64
C ALA B 21 10.42 21.87 -9.10
N ILE B 22 11.47 22.45 -8.53
CA ILE B 22 12.55 21.69 -7.92
C ILE B 22 12.69 22.08 -6.45
N TYR B 23 12.98 23.35 -6.21
CA TYR B 23 13.05 23.89 -4.86
C TYR B 23 12.83 25.40 -4.96
N ASN B 24 13.10 26.13 -3.88
CA ASN B 24 12.90 27.57 -3.86
C ASN B 24 13.74 28.25 -4.93
N TYR B 25 13.07 28.86 -5.91
CA TYR B 25 13.77 29.50 -7.01
C TYR B 25 14.45 30.78 -6.55
N ASN B 26 15.50 31.18 -7.27
CA ASN B 26 16.27 32.35 -6.91
C ASN B 26 15.45 33.62 -7.13
N ALA B 27 15.88 34.71 -6.49
CA ALA B 27 15.25 36.01 -6.62
C ALA B 27 15.80 36.84 -7.76
N SER B 28 16.37 36.20 -8.78
CA SER B 28 16.91 36.94 -9.92
C SER B 28 15.82 37.69 -10.67
N GLN B 29 14.64 37.07 -10.81
CA GLN B 29 13.50 37.72 -11.43
C GLN B 29 12.58 38.27 -10.35
N ASP B 30 12.09 39.50 -10.56
CA ASP B 30 11.16 40.10 -9.62
C ASP B 30 9.86 39.30 -9.53
N VAL B 31 9.36 38.83 -10.67
CA VAL B 31 8.14 38.02 -10.67
C VAL B 31 8.36 36.65 -10.05
N GLU B 32 9.60 36.17 -10.03
CA GLU B 32 9.91 34.86 -9.48
C GLU B 32 10.29 34.98 -8.00
N LEU B 33 9.79 34.05 -7.21
CA LEU B 33 10.04 34.07 -5.77
C LEU B 33 10.63 32.75 -5.31
N SER B 34 10.75 32.58 -3.99
CA SER B 34 11.14 31.29 -3.43
C SER B 34 9.98 30.32 -3.57
N LEU B 35 9.82 29.74 -4.75
CA LEU B 35 8.65 28.94 -5.05
C LEU B 35 8.59 27.71 -4.15
N GLN B 36 7.38 27.37 -3.72
CA GLN B 36 7.18 26.22 -2.83
C GLN B 36 7.24 24.93 -3.64
N ILE B 37 7.21 23.80 -2.91
CA ILE B 37 7.33 22.50 -3.54
C ILE B 37 6.13 22.22 -4.44
N GLY B 38 4.93 22.52 -3.94
CA GLY B 38 3.72 22.30 -4.71
C GLY B 38 3.32 23.48 -5.57
N ASP B 39 4.31 24.11 -6.21
CA ASP B 39 4.05 25.27 -7.08
C ASP B 39 4.02 24.78 -8.53
N THR B 40 2.88 24.18 -8.90
CA THR B 40 2.67 23.79 -10.28
C THR B 40 2.32 25.01 -11.11
N VAL B 41 3.11 25.26 -12.15
CA VAL B 41 2.94 26.42 -13.01
C VAL B 41 2.10 25.99 -14.21
N HIS B 42 0.93 26.62 -14.36
CA HIS B 42 0.06 26.37 -15.51
C HIS B 42 0.56 27.23 -16.66
N ILE B 43 1.54 26.70 -17.37
CA ILE B 43 2.23 27.45 -18.42
C ILE B 43 1.40 27.43 -19.70
N LEU B 44 1.27 28.59 -20.33
CA LEU B 44 0.60 28.71 -21.61
C LEU B 44 1.54 29.16 -22.73
N GLU B 45 2.84 29.22 -22.46
CA GLU B 45 3.83 29.65 -23.44
C GLU B 45 4.99 28.67 -23.45
N MET B 46 5.53 28.42 -24.63
CA MET B 46 6.58 27.42 -24.83
C MET B 46 7.84 28.08 -25.36
N TYR B 47 8.96 27.83 -24.68
CA TYR B 47 10.26 28.31 -25.14
C TYR B 47 11.27 27.20 -24.92
N GLU B 48 12.38 27.28 -25.66
CA GLU B 48 13.37 26.20 -25.67
C GLU B 48 13.98 25.99 -24.30
N GLY B 49 14.29 27.06 -23.58
CA GLY B 49 14.98 26.92 -22.31
C GLY B 49 14.29 27.57 -21.12
N TRP B 50 13.11 28.17 -21.34
CA TRP B 50 12.41 28.87 -20.28
C TRP B 50 10.91 28.67 -20.43
N TYR B 51 10.19 28.87 -19.33
CA TYR B 51 8.74 28.73 -19.30
C TYR B 51 8.16 29.80 -18.40
N ARG B 52 7.25 30.61 -18.93
CA ARG B 52 6.51 31.60 -18.15
C ARG B 52 5.03 31.23 -18.16
N GLY B 53 4.45 31.08 -16.98
CA GLY B 53 3.06 30.68 -16.86
C GLY B 53 2.50 31.14 -15.53
N TYR B 54 1.34 30.57 -15.19
CA TYR B 54 0.63 30.97 -13.98
C TYR B 54 0.89 29.96 -12.87
N THR B 55 1.45 30.44 -11.75
CA THR B 55 1.66 29.59 -10.59
C THR B 55 0.33 29.33 -9.89
N LEU B 56 0.30 28.22 -9.13
CA LEU B 56 -0.93 27.84 -8.45
C LEU B 56 -1.33 28.86 -7.39
N GLN B 57 -0.36 29.38 -6.63
CA GLN B 57 -0.70 30.32 -5.56
C GLN B 57 -1.26 31.62 -6.12
N ASN B 58 -0.67 32.12 -7.21
CA ASN B 58 -1.11 33.37 -7.85
C ASN B 58 -1.33 33.07 -9.33
N LYS B 59 -2.58 32.78 -9.70
CA LYS B 59 -2.92 32.51 -11.09
C LYS B 59 -2.96 33.77 -11.94
N SER B 60 -2.87 34.95 -11.33
CA SER B 60 -2.91 36.21 -12.06
C SER B 60 -1.55 36.82 -12.28
N LYS B 61 -0.47 36.17 -11.83
CA LYS B 61 0.87 36.69 -11.96
C LYS B 61 1.73 35.68 -12.72
N LYS B 62 2.42 36.15 -13.75
CA LYS B 62 3.29 35.29 -14.53
C LYS B 62 4.66 35.20 -13.88
N GLY B 63 5.36 34.10 -14.18
CA GLY B 63 6.73 33.93 -13.74
C GLY B 63 7.53 33.07 -14.71
N ILE B 64 8.66 33.59 -15.18
CA ILE B 64 9.48 32.90 -16.17
C ILE B 64 10.38 31.90 -15.44
N PHE B 65 10.30 30.63 -15.84
CA PHE B 65 10.99 29.56 -15.15
C PHE B 65 11.88 28.80 -16.12
N PRO B 66 13.12 28.48 -15.73
CA PRO B 66 14.03 27.80 -16.66
C PRO B 66 13.56 26.39 -17.00
N GLU B 67 13.97 25.92 -18.17
CA GLU B 67 13.69 24.54 -18.55
C GLU B 67 14.37 23.56 -17.62
N THR B 68 15.61 23.87 -17.21
CA THR B 68 16.31 23.02 -16.25
C THR B 68 15.59 23.00 -14.90
N TYR B 69 14.80 24.04 -14.61
CA TYR B 69 13.99 24.06 -13.40
C TYR B 69 12.62 23.41 -13.60
N ILE B 70 12.27 23.06 -14.83
CA ILE B 70 10.97 22.49 -15.15
C ILE B 70 11.15 21.02 -15.52
N HIS B 71 10.45 20.14 -14.81
CA HIS B 71 10.43 18.73 -15.16
C HIS B 71 9.39 18.51 -16.26
N LEU B 72 9.80 17.89 -17.35
CA LEU B 72 8.93 17.69 -18.50
C LEU B 72 7.75 16.80 -18.13
N LYS B 73 6.55 17.37 -18.13
CA LYS B 73 5.31 16.64 -17.84
C LYS B 73 4.33 16.92 -18.97
N GLU B 74 4.35 16.08 -19.99
CA GLU B 74 3.38 16.18 -21.08
C GLU B 74 1.97 15.86 -20.63
N ALA B 75 1.80 15.21 -19.48
CA ALA B 75 0.48 14.83 -19.01
C ALA B 75 -0.38 16.06 -18.73
N THR B 76 -1.66 15.96 -19.07
CA THR B 76 -2.65 16.98 -18.77
C THR B 76 -3.53 16.51 -17.63
N VAL B 77 -4.55 17.30 -17.29
CA VAL B 77 -5.50 16.86 -16.27
C VAL B 77 -6.23 15.60 -16.75
N GLU B 78 -6.53 15.53 -18.05
CA GLU B 78 -7.02 14.29 -18.64
C GLU B 78 -5.84 13.37 -18.90
N ASP B 79 -5.76 12.28 -18.14
CA ASP B 79 -4.60 11.41 -18.15
C ASP B 79 -4.77 10.19 -19.05
N LEU B 80 -5.90 10.08 -19.75
CA LEU B 80 -6.13 8.98 -20.68
C LEU B 80 -5.91 9.37 -22.13
N GLY B 81 -6.15 10.64 -22.47
CA GLY B 81 -5.92 11.07 -23.85
C GLY B 81 -4.48 10.93 -24.27
N GLN B 82 -3.55 11.13 -23.35
CA GLN B 82 -2.13 10.95 -23.60
C GLN B 82 -1.61 9.63 -23.05
N HIS B 83 -2.50 8.78 -22.52
CA HIS B 83 -2.14 7.46 -21.99
C HIS B 83 -1.09 7.55 -20.88
N GLU B 84 -1.16 8.62 -20.08
CA GLU B 84 -0.21 8.77 -18.97
C GLU B 84 -0.50 7.78 -17.84
N THR B 85 -1.75 7.35 -17.69
CA THR B 85 -2.14 6.49 -16.59
C THR B 85 -1.34 5.19 -16.60
N VAL B 86 -0.80 4.83 -15.44
CA VAL B 86 -0.20 3.50 -15.28
C VAL B 86 -1.28 2.43 -15.42
N ILE B 87 -2.49 2.72 -14.94
CA ILE B 87 -3.66 1.89 -15.15
C ILE B 87 -4.85 2.82 -15.38
N PRO B 88 -5.70 2.55 -16.37
CA PRO B 88 -6.81 3.47 -16.66
C PRO B 88 -7.74 3.61 -15.47
N GLY B 89 -8.26 4.83 -15.29
CA GLY B 89 -9.21 5.10 -14.22
C GLY B 89 -8.59 5.26 -12.86
N GLU B 90 -7.33 5.68 -12.77
CA GLU B 90 -6.66 5.85 -11.48
C GLU B 90 -6.11 7.25 -11.28
N LEU B 91 -5.55 7.87 -12.31
CA LEU B 91 -4.95 9.19 -12.19
C LEU B 91 -5.99 10.30 -11.97
N PRO B 92 -7.20 10.19 -12.53
CA PRO B 92 -8.26 11.11 -12.08
C PRO B 92 -8.48 11.05 -10.57
N LEU B 93 -8.36 9.87 -9.98
CA LEU B 93 -8.45 9.76 -8.52
C LEU B 93 -7.31 10.53 -7.85
N VAL B 94 -6.10 10.43 -8.40
CA VAL B 94 -4.99 11.13 -7.76
C VAL B 94 -5.15 12.64 -7.91
N GLN B 95 -5.69 13.11 -9.02
CA GLN B 95 -5.83 14.57 -9.18
C GLN B 95 -6.98 15.11 -8.33
N GLU B 96 -8.09 14.36 -8.22
CA GLU B 96 -9.12 14.79 -7.28
C GLU B 96 -8.63 14.72 -5.84
N LEU B 97 -7.71 13.79 -5.55
CA LEU B 97 -7.10 13.75 -4.22
C LEU B 97 -6.21 14.97 -3.99
N THR B 98 -5.50 15.42 -5.03
CA THR B 98 -4.73 16.65 -4.92
C THR B 98 -5.64 17.83 -4.63
N SER B 99 -6.77 17.91 -5.33
CA SER B 99 -7.75 18.96 -5.02
C SER B 99 -8.26 18.84 -3.59
N THR B 100 -8.51 17.61 -3.15
CA THR B 100 -8.95 17.38 -1.78
C THR B 100 -7.94 17.90 -0.78
N LEU B 101 -6.65 17.66 -1.02
CA LEU B 101 -5.63 18.13 -0.09
C LEU B 101 -5.44 19.64 -0.17
N ARG B 102 -5.63 20.22 -1.36
CA ARG B 102 -5.61 21.68 -1.45
C ARG B 102 -6.77 22.28 -0.66
N GLU B 103 -7.86 21.53 -0.53
CA GLU B 103 -8.92 21.94 0.40
C GLU B 103 -8.52 21.68 1.85
N TRP B 104 -7.83 20.57 2.10
CA TRP B 104 -7.28 20.30 3.42
C TRP B 104 -6.44 21.47 3.92
N ALA B 105 -5.79 22.17 2.98
CA ALA B 105 -5.03 23.36 3.33
C ALA B 105 -5.89 24.38 4.07
N VAL B 106 -6.98 24.84 3.43
CA VAL B 106 -7.88 25.77 4.08
C VAL B 106 -8.57 25.13 5.28
N ILE B 107 -8.69 23.80 5.30
CA ILE B 107 -9.28 23.13 6.45
C ILE B 107 -8.43 23.35 7.69
N TRP B 108 -7.16 22.94 7.64
CA TRP B 108 -6.30 23.12 8.80
C TRP B 108 -5.99 24.59 9.03
N ARG B 109 -6.11 25.43 8.00
CA ARG B 109 -6.03 26.87 8.22
C ARG B 109 -7.17 27.36 9.10
N LYS B 110 -8.38 26.87 8.86
CA LYS B 110 -9.53 27.23 9.69
C LYS B 110 -9.66 26.35 10.93
N LEU B 111 -8.94 25.23 10.98
CA LEU B 111 -8.99 24.34 12.13
C LEU B 111 -8.35 24.93 13.37
N TYR B 112 -7.48 25.92 13.24
CA TYR B 112 -6.79 26.49 14.40
C TYR B 112 -7.51 27.66 15.01
N VAL B 113 -8.52 28.22 14.33
CA VAL B 113 -9.29 29.32 14.91
C VAL B 113 -10.02 28.85 16.17
N ASN B 114 -10.49 27.61 16.16
CA ASN B 114 -11.19 27.03 17.29
C ASN B 114 -10.48 25.76 17.72
N ASN B 115 -10.31 25.59 19.03
CA ASN B 115 -9.68 24.39 19.56
C ASN B 115 -10.57 23.18 19.31
N LYS B 116 -10.10 22.28 18.45
CA LYS B 116 -10.84 21.06 18.13
C LYS B 116 -9.97 19.85 18.45
N LEU B 117 -9.40 19.83 19.66
CA LEU B 117 -8.29 18.94 19.99
C LEU B 117 -8.59 17.49 19.63
N THR B 118 -9.74 16.97 20.05
CA THR B 118 -10.10 15.60 19.69
C THR B 118 -10.31 15.48 18.18
N LEU B 119 -11.10 16.38 17.61
CA LEU B 119 -11.31 16.38 16.17
C LEU B 119 -10.00 16.60 15.43
N PHE B 120 -9.17 17.51 15.93
CA PHE B 120 -7.90 17.80 15.27
C PHE B 120 -6.98 16.59 15.28
N ARG B 121 -6.88 15.89 16.41
CA ARG B 121 -5.99 14.74 16.49
C ARG B 121 -6.49 13.58 15.63
N GLN B 122 -7.80 13.29 15.67
CA GLN B 122 -8.32 12.24 14.81
C GLN B 122 -8.19 12.60 13.34
N LEU B 123 -8.34 13.89 13.02
CA LEU B 123 -8.11 14.35 11.66
C LEU B 123 -6.64 14.17 11.26
N GLN B 124 -5.72 14.41 12.20
CA GLN B 124 -4.31 14.16 11.93
C GLN B 124 -4.07 12.70 11.60
N GLN B 125 -4.66 11.80 12.39
CA GLN B 125 -4.50 10.37 12.13
C GLN B 125 -5.08 9.99 10.76
N MET B 126 -6.27 10.49 10.45
CA MET B 126 -6.92 10.15 9.19
C MET B 126 -6.12 10.68 8.00
N THR B 127 -5.64 11.92 8.07
CA THR B 127 -4.86 12.46 6.97
C THR B 127 -3.49 11.79 6.87
N TYR B 128 -2.94 11.34 8.00
CA TYR B 128 -1.72 10.54 7.96
C TYR B 128 -1.95 9.27 7.15
N SER B 129 -3.01 8.53 7.48
CA SER B 129 -3.32 7.33 6.71
C SER B 129 -3.61 7.67 5.25
N LEU B 130 -4.22 8.83 5.01
CA LEU B 130 -4.53 9.27 3.65
C LEU B 130 -3.26 9.45 2.83
N ILE B 131 -2.30 10.22 3.35
CA ILE B 131 -1.06 10.44 2.61
C ILE B 131 -0.26 9.15 2.51
N GLU B 132 -0.31 8.30 3.55
CA GLU B 132 0.36 7.00 3.47
C GLU B 132 -0.17 6.19 2.29
N TRP B 133 -1.49 6.10 2.17
CA TRP B 133 -2.08 5.31 1.09
C TRP B 133 -1.85 5.97 -0.27
N ARG B 134 -1.82 7.31 -0.31
CA ARG B 134 -1.51 7.97 -1.57
C ARG B 134 -0.09 7.63 -2.03
N SER B 135 0.89 7.71 -1.11
CA SER B 135 2.25 7.32 -1.48
C SER B 135 2.32 5.85 -1.85
N GLN B 136 1.52 5.01 -1.18
CA GLN B 136 1.49 3.59 -1.49
C GLN B 136 1.00 3.34 -2.91
N ILE B 137 -0.06 4.04 -3.32
CA ILE B 137 -0.66 3.83 -4.64
C ILE B 137 -0.20 4.89 -5.63
N LEU B 138 0.94 5.55 -5.38
CA LEU B 138 1.52 6.43 -6.37
C LEU B 138 1.83 5.68 -7.66
N SER B 139 2.12 4.39 -7.57
CA SER B 139 2.35 3.53 -8.73
C SER B 139 1.36 2.39 -8.70
N GLY B 140 0.56 2.26 -9.75
CA GLY B 140 -0.45 1.22 -9.80
C GLY B 140 0.03 -0.07 -10.43
N THR B 141 0.28 -1.08 -9.59
CA THR B 141 0.76 -2.38 -10.07
C THR B 141 0.11 -3.53 -9.31
N LEU B 142 -1.15 -3.36 -8.90
CA LEU B 142 -1.86 -4.33 -8.09
C LEU B 142 -3.10 -4.81 -8.81
N PRO B 143 -3.62 -5.98 -8.46
CA PRO B 143 -4.85 -6.47 -9.10
C PRO B 143 -6.04 -5.56 -8.81
N LYS B 144 -7.06 -5.67 -9.66
CA LYS B 144 -8.17 -4.73 -9.65
C LYS B 144 -8.95 -4.76 -8.36
N ASP B 145 -8.99 -5.91 -7.67
CA ASP B 145 -9.74 -6.00 -6.41
C ASP B 145 -9.16 -5.08 -5.36
N GLU B 146 -7.83 -5.07 -5.23
CA GLU B 146 -7.19 -4.20 -4.26
C GLU B 146 -7.43 -2.73 -4.60
N LEU B 147 -7.34 -2.37 -5.88
CA LEU B 147 -7.61 -1.00 -6.29
C LEU B 147 -9.04 -0.59 -5.96
N ALA B 148 -10.00 -1.47 -6.24
CA ALA B 148 -11.39 -1.15 -5.97
C ALA B 148 -11.64 -0.97 -4.47
N GLU B 149 -11.11 -1.88 -3.66
CA GLU B 149 -11.36 -1.76 -2.22
C GLU B 149 -10.67 -0.54 -1.62
N LEU B 150 -9.46 -0.23 -2.10
CA LEU B 150 -8.78 0.96 -1.58
C LEU B 150 -9.48 2.23 -2.00
N LYS B 151 -9.96 2.29 -3.26
CA LYS B 151 -10.72 3.44 -3.69
C LYS B 151 -11.98 3.60 -2.86
N LYS B 152 -12.68 2.50 -2.58
CA LYS B 152 -13.90 2.57 -1.78
C LYS B 152 -13.61 3.09 -0.38
N LYS B 153 -12.61 2.52 0.29
CA LYS B 153 -12.33 2.94 1.65
C LYS B 153 -11.83 4.37 1.72
N VAL B 154 -10.99 4.79 0.75
CA VAL B 154 -10.50 6.15 0.73
C VAL B 154 -11.63 7.13 0.51
N THR B 155 -12.52 6.84 -0.45
CA THR B 155 -13.67 7.70 -0.70
C THR B 155 -14.58 7.76 0.52
N ALA B 156 -14.80 6.62 1.17
CA ALA B 156 -15.65 6.60 2.35
C ALA B 156 -15.08 7.47 3.47
N LYS B 157 -13.78 7.36 3.73
CA LYS B 157 -13.19 8.18 4.77
C LYS B 157 -13.13 9.65 4.36
N ILE B 158 -12.99 9.92 3.07
CA ILE B 158 -13.04 11.30 2.58
C ILE B 158 -14.39 11.92 2.87
N ASP B 159 -15.47 11.20 2.55
CA ASP B 159 -16.81 11.71 2.81
C ASP B 159 -17.08 11.78 4.31
N HIS B 160 -16.48 10.87 5.08
CA HIS B 160 -16.57 10.94 6.53
C HIS B 160 -15.97 12.24 7.06
N GLY B 161 -14.79 12.60 6.55
CA GLY B 161 -14.19 13.87 6.93
C GLY B 161 -15.01 15.05 6.48
N ASN B 162 -15.57 14.98 5.27
CA ASN B 162 -16.40 16.07 4.77
C ASN B 162 -17.61 16.30 5.66
N ARG B 163 -18.28 15.23 6.05
CA ARG B 163 -19.48 15.36 6.86
C ARG B 163 -19.15 15.79 8.29
N MET B 164 -18.12 15.18 8.89
CA MET B 164 -17.78 15.51 10.26
C MET B 164 -17.35 16.96 10.40
N LEU B 165 -16.73 17.52 9.37
CA LEU B 165 -16.46 18.95 9.32
C LEU B 165 -17.53 19.72 8.56
N GLY B 166 -18.56 19.04 8.07
CA GLY B 166 -19.66 19.71 7.40
C GLY B 166 -19.28 20.42 6.11
N LEU B 167 -18.46 19.79 5.29
CA LEU B 167 -18.06 20.36 4.01
C LEU B 167 -18.52 19.45 2.88
N ASP B 168 -18.12 19.83 1.66
CA ASP B 168 -18.64 19.17 0.46
C ASP B 168 -18.06 17.77 0.33
N LEU B 169 -18.93 16.81 0.01
CA LEU B 169 -18.55 15.42 -0.15
C LEU B 169 -18.32 15.12 -1.62
N VAL B 170 -18.14 13.84 -1.96
CA VAL B 170 -17.87 13.41 -3.32
C VAL B 170 -19.13 12.77 -3.90
N VAL B 171 -19.11 12.52 -5.20
CA VAL B 171 -20.20 11.84 -5.89
C VAL B 171 -19.64 10.59 -6.54
N ARG B 172 -20.52 9.75 -7.10
CA ARG B 172 -20.13 8.60 -7.92
C ARG B 172 -19.06 7.76 -7.23
N ASP B 173 -19.49 7.10 -6.14
CA ASP B 173 -18.59 6.39 -5.23
C ASP B 173 -17.52 5.57 -5.94
N ASP B 174 -17.84 5.02 -7.11
CA ASP B 174 -16.93 4.13 -7.83
C ASP B 174 -16.63 4.67 -9.21
N ASN B 175 -15.47 4.26 -9.73
CA ASN B 175 -15.01 4.49 -11.11
C ASN B 175 -15.18 5.95 -11.56
N GLY B 176 -14.44 6.84 -10.90
CA GLY B 176 -14.29 8.19 -11.38
C GLY B 176 -14.67 9.28 -10.39
N ASN B 177 -15.76 9.06 -9.65
CA ASN B 177 -16.23 9.91 -8.57
C ASN B 177 -16.63 11.32 -9.01
N ILE B 178 -16.62 11.61 -10.31
CA ILE B 178 -17.08 12.90 -10.81
C ILE B 178 -18.03 12.66 -11.99
N LEU B 179 -18.50 11.43 -12.15
CA LEU B 179 -19.33 11.06 -13.29
C LEU B 179 -20.78 11.53 -13.16
N ASP B 180 -21.18 12.00 -11.99
CA ASP B 180 -22.57 12.39 -11.74
C ASP B 180 -22.92 13.78 -12.30
N PRO B 181 -22.04 14.80 -12.18
CA PRO B 181 -22.42 16.13 -12.71
C PRO B 181 -22.36 16.22 -14.22
N ASP B 182 -22.31 15.07 -14.91
CA ASP B 182 -22.26 15.02 -16.36
C ASP B 182 -23.65 14.81 -16.97
N GLU B 183 -24.69 15.41 -16.38
CA GLU B 183 -26.08 15.29 -16.81
C GLU B 183 -26.48 13.84 -17.10
N THR B 184 -25.92 12.92 -16.33
CA THR B 184 -26.17 11.50 -16.57
C THR B 184 -27.59 11.12 -16.20
N SER B 185 -27.95 11.27 -14.93
CA SER B 185 -29.29 10.90 -14.47
C SER B 185 -29.57 11.57 -13.14
N THR B 186 -30.52 12.52 -13.13
CA THR B 186 -30.96 13.06 -11.86
C THR B 186 -31.53 11.96 -10.96
N ILE B 187 -32.12 10.93 -11.58
CA ILE B 187 -32.55 9.76 -10.83
C ILE B 187 -31.36 9.12 -10.12
N ALA B 188 -30.36 8.69 -10.90
CA ALA B 188 -29.16 8.11 -10.31
C ALA B 188 -28.46 9.12 -9.41
N LEU B 189 -28.59 10.40 -9.72
CA LEU B 189 -28.07 11.43 -8.82
C LEU B 189 -28.68 11.27 -7.43
N PHE B 190 -30.01 11.23 -7.35
CA PHE B 190 -30.65 11.04 -6.05
C PHE B 190 -30.27 9.71 -5.43
N LYS B 191 -30.20 8.66 -6.25
CA LYS B 191 -29.85 7.35 -5.70
C LYS B 191 -28.50 7.40 -5.02
N ALA B 192 -27.52 8.01 -5.67
CA ALA B 192 -26.22 8.22 -5.05
C ALA B 192 -26.33 9.06 -3.79
N HIS B 193 -27.16 10.11 -3.85
CA HIS B 193 -27.33 10.96 -2.67
C HIS B 193 -27.81 10.15 -1.48
N GLU B 194 -28.87 9.37 -1.66
CA GLU B 194 -29.48 8.67 -0.54
C GLU B 194 -28.60 7.52 -0.07
N VAL B 195 -27.91 6.83 -0.98
CA VAL B 195 -27.03 5.76 -0.53
C VAL B 195 -25.84 6.33 0.23
N ALA B 196 -25.30 7.47 -0.23
CA ALA B 196 -24.23 8.12 0.52
C ALA B 196 -24.72 8.56 1.90
N SER B 197 -25.93 9.11 1.97
CA SER B 197 -26.46 9.56 3.25
C SER B 197 -26.63 8.40 4.22
N LYS B 198 -27.24 7.30 3.76
CA LYS B 198 -27.42 6.16 4.64
C LYS B 198 -26.09 5.53 5.03
N ARG B 199 -25.11 5.55 4.12
CA ARG B 199 -23.78 5.10 4.48
C ARG B 199 -23.18 6.00 5.57
N ILE B 200 -23.40 7.31 5.46
CA ILE B 200 -22.93 8.24 6.48
C ILE B 200 -23.56 7.90 7.83
N GLU B 201 -24.87 7.67 7.84
CA GLU B 201 -25.55 7.34 9.10
C GLU B 201 -25.04 6.03 9.68
N GLU B 202 -24.85 5.02 8.84
CA GLU B 202 -24.35 3.74 9.32
C GLU B 202 -22.93 3.87 9.86
N LYS B 203 -22.08 4.62 9.16
CA LYS B 203 -20.71 4.79 9.63
C LYS B 203 -20.67 5.55 10.95
N ILE B 204 -21.51 6.59 11.10
CA ILE B 204 -21.45 7.37 12.33
C ILE B 204 -22.01 6.56 13.49
N GLN B 205 -23.06 5.76 13.26
CA GLN B 205 -23.57 4.93 14.36
C GLN B 205 -22.59 3.82 14.71
N GLU B 206 -21.91 3.24 13.72
CA GLU B 206 -20.88 2.24 14.01
C GLU B 206 -19.72 2.87 14.78
N GLU B 207 -19.34 4.09 14.41
CA GLU B 207 -18.29 4.80 15.13
C GLU B 207 -18.69 5.07 16.57
N LYS B 208 -19.93 5.51 16.79
CA LYS B 208 -20.40 5.74 18.15
C LYS B 208 -20.42 4.44 18.95
N SER B 209 -20.86 3.34 18.33
CA SER B 209 -20.88 2.06 19.03
C SER B 209 -19.47 1.59 19.36
N ILE B 210 -18.53 1.74 18.42
CA ILE B 210 -17.18 1.25 18.61
C ILE B 210 -16.36 2.14 19.54
N LEU B 211 -16.80 3.39 19.74
CA LEU B 211 -16.13 4.26 20.71
C LEU B 211 -16.26 3.73 22.14
N GLN B 212 -17.28 2.92 22.42
CA GLN B 212 -17.51 2.36 23.74
C GLN B 212 -17.19 0.88 23.82
N ASN B 213 -17.75 0.06 22.93
CA ASN B 213 -17.53 -1.38 22.95
C ASN B 213 -17.23 -1.88 21.54
N LEU B 214 -16.49 -2.98 21.47
CA LEU B 214 -16.10 -3.61 20.22
C LEU B 214 -16.69 -5.02 20.11
N ASP B 215 -17.96 -5.16 20.50
CA ASP B 215 -18.62 -6.46 20.46
C ASP B 215 -19.45 -6.67 19.20
N LEU B 216 -20.04 -5.61 18.66
CA LEU B 216 -20.87 -5.75 17.46
C LEU B 216 -20.05 -6.08 16.22
N ARG B 217 -18.84 -5.53 16.12
CA ARG B 217 -18.04 -5.72 14.91
C ARG B 217 -17.68 -7.18 14.70
N GLY B 218 -17.29 -7.88 15.77
CA GLY B 218 -16.93 -9.29 15.63
C GLY B 218 -18.12 -10.15 15.25
N GLN B 219 -19.26 -9.91 15.88
CA GLN B 219 -20.46 -10.67 15.55
C GLN B 219 -20.88 -10.42 14.10
N SER B 220 -20.82 -9.16 13.64
CA SER B 220 -21.18 -8.85 12.27
C SER B 220 -20.22 -9.53 11.29
N ILE B 221 -18.91 -9.46 11.57
CA ILE B 221 -17.93 -10.07 10.67
C ILE B 221 -18.14 -11.58 10.59
N PHE B 222 -18.38 -12.22 11.75
CA PHE B 222 -18.66 -13.65 11.73
C PHE B 222 -19.97 -13.99 11.04
N SER B 223 -20.96 -13.09 11.10
CA SER B 223 -22.23 -13.33 10.44
C SER B 223 -22.21 -12.97 8.96
N THR B 224 -21.12 -12.36 8.47
CA THR B 224 -21.03 -12.07 7.04
C THR B 224 -21.10 -13.34 6.20
N ILE B 225 -20.37 -14.38 6.61
CA ILE B 225 -20.38 -15.66 5.91
C ILE B 225 -20.55 -16.77 6.94
N HIS B 226 -20.67 -18.01 6.45
CA HIS B 226 -20.88 -19.19 7.28
C HIS B 226 -19.79 -20.22 7.03
N THR B 227 -18.54 -19.77 6.98
CA THR B 227 -17.39 -20.65 6.75
C THR B 227 -16.25 -20.18 7.63
N TYR B 228 -16.03 -20.91 8.72
CA TYR B 228 -14.96 -20.51 9.66
C TYR B 228 -14.02 -21.69 9.95
N GLY B 229 -12.93 -21.40 10.64
CA GLY B 229 -11.92 -22.40 10.94
C GLY B 229 -11.33 -22.22 12.33
N LEU B 230 -10.93 -23.32 12.97
CA LEU B 230 -10.37 -23.28 14.32
C LEU B 230 -8.87 -23.50 14.25
N TYR B 231 -8.12 -22.63 14.91
CA TYR B 231 -6.66 -22.73 14.97
C TYR B 231 -6.22 -22.89 16.42
N VAL B 232 -5.32 -23.84 16.65
CA VAL B 232 -4.84 -24.17 18.00
C VAL B 232 -3.37 -23.80 18.11
N ASN B 233 -3.03 -23.03 19.13
CA ASN B 233 -1.64 -22.71 19.45
C ASN B 233 -1.14 -23.62 20.56
N PHE B 234 -0.96 -24.88 20.21
CA PHE B 234 -0.46 -25.88 21.15
C PHE B 234 1.01 -25.59 21.43
N LYS B 235 1.29 -24.95 22.57
CA LYS B 235 2.66 -24.53 22.87
C LYS B 235 3.48 -25.68 23.47
N ASN B 236 3.05 -26.21 24.60
CA ASN B 236 3.82 -27.24 25.30
C ASN B 236 2.88 -28.03 26.20
N PHE B 237 3.37 -29.19 26.64
CA PHE B 237 2.60 -30.13 27.47
C PHE B 237 3.35 -30.35 28.77
N VAL B 238 2.96 -29.63 29.82
CA VAL B 238 3.61 -29.77 31.12
C VAL B 238 3.06 -31.01 31.80
N CYS B 239 3.80 -32.11 31.68
CA CYS B 239 3.45 -33.39 32.29
C CYS B 239 4.57 -34.38 31.99
N ASN B 240 4.46 -35.56 32.58
CA ASN B 240 5.43 -36.63 32.33
C ASN B 240 4.74 -37.95 32.67
N ILE B 241 4.67 -38.86 31.69
CA ILE B 241 3.98 -40.13 31.84
C ILE B 241 4.92 -41.31 31.64
N GLY B 242 5.74 -41.27 30.59
CA GLY B 242 6.71 -42.31 30.33
C GLY B 242 6.45 -43.19 29.13
N GLU B 243 5.38 -42.93 28.37
CA GLU B 243 5.06 -43.73 27.19
C GLU B 243 4.57 -42.81 26.09
N ASP B 244 4.50 -43.35 24.87
CA ASP B 244 4.05 -42.57 23.72
C ASP B 244 2.61 -42.11 23.92
N ALA B 245 2.33 -40.88 23.49
CA ALA B 245 1.04 -40.23 23.73
C ALA B 245 0.41 -39.82 22.42
N GLU B 246 -0.92 -39.86 22.37
CA GLU B 246 -1.69 -39.43 21.20
C GLU B 246 -2.75 -38.44 21.64
N LEU B 247 -2.95 -37.41 20.82
CA LEU B 247 -3.87 -36.33 21.12
C LEU B 247 -5.12 -36.46 20.28
N PHE B 248 -6.28 -36.13 20.87
CA PHE B 248 -7.56 -36.19 20.15
C PHE B 248 -8.44 -35.07 20.68
N MET B 249 -8.63 -34.03 19.86
CA MET B 249 -9.50 -32.92 20.20
C MET B 249 -10.64 -32.83 19.19
N ALA B 250 -11.79 -32.34 19.65
CA ALA B 250 -12.98 -32.26 18.81
C ALA B 250 -13.94 -31.24 19.43
N LEU B 251 -15.15 -31.21 18.91
CA LEU B 251 -16.20 -30.32 19.39
C LEU B 251 -17.39 -31.13 19.88
N TYR B 252 -17.85 -30.82 21.10
CA TYR B 252 -18.98 -31.49 21.71
C TYR B 252 -19.91 -30.44 22.31
N ASP B 253 -21.20 -30.59 22.05
CA ASP B 253 -22.18 -29.65 22.59
C ASP B 253 -22.82 -30.24 23.83
N PRO B 254 -22.53 -29.72 25.02
CA PRO B 254 -23.16 -30.27 26.24
C PRO B 254 -24.68 -30.16 26.21
N ASP B 255 -25.21 -29.07 25.65
CA ASP B 255 -26.66 -28.89 25.60
C ASP B 255 -27.31 -29.93 24.68
N GLN B 256 -26.72 -30.16 23.51
CA GLN B 256 -27.21 -31.22 22.63
C GLN B 256 -26.70 -32.60 23.05
N SER B 257 -25.72 -32.66 23.93
CA SER B 257 -25.10 -33.91 24.37
C SER B 257 -24.57 -34.72 23.20
N THR B 258 -24.09 -34.03 22.15
CA THR B 258 -23.62 -34.67 20.93
C THR B 258 -22.29 -34.07 20.50
N PHE B 259 -21.45 -34.91 19.90
CA PHE B 259 -20.23 -34.42 19.27
C PHE B 259 -20.52 -33.85 17.89
N ILE B 260 -19.71 -32.89 17.47
CA ILE B 260 -19.90 -32.18 16.21
C ILE B 260 -18.77 -32.50 15.23
N SER B 261 -17.53 -32.22 15.62
CA SER B 261 -16.38 -32.32 14.73
C SER B 261 -15.61 -33.60 14.96
N GLU B 262 -14.61 -33.82 14.11
CA GLU B 262 -13.74 -34.99 14.18
C GLU B 262 -12.51 -34.67 15.03
N ASN B 263 -11.54 -35.58 15.04
CA ASN B 263 -10.35 -35.44 15.85
C ASN B 263 -9.11 -35.70 15.01
N TYR B 264 -8.00 -35.08 15.42
CA TYR B 264 -6.71 -35.26 14.77
C TYR B 264 -5.68 -35.69 15.81
N LEU B 265 -4.75 -36.55 15.38
CA LEU B 265 -3.74 -37.11 16.27
C LEU B 265 -2.41 -36.40 16.08
N ILE B 266 -1.65 -36.28 17.16
CA ILE B 266 -0.32 -35.68 17.16
C ILE B 266 0.63 -36.62 17.89
N ARG B 267 1.73 -36.97 17.25
CA ARG B 267 2.73 -37.80 17.90
C ARG B 267 3.48 -37.00 18.96
N TRP B 268 3.57 -37.56 20.16
CA TRP B 268 4.21 -36.89 21.28
C TRP B 268 5.08 -37.89 22.03
N GLY B 269 6.22 -37.41 22.53
CA GLY B 269 7.17 -38.26 23.22
C GLY B 269 6.68 -38.68 24.60
N SER B 270 7.49 -39.52 25.23
CA SER B 270 7.12 -40.13 26.50
C SER B 270 7.29 -39.20 27.69
N ASN B 271 7.97 -38.07 27.53
CA ASN B 271 8.29 -37.18 28.64
C ASN B 271 8.03 -35.72 28.28
N GLY B 272 6.86 -35.47 27.69
CA GLY B 272 6.44 -34.11 27.42
C GLY B 272 7.02 -33.48 26.18
N MET B 273 7.72 -34.24 25.35
CA MET B 273 8.28 -33.74 24.11
C MET B 273 7.49 -34.28 22.92
N PRO B 274 7.54 -33.61 21.77
CA PRO B 274 6.95 -34.19 20.56
C PRO B 274 7.86 -35.27 19.99
N LYS B 275 7.26 -36.41 19.62
CA LYS B 275 8.03 -37.44 18.92
C LYS B 275 8.54 -36.92 17.59
N GLU B 276 7.71 -36.15 16.88
CA GLU B 276 8.13 -35.43 15.68
C GLU B 276 8.33 -33.97 16.07
N ILE B 277 9.59 -33.54 16.12
CA ILE B 277 9.91 -32.16 16.43
C ILE B 277 9.45 -31.19 15.36
N GLU B 278 9.00 -31.69 14.21
CA GLU B 278 8.45 -30.83 13.18
C GLU B 278 7.17 -30.16 13.66
N LYS B 279 6.37 -30.87 14.46
CA LYS B 279 5.15 -30.33 15.04
C LYS B 279 5.39 -29.59 16.35
N LEU B 280 6.64 -29.53 16.81
CA LEU B 280 6.95 -28.82 18.04
C LEU B 280 6.71 -27.31 17.88
N ASN B 281 7.10 -26.75 16.74
CA ASN B 281 7.03 -25.31 16.53
C ASN B 281 6.08 -24.88 15.42
N ASN B 282 5.87 -25.72 14.40
CA ASN B 282 5.02 -25.38 13.26
C ASN B 282 3.59 -25.89 13.43
N LEU B 283 3.10 -25.93 14.67
CA LEU B 283 1.80 -26.54 14.97
C LEU B 283 0.70 -25.59 14.51
N GLN B 284 0.37 -25.69 13.22
CA GLN B 284 -0.71 -24.90 12.62
C GLN B 284 -1.77 -25.87 12.10
N ALA B 285 -2.98 -25.76 12.64
CA ALA B 285 -4.08 -26.63 12.26
C ALA B 285 -5.34 -25.80 12.07
N VAL B 286 -6.11 -26.12 11.04
CA VAL B 286 -7.38 -25.45 10.75
C VAL B 286 -8.48 -26.50 10.73
N PHE B 287 -9.51 -26.27 11.55
CA PHE B 287 -10.67 -27.16 11.64
C PHE B 287 -11.85 -26.43 11.00
N THR B 288 -12.16 -26.78 9.76
CA THR B 288 -13.13 -26.08 8.96
C THR B 288 -14.55 -26.52 9.31
N ASP B 289 -15.51 -26.21 8.43
CA ASP B 289 -16.92 -26.57 8.61
C ASP B 289 -17.50 -25.98 9.90
N LEU B 290 -17.53 -24.65 9.94
CA LEU B 290 -18.21 -23.92 11.01
C LEU B 290 -19.07 -22.83 10.42
N SER B 291 -20.22 -22.60 11.04
CA SER B 291 -21.19 -21.62 10.56
C SER B 291 -21.88 -20.98 11.76
N SER B 292 -22.83 -20.09 11.47
CA SER B 292 -23.54 -19.38 12.52
C SER B 292 -24.36 -20.35 13.38
N MET B 293 -24.99 -21.34 12.75
CA MET B 293 -25.82 -22.28 13.50
C MET B 293 -24.99 -23.10 14.48
N ASP B 294 -23.71 -23.35 14.17
CA ASP B 294 -22.85 -23.99 15.13
C ASP B 294 -22.38 -23.01 16.21
N LEU B 295 -22.15 -21.75 15.83
CA LEU B 295 -21.79 -20.73 16.81
C LEU B 295 -22.97 -20.30 17.67
N ILE B 296 -24.20 -20.43 17.16
CA ILE B 296 -25.39 -20.08 17.93
C ILE B 296 -25.70 -21.12 19.00
N ARG B 297 -24.88 -22.16 19.12
CA ARG B 297 -25.07 -23.15 20.16
C ARG B 297 -25.04 -22.49 21.54
N PRO B 298 -25.97 -22.83 22.43
CA PRO B 298 -26.01 -22.15 23.74
C PRO B 298 -24.74 -22.32 24.56
N ARG B 299 -24.08 -23.47 24.47
CA ARG B 299 -22.79 -23.68 25.13
C ARG B 299 -21.84 -24.31 24.12
N VAL B 300 -20.78 -23.60 23.78
CA VAL B 300 -19.78 -24.08 22.83
C VAL B 300 -18.50 -24.40 23.61
N SER B 301 -18.06 -25.65 23.52
CA SER B 301 -16.85 -26.11 24.19
C SER B 301 -16.10 -27.06 23.27
N LEU B 302 -14.79 -27.12 23.46
CA LEU B 302 -13.92 -28.01 22.69
C LEU B 302 -13.48 -29.15 23.59
N VAL B 303 -13.71 -30.38 23.13
CA VAL B 303 -13.34 -31.57 23.88
C VAL B 303 -11.98 -32.05 23.39
N CYS B 304 -11.06 -32.28 24.33
CA CYS B 304 -9.70 -32.70 24.03
C CYS B 304 -9.38 -33.93 24.85
N GLN B 305 -9.23 -35.08 24.19
CA GLN B 305 -8.96 -36.35 24.84
C GLN B 305 -7.59 -36.87 24.39
N ILE B 306 -6.90 -37.56 25.29
CA ILE B 306 -5.56 -38.06 25.04
C ILE B 306 -5.53 -39.57 25.28
N VAL B 307 -4.94 -40.31 24.35
CA VAL B 307 -4.79 -41.75 24.45
C VAL B 307 -3.31 -42.09 24.37
N ARG B 308 -2.85 -42.94 25.27
CA ARG B 308 -1.43 -43.29 25.32
C ARG B 308 -1.12 -44.46 24.38
N VAL B 309 0.17 -44.62 24.10
CA VAL B 309 0.69 -45.76 23.36
C VAL B 309 1.85 -46.33 24.14
N GLY B 310 1.74 -47.59 24.53
CA GLY B 310 2.80 -48.22 25.28
C GLY B 310 2.27 -49.39 26.10
N HIS B 311 2.82 -49.54 27.31
CA HIS B 311 2.58 -50.71 28.14
C HIS B 311 1.17 -50.67 28.74
N MET B 312 0.71 -51.86 29.16
CA MET B 312 -0.58 -51.95 29.85
C MET B 312 -0.52 -51.31 31.22
N GLU B 313 0.64 -51.38 31.88
CA GLU B 313 0.83 -50.82 33.21
C GLU B 313 2.01 -49.86 33.19
N LEU B 314 1.83 -48.70 33.81
CA LEU B 314 2.85 -47.66 33.86
C LEU B 314 3.75 -47.80 35.09
N LYS B 315 4.22 -49.02 35.32
CA LYS B 315 5.11 -49.34 36.43
C LYS B 315 5.74 -50.70 36.13
N GLU B 316 6.40 -51.28 37.12
CA GLU B 316 6.92 -52.64 37.03
C GLU B 316 5.90 -53.61 37.61
N GLY B 317 6.15 -54.90 37.43
CA GLY B 317 5.25 -55.92 37.89
C GLY B 317 4.92 -56.95 36.83
N LYS B 318 4.80 -56.51 35.59
CA LYS B 318 4.58 -57.43 34.47
C LYS B 318 5.04 -56.75 33.18
N LYS B 319 5.48 -57.59 32.24
CA LYS B 319 5.91 -57.12 30.92
C LYS B 319 4.69 -56.90 30.04
N HIS B 320 4.72 -55.81 29.28
CA HIS B 320 3.61 -55.44 28.40
C HIS B 320 4.13 -55.05 27.03
N THR B 321 3.33 -55.35 26.01
CA THR B 321 3.72 -55.06 24.64
C THR B 321 3.78 -53.55 24.40
N CYS B 322 4.85 -53.10 23.73
CA CYS B 322 5.02 -51.70 23.38
C CYS B 322 4.30 -51.42 22.06
N GLY B 323 3.45 -50.40 22.07
CA GLY B 323 2.76 -49.99 20.86
C GLY B 323 1.27 -50.32 20.85
N LEU B 324 0.61 -50.20 21.99
CA LEU B 324 -0.82 -50.44 22.09
C LEU B 324 -1.49 -49.23 22.74
N ARG B 325 -2.75 -49.01 22.37
CA ARG B 325 -3.49 -47.82 22.76
C ARG B 325 -4.13 -48.00 24.12
N ARG B 326 -3.97 -46.99 24.98
CA ARG B 326 -4.58 -46.94 26.30
C ARG B 326 -5.00 -45.50 26.61
N PRO B 327 -6.30 -45.23 26.75
CA PRO B 327 -6.74 -43.85 27.03
C PRO B 327 -6.38 -43.43 28.45
N PHE B 328 -6.22 -42.11 28.63
CA PHE B 328 -5.95 -41.52 29.93
C PHE B 328 -7.11 -40.68 30.43
N GLY B 329 -7.53 -39.68 29.66
CA GLY B 329 -8.61 -38.80 30.10
C GLY B 329 -8.90 -37.76 29.05
N VAL B 330 -9.86 -36.90 29.37
CA VAL B 330 -10.39 -35.90 28.44
C VAL B 330 -10.31 -34.53 29.09
N ALA B 331 -9.90 -33.53 28.30
CA ALA B 331 -9.86 -32.14 28.75
C ALA B 331 -10.85 -31.32 27.92
N VAL B 332 -11.69 -30.55 28.60
CA VAL B 332 -12.71 -29.73 27.95
C VAL B 332 -12.67 -28.33 28.56
N MET B 333 -12.73 -27.31 27.72
CA MET B 333 -12.76 -25.92 28.15
C MET B 333 -13.91 -25.19 27.46
N ASP B 334 -14.44 -24.18 28.14
CA ASP B 334 -15.51 -23.37 27.59
C ASP B 334 -14.94 -22.30 26.68
N ILE B 335 -15.46 -22.22 25.45
CA ILE B 335 -14.93 -21.32 24.44
C ILE B 335 -16.06 -20.47 23.86
N THR B 336 -17.12 -20.27 24.63
CA THR B 336 -18.26 -19.49 24.16
C THR B 336 -17.84 -18.05 23.86
N ASP B 337 -17.20 -17.39 24.81
CA ASP B 337 -16.72 -16.03 24.59
C ASP B 337 -15.54 -15.99 23.63
N ILE B 338 -14.78 -17.07 23.52
CA ILE B 338 -13.58 -17.07 22.68
C ILE B 338 -13.95 -17.01 21.21
N ILE B 339 -15.01 -17.74 20.81
CA ILE B 339 -15.38 -17.83 19.39
C ILE B 339 -16.10 -16.59 18.89
N HIS B 340 -16.41 -15.63 19.77
CA HIS B 340 -17.09 -14.41 19.35
C HIS B 340 -16.15 -13.37 18.75
N GLY B 341 -14.84 -13.58 18.85
CA GLY B 341 -13.88 -12.67 18.24
C GLY B 341 -13.91 -11.27 18.81
N LYS B 342 -14.19 -11.13 20.10
CA LYS B 342 -14.19 -9.82 20.72
C LYS B 342 -12.77 -9.31 20.93
N VAL B 343 -11.87 -10.19 21.37
CA VAL B 343 -10.47 -9.84 21.61
C VAL B 343 -9.60 -10.84 20.86
N ASP B 344 -8.65 -10.33 20.09
CA ASP B 344 -7.73 -11.15 19.30
C ASP B 344 -6.38 -11.16 20.01
N ASP B 345 -6.08 -12.25 20.71
CA ASP B 345 -4.84 -12.40 21.47
C ASP B 345 -4.26 -13.78 21.18
N GLU B 346 -3.45 -13.87 20.12
CA GLU B 346 -2.81 -15.14 19.76
C GLU B 346 -1.68 -15.52 20.71
N GLU B 347 -1.00 -14.54 21.30
CA GLU B 347 0.11 -14.85 22.20
C GLU B 347 -0.36 -15.45 23.52
N LYS B 348 -1.52 -15.03 24.02
CA LYS B 348 -2.03 -15.57 25.27
C LYS B 348 -2.30 -17.07 25.13
N GLN B 349 -1.82 -17.85 26.10
CA GLN B 349 -1.96 -19.29 26.09
C GLN B 349 -2.71 -19.70 27.36
N HIS B 350 -3.99 -19.98 27.22
CA HIS B 350 -4.84 -20.30 28.36
C HIS B 350 -4.60 -21.74 28.81
N PHE B 351 -4.19 -21.90 30.07
CA PHE B 351 -3.98 -23.22 30.64
C PHE B 351 -5.32 -23.83 31.01
N ILE B 352 -5.45 -25.13 30.81
CA ILE B 352 -6.71 -25.85 31.06
C ILE B 352 -6.45 -26.91 32.13
N PRO B 353 -7.15 -26.87 33.26
CA PRO B 353 -7.08 -27.99 34.22
C PRO B 353 -7.71 -29.24 33.62
N PHE B 354 -7.19 -30.39 34.02
CA PHE B 354 -7.50 -31.66 33.38
C PHE B 354 -7.80 -32.74 34.42
N GLN B 355 -8.77 -33.60 34.11
CA GLN B 355 -9.14 -34.74 34.94
C GLN B 355 -9.10 -36.01 34.10
N GLN B 356 -8.78 -37.14 34.74
CA GLN B 356 -8.69 -38.42 34.06
C GLN B 356 -9.11 -39.53 35.01
N ILE B 357 -8.81 -40.77 34.60
CA ILE B 357 -9.19 -41.95 35.39
C ILE B 357 -8.20 -42.13 36.54
N ALA B 358 -8.63 -42.91 37.55
CA ALA B 358 -7.80 -43.14 38.72
C ALA B 358 -6.54 -43.90 38.34
N MET B 359 -5.39 -43.44 38.87
CA MET B 359 -4.09 -44.04 38.56
C MET B 359 -3.19 -44.24 39.77
N GLU B 360 -3.52 -43.68 40.93
CA GLU B 360 -2.66 -43.72 42.10
C GLU B 360 -3.49 -44.07 43.34
N THR B 361 -2.86 -44.77 44.28
CA THR B 361 -3.52 -45.21 45.51
C THR B 361 -2.63 -44.91 46.72
N TYR B 362 -2.14 -43.68 46.80
CA TYR B 362 -1.24 -43.28 47.87
C TYR B 362 -1.93 -42.55 49.02
N ILE B 363 -2.98 -41.79 48.74
CA ILE B 363 -3.63 -40.97 49.76
C ILE B 363 -5.07 -41.44 49.97
N ARG B 364 -5.64 -42.09 48.94
CA ARG B 364 -7.06 -42.41 48.96
C ARG B 364 -7.40 -43.51 49.97
N GLN B 365 -6.52 -44.50 50.13
CA GLN B 365 -6.85 -45.70 50.90
C GLN B 365 -5.95 -45.96 52.10
N ARG B 366 -4.75 -45.37 52.14
CA ARG B 366 -3.76 -45.77 53.14
C ARG B 366 -4.24 -45.49 54.57
N GLN B 367 -4.88 -44.34 54.79
CA GLN B 367 -5.28 -43.91 56.13
C GLN B 367 -6.78 -44.14 56.30
N LEU B 368 -7.14 -45.30 56.85
CA LEU B 368 -8.53 -45.63 57.15
C LEU B 368 -8.54 -46.45 58.43
N ILE B 369 -9.03 -45.86 59.51
CA ILE B 369 -8.95 -46.47 60.84
C ILE B 369 -10.37 -46.72 61.36
N MET B 370 -10.44 -47.59 62.37
CA MET B 370 -11.65 -47.86 63.17
C MET B 370 -12.68 -48.69 62.40
N SER B 371 -12.44 -48.95 61.12
CA SER B 371 -13.34 -49.79 60.34
C SER B 371 -12.67 -50.29 59.07
N PRO B 372 -11.65 -51.15 59.18
CA PRO B 372 -11.01 -51.66 57.96
C PRO B 372 -11.83 -52.77 57.30
N LEU B 373 -12.53 -52.43 56.21
CA LEU B 373 -13.29 -53.42 55.44
C LEU B 373 -13.25 -52.94 53.99
N ILE B 374 -12.28 -53.45 53.23
CA ILE B 374 -12.09 -53.05 51.84
C ILE B 374 -11.94 -54.30 50.99
N THR B 375 -12.88 -54.49 50.07
CA THR B 375 -12.84 -55.59 49.08
C THR B 375 -13.24 -54.97 47.75
N SER B 376 -12.26 -54.49 46.99
CA SER B 376 -12.53 -53.76 45.77
C SER B 376 -11.42 -54.05 44.75
N HIS B 377 -11.58 -53.49 43.57
CA HIS B 377 -10.63 -53.64 42.47
C HIS B 377 -10.13 -52.27 42.03
N VAL B 378 -9.33 -52.26 40.98
CA VAL B 378 -8.69 -51.04 40.48
C VAL B 378 -9.42 -50.57 39.24
N ILE B 379 -9.76 -49.28 39.20
CA ILE B 379 -10.44 -48.69 38.06
C ILE B 379 -9.37 -48.00 37.20
N GLY B 380 -8.96 -48.68 36.13
CA GLY B 380 -7.98 -48.11 35.22
C GLY B 380 -8.60 -47.42 34.04
N GLU B 381 -9.54 -48.11 33.38
CA GLU B 381 -10.23 -47.57 32.21
C GLU B 381 -11.72 -47.89 32.25
N ASN B 382 -12.32 -47.90 33.43
CA ASN B 382 -13.70 -48.34 33.63
C ASN B 382 -14.70 -47.19 33.64
N GLU B 383 -14.43 -46.13 32.88
CA GLU B 383 -15.26 -44.93 32.91
C GLU B 383 -16.15 -44.85 31.67
N PRO B 384 -17.46 -44.94 31.81
CA PRO B 384 -18.33 -44.53 30.71
C PRO B 384 -18.12 -43.05 30.40
N LEU B 385 -18.10 -42.72 29.11
CA LEU B 385 -17.64 -41.39 28.72
C LEU B 385 -18.72 -40.33 28.88
N THR B 386 -20.00 -40.72 28.83
CA THR B 386 -21.07 -39.73 28.89
C THR B 386 -21.06 -39.00 30.23
N SER B 387 -21.09 -39.76 31.33
CA SER B 387 -21.17 -39.15 32.66
C SER B 387 -19.91 -38.35 32.99
N VAL B 388 -18.74 -38.92 32.69
CA VAL B 388 -17.49 -38.22 32.98
C VAL B 388 -17.39 -36.95 32.15
N LEU B 389 -17.76 -37.03 30.87
CA LEU B 389 -17.71 -35.87 30.00
C LEU B 389 -18.63 -34.76 30.51
N ASN B 390 -19.87 -35.12 30.88
CA ASN B 390 -20.79 -34.11 31.39
C ASN B 390 -20.31 -33.51 32.70
N LYS B 391 -19.75 -34.34 33.59
CA LYS B 391 -19.24 -33.83 34.86
C LYS B 391 -18.06 -32.88 34.64
N VAL B 392 -17.17 -33.21 33.72
CA VAL B 392 -16.05 -32.33 33.40
C VAL B 392 -16.56 -31.02 32.82
N ILE B 393 -17.58 -31.10 31.96
CA ILE B 393 -18.15 -29.89 31.38
C ILE B 393 -18.72 -28.99 32.47
N ALA B 394 -19.48 -29.57 33.41
CA ALA B 394 -20.03 -28.78 34.50
C ALA B 394 -18.94 -28.28 35.43
N ALA B 395 -17.83 -29.01 35.52
CA ALA B 395 -16.73 -28.61 36.39
C ALA B 395 -16.07 -27.33 35.87
N LYS B 396 -15.56 -26.52 36.80
CA LYS B 396 -14.92 -25.26 36.46
C LYS B 396 -13.42 -25.27 36.66
N GLU B 397 -12.91 -26.11 37.57
CA GLU B 397 -11.48 -26.16 37.84
C GLU B 397 -11.13 -27.56 38.34
N VAL B 398 -9.97 -28.07 37.92
CA VAL B 398 -9.52 -29.41 38.25
C VAL B 398 -8.14 -29.34 38.87
N ASN B 399 -7.92 -30.11 39.94
CA ASN B 399 -6.61 -30.26 40.54
C ASN B 399 -5.83 -31.31 39.75
N HIS B 400 -5.34 -30.89 38.58
CA HIS B 400 -4.57 -31.76 37.71
C HIS B 400 -3.22 -32.13 38.29
N LYS B 401 -2.75 -31.39 39.29
CA LYS B 401 -1.43 -31.63 39.91
C LYS B 401 -0.30 -31.54 38.88
N GLY B 402 -0.25 -30.42 38.16
CA GLY B 402 0.86 -30.17 37.26
C GLY B 402 0.72 -30.75 35.88
N GLN B 403 -0.50 -31.00 35.41
CA GLN B 403 -0.74 -31.57 34.09
C GLN B 403 -1.61 -30.63 33.28
N GLY B 404 -1.21 -30.39 32.04
CA GLY B 404 -1.98 -29.53 31.16
C GLY B 404 -1.12 -29.07 29.99
N LEU B 405 -1.68 -28.13 29.23
CA LEU B 405 -1.02 -27.63 28.04
C LEU B 405 -1.43 -26.18 27.80
N TRP B 406 -0.66 -25.51 26.94
CA TRP B 406 -0.91 -24.12 26.58
C TRP B 406 -1.47 -24.10 25.16
N VAL B 407 -2.73 -23.65 25.02
CA VAL B 407 -3.38 -23.59 23.72
C VAL B 407 -4.18 -22.29 23.63
N SER B 408 -4.24 -21.74 22.41
CA SER B 408 -5.05 -20.57 22.12
C SER B 408 -5.87 -20.85 20.86
N LEU B 409 -7.17 -20.62 20.95
CA LEU B 409 -8.09 -20.85 19.85
C LEU B 409 -8.38 -19.53 19.16
N LYS B 410 -8.13 -19.47 17.85
CA LYS B 410 -8.34 -18.27 17.05
C LYS B 410 -9.28 -18.59 15.90
N LEU B 411 -10.26 -17.71 15.69
CA LEU B 411 -11.25 -17.88 14.63
C LEU B 411 -10.84 -17.04 13.43
N LEU B 412 -10.50 -17.70 12.33
CA LEU B 412 -10.16 -17.03 11.09
C LEU B 412 -11.28 -17.26 10.07
N PRO B 413 -12.11 -16.26 9.81
CA PRO B 413 -13.23 -16.47 8.88
C PRO B 413 -12.74 -16.77 7.47
N GLY B 414 -13.54 -17.55 6.75
CA GLY B 414 -13.24 -17.93 5.39
C GLY B 414 -12.84 -19.39 5.27
N ASP B 415 -12.29 -19.71 4.10
CA ASP B 415 -11.84 -21.07 3.82
C ASP B 415 -10.39 -21.08 3.37
N LEU B 416 -9.90 -22.25 2.92
CA LEU B 416 -8.49 -22.40 2.57
C LEU B 416 -8.07 -21.55 1.39
N THR B 417 -9.02 -20.99 0.63
CA THR B 417 -8.66 -20.18 -0.53
C THR B 417 -7.88 -18.94 -0.14
N GLN B 418 -8.29 -18.26 0.93
CA GLN B 418 -7.64 -17.01 1.33
C GLN B 418 -6.84 -17.11 2.63
N VAL B 419 -7.15 -18.07 3.50
CA VAL B 419 -6.39 -18.18 4.74
C VAL B 419 -4.99 -18.71 4.49
N GLN B 420 -4.76 -19.38 3.36
CA GLN B 420 -3.41 -19.79 2.98
C GLN B 420 -2.61 -18.65 2.36
N LYS B 421 -3.25 -17.52 2.07
CA LYS B 421 -2.57 -16.34 1.54
C LYS B 421 -2.60 -15.16 2.51
N ASN B 422 -3.76 -14.84 3.06
CA ASN B 422 -3.86 -13.69 3.96
C ASN B 422 -3.55 -14.07 5.41
N PHE B 423 -3.80 -15.32 5.78
CA PHE B 423 -3.54 -15.81 7.13
C PHE B 423 -2.34 -16.75 7.15
N SER B 424 -1.32 -16.45 6.33
CA SER B 424 -0.15 -17.31 6.24
C SER B 424 0.60 -17.37 7.58
N HIS B 425 0.55 -16.30 8.36
CA HIS B 425 1.19 -16.31 9.68
C HIS B 425 0.53 -17.33 10.60
N LEU B 426 -0.76 -17.61 10.40
CA LEU B 426 -1.47 -18.60 11.21
C LEU B 426 -1.78 -19.87 10.44
N VAL B 427 -1.90 -19.81 9.12
CA VAL B 427 -2.23 -20.96 8.29
C VAL B 427 -1.10 -21.14 7.28
N ASP B 428 -0.23 -22.11 7.54
CA ASP B 428 0.85 -22.37 6.56
C ASP B 428 0.36 -23.35 5.50
N ARG B 429 1.27 -23.87 4.69
CA ARG B 429 0.93 -24.87 3.67
C ARG B 429 0.82 -26.26 4.29
N SER B 430 1.59 -26.53 5.34
CA SER B 430 1.55 -27.81 6.04
C SER B 430 0.43 -27.88 7.07
N THR B 431 -0.53 -26.96 7.00
CA THR B 431 -1.63 -26.94 7.95
C THR B 431 -2.60 -28.08 7.66
N ALA B 432 -3.00 -28.80 8.71
CA ALA B 432 -4.00 -29.85 8.55
C ALA B 432 -5.39 -29.24 8.40
N ILE B 433 -6.21 -29.85 7.56
CA ILE B 433 -7.58 -29.41 7.32
C ILE B 433 -8.53 -30.49 7.80
N ALA B 434 -9.49 -30.12 8.64
CA ALA B 434 -10.44 -31.05 9.23
C ALA B 434 -11.84 -30.77 8.69
N ARG B 435 -12.55 -31.84 8.34
CA ARG B 435 -13.91 -31.76 7.83
C ARG B 435 -14.87 -32.27 8.90
N LYS B 436 -15.63 -31.35 9.48
CA LYS B 436 -16.58 -31.71 10.54
C LYS B 436 -17.68 -32.60 9.99
N MET B 437 -18.16 -33.52 10.83
CA MET B 437 -19.25 -34.43 10.46
C MET B 437 -20.57 -33.68 10.46
N GLY B 438 -20.77 -32.89 9.40
CA GLY B 438 -22.00 -32.13 9.25
C GLY B 438 -22.11 -31.54 7.87
N PHE B 439 -23.34 -31.36 7.42
CA PHE B 439 -23.58 -30.74 6.13
C PHE B 439 -23.15 -29.27 6.18
N PRO B 440 -22.49 -28.78 5.15
CA PRO B 440 -22.08 -27.37 5.14
C PRO B 440 -23.28 -26.45 5.03
N GLU B 441 -23.18 -25.30 5.70
CA GLU B 441 -24.18 -24.25 5.55
C GLU B 441 -24.02 -23.53 4.21
N ILE B 442 -22.78 -23.21 3.84
CA ILE B 442 -22.48 -22.64 2.53
C ILE B 442 -22.33 -23.84 1.58
N ILE B 443 -23.42 -24.22 0.95
CA ILE B 443 -23.42 -25.40 0.07
C ILE B 443 -23.03 -24.91 -1.31
N LEU B 444 -21.73 -24.77 -1.51
CA LEU B 444 -21.16 -24.29 -2.77
C LEU B 444 -20.91 -25.45 -3.71
N PRO B 445 -20.88 -25.22 -5.01
CA PRO B 445 -20.46 -26.26 -5.95
C PRO B 445 -19.00 -26.62 -5.75
N GLY B 446 -18.68 -27.88 -5.98
CA GLY B 446 -17.31 -28.32 -5.90
C GLY B 446 -16.77 -28.50 -4.49
N ASP B 447 -17.63 -28.43 -3.48
CA ASP B 447 -17.21 -28.71 -2.10
C ASP B 447 -17.05 -30.23 -1.97
N VAL B 448 -15.98 -30.74 -2.56
CA VAL B 448 -15.81 -32.19 -2.68
C VAL B 448 -15.54 -32.78 -1.30
N ARG B 449 -16.30 -33.82 -0.96
CA ARG B 449 -16.11 -34.53 0.30
C ARG B 449 -16.46 -35.99 0.05
N ASN B 450 -15.44 -36.85 0.05
CA ASN B 450 -15.61 -38.28 -0.16
C ASN B 450 -15.21 -39.05 1.10
N ASP B 451 -15.56 -38.51 2.25
CA ASP B 451 -15.17 -39.09 3.53
C ASP B 451 -16.28 -39.97 4.08
N ILE B 452 -15.93 -41.18 4.47
CA ILE B 452 -16.86 -42.14 5.06
C ILE B 452 -16.51 -42.25 6.53
N TYR B 453 -17.39 -41.75 7.39
CA TYR B 453 -17.15 -41.71 8.83
C TYR B 453 -17.88 -42.87 9.51
N VAL B 454 -17.13 -43.67 10.26
CA VAL B 454 -17.67 -44.74 11.07
C VAL B 454 -17.38 -44.43 12.53
N THR B 455 -18.42 -44.39 13.36
CA THR B 455 -18.29 -44.06 14.76
C THR B 455 -18.61 -45.29 15.60
N LEU B 456 -17.72 -45.59 16.54
CA LEU B 456 -17.92 -46.67 17.50
C LEU B 456 -18.30 -46.06 18.84
N ILE B 457 -19.42 -46.52 19.41
CA ILE B 457 -20.01 -45.88 20.58
C ILE B 457 -20.01 -46.82 21.79
N HIS B 458 -20.72 -47.95 21.71
CA HIS B 458 -20.88 -48.79 22.89
C HIS B 458 -21.22 -50.21 22.46
N GLY B 459 -21.04 -51.13 23.40
CA GLY B 459 -21.35 -52.53 23.20
C GLY B 459 -21.28 -53.38 24.45
N GLU B 460 -22.21 -54.32 24.59
CA GLU B 460 -22.23 -55.21 25.73
C GLU B 460 -21.08 -56.20 25.65
N PHE B 461 -20.44 -56.47 26.79
CA PHE B 461 -19.37 -57.45 26.90
C PHE B 461 -19.60 -58.29 28.14
N ASP B 462 -20.11 -59.51 27.96
CA ASP B 462 -20.31 -60.40 29.08
C ASP B 462 -18.97 -60.93 29.59
N LYS B 463 -18.96 -61.35 30.86
CA LYS B 463 -17.74 -61.91 31.44
C LYS B 463 -17.35 -63.21 30.74
N GLY B 464 -18.33 -64.05 30.44
CA GLY B 464 -18.05 -65.32 29.79
C GLY B 464 -17.69 -66.41 30.79
N LYS B 465 -16.85 -67.34 30.34
CA LYS B 465 -16.41 -68.42 31.20
C LYS B 465 -15.61 -67.89 32.39
N LYS B 466 -14.73 -66.92 32.15
CA LYS B 466 -13.99 -66.28 33.22
C LYS B 466 -14.74 -65.05 33.70
N LYS B 467 -14.42 -64.63 34.93
CA LYS B 467 -15.03 -63.42 35.47
C LYS B 467 -14.47 -62.16 34.83
N THR B 468 -13.35 -62.26 34.12
CA THR B 468 -12.79 -61.12 33.42
C THR B 468 -13.33 -61.07 32.00
N PRO B 469 -13.96 -59.97 31.58
CA PRO B 469 -14.38 -59.85 30.18
C PRO B 469 -13.18 -59.91 29.25
N LYS B 470 -13.40 -60.50 28.08
CA LYS B 470 -12.33 -60.65 27.10
C LYS B 470 -11.83 -59.30 26.64
N ASN B 471 -10.52 -59.20 26.43
CA ASN B 471 -9.92 -58.00 25.88
C ASN B 471 -10.32 -57.89 24.40
N VAL B 472 -10.96 -56.79 24.05
CA VAL B 472 -11.50 -56.60 22.71
C VAL B 472 -10.74 -55.47 22.03
N GLU B 473 -10.12 -55.78 20.89
CA GLU B 473 -9.45 -54.80 20.06
C GLU B 473 -10.00 -54.91 18.65
N VAL B 474 -10.39 -53.77 18.06
CA VAL B 474 -10.98 -53.77 16.73
C VAL B 474 -9.86 -53.79 15.70
N THR B 475 -9.44 -54.98 15.30
CA THR B 475 -8.46 -55.14 14.22
C THR B 475 -9.22 -55.15 12.90
N MET B 476 -9.52 -53.94 12.42
CA MET B 476 -10.31 -53.75 11.21
C MET B 476 -9.40 -53.48 10.02
N SER B 477 -9.91 -53.78 8.83
CA SER B 477 -9.19 -53.53 7.61
C SER B 477 -10.17 -53.34 6.46
N VAL B 478 -9.69 -52.71 5.39
CA VAL B 478 -10.49 -52.45 4.20
C VAL B 478 -10.29 -53.60 3.22
N HIS B 479 -11.39 -54.07 2.62
CA HIS B 479 -11.33 -55.17 1.67
C HIS B 479 -12.27 -54.89 0.51
N ASP B 480 -11.89 -55.38 -0.66
CA ASP B 480 -12.67 -55.22 -1.87
C ASP B 480 -13.61 -56.41 -2.05
N GLU B 481 -14.20 -56.54 -3.24
CA GLU B 481 -15.12 -57.65 -3.50
C GLU B 481 -14.43 -59.00 -3.43
N GLU B 482 -13.11 -59.04 -3.66
CA GLU B 482 -12.32 -60.26 -3.50
C GLU B 482 -11.62 -60.33 -2.15
N GLY B 483 -11.92 -59.40 -1.24
CA GLY B 483 -11.30 -59.42 0.08
C GLY B 483 -9.82 -59.13 0.09
N LYS B 484 -9.37 -58.15 -0.66
CA LYS B 484 -7.96 -57.77 -0.71
C LYS B 484 -7.76 -56.49 0.09
N LEU B 485 -6.78 -56.50 0.99
CA LEU B 485 -6.52 -55.34 1.83
C LEU B 485 -5.87 -54.23 1.02
N LEU B 486 -6.39 -53.01 1.18
CA LEU B 486 -5.83 -51.84 0.54
C LEU B 486 -5.04 -51.02 1.56
N GLU B 487 -4.08 -50.25 1.05
CA GLU B 487 -3.15 -49.50 1.89
C GLU B 487 -3.59 -48.05 2.03
N LYS B 488 -3.30 -47.47 3.19
CA LYS B 488 -3.53 -46.04 3.46
C LYS B 488 -4.99 -45.66 3.22
N ALA B 489 -5.88 -46.36 3.94
CA ALA B 489 -7.30 -46.14 3.80
C ALA B 489 -7.99 -45.65 5.07
N ILE B 490 -7.38 -45.81 6.24
CA ILE B 490 -7.94 -45.37 7.50
C ILE B 490 -7.17 -44.14 7.96
N HIS B 491 -7.90 -43.06 8.27
CA HIS B 491 -7.31 -41.78 8.64
C HIS B 491 -7.83 -41.39 10.02
N PRO B 492 -7.24 -41.92 11.09
CA PRO B 492 -7.71 -41.53 12.43
C PRO B 492 -7.57 -40.05 12.72
N GLY B 493 -6.57 -39.40 12.14
CA GLY B 493 -6.37 -37.97 12.34
C GLY B 493 -6.53 -37.20 11.04
N ALA B 494 -7.18 -36.05 11.12
CA ALA B 494 -7.42 -35.21 9.95
C ALA B 494 -6.18 -34.39 9.63
N GLY B 495 -5.57 -34.68 8.48
CA GLY B 495 -4.32 -34.07 8.10
C GLY B 495 -3.11 -34.96 8.24
N TYR B 496 -3.29 -36.19 8.70
CA TYR B 496 -2.22 -37.16 8.83
C TYR B 496 -2.36 -38.25 7.78
N GLU B 497 -1.25 -38.94 7.51
CA GLU B 497 -1.26 -40.01 6.52
C GLU B 497 -2.15 -41.16 6.97
N GLY B 498 -2.82 -41.78 6.01
CA GLY B 498 -3.69 -42.91 6.31
C GLY B 498 -2.92 -44.18 6.58
N ILE B 499 -3.63 -45.16 7.15
CA ILE B 499 -3.03 -46.44 7.53
C ILE B 499 -3.87 -47.57 6.95
N SER B 500 -3.19 -48.65 6.56
CA SER B 500 -3.89 -49.81 6.03
C SER B 500 -4.78 -50.47 7.08
N GLU B 501 -4.28 -50.55 8.32
CA GLU B 501 -4.99 -51.19 9.41
C GLU B 501 -4.96 -50.29 10.64
N TYR B 502 -6.06 -50.31 11.39
CA TYR B 502 -6.18 -49.52 12.61
C TYR B 502 -6.78 -50.37 13.72
N LYS B 503 -6.24 -50.21 14.93
CA LYS B 503 -6.76 -50.86 16.12
C LYS B 503 -7.32 -49.82 17.08
N SER B 504 -8.25 -50.26 17.93
CA SER B 504 -8.99 -49.35 18.79
C SER B 504 -8.35 -49.29 20.18
N VAL B 505 -9.02 -48.57 21.08
CA VAL B 505 -8.55 -48.37 22.44
C VAL B 505 -8.94 -49.57 23.30
N VAL B 506 -8.36 -49.66 24.50
CA VAL B 506 -8.57 -50.78 25.40
C VAL B 506 -9.14 -50.26 26.72
N TYR B 507 -10.08 -50.99 27.28
CA TYR B 507 -10.71 -50.65 28.55
C TYR B 507 -10.39 -51.71 29.60
N TYR B 508 -10.57 -51.34 30.87
CA TYR B 508 -10.19 -52.19 32.00
C TYR B 508 -11.37 -53.09 32.39
N GLN B 509 -11.64 -54.07 31.53
CA GLN B 509 -12.66 -55.10 31.77
C GLN B 509 -14.01 -54.48 32.09
N VAL B 510 -14.52 -53.70 31.15
CA VAL B 510 -15.79 -53.00 31.31
C VAL B 510 -16.88 -53.75 30.57
N LYS B 511 -17.97 -54.04 31.27
CA LYS B 511 -19.12 -54.67 30.63
C LYS B 511 -19.71 -53.77 29.55
N GLN B 512 -19.86 -52.49 29.86
CA GLN B 512 -20.45 -51.52 28.92
C GLN B 512 -19.60 -50.25 28.90
N PRO B 513 -18.41 -50.32 28.29
CA PRO B 513 -17.62 -49.11 28.13
C PRO B 513 -18.15 -48.24 27.01
N CYS B 514 -17.81 -46.95 27.07
CA CYS B 514 -18.17 -45.99 26.05
C CYS B 514 -16.93 -45.64 25.24
N TRP B 515 -17.06 -45.68 23.91
CA TRP B 515 -15.93 -45.45 23.02
C TRP B 515 -15.86 -44.01 22.51
N TYR B 516 -16.94 -43.50 21.92
CA TYR B 516 -16.94 -42.20 21.26
C TYR B 516 -15.84 -42.14 20.20
N GLU B 517 -15.61 -43.27 19.53
CA GLU B 517 -14.50 -43.43 18.59
C GLU B 517 -15.05 -43.34 17.17
N THR B 518 -14.78 -42.22 16.51
CA THR B 518 -15.16 -42.01 15.11
C THR B 518 -13.93 -42.17 14.23
N VAL B 519 -14.05 -43.00 13.20
CA VAL B 519 -12.98 -43.19 12.23
C VAL B 519 -13.52 -42.87 10.84
N LYS B 520 -12.61 -42.49 9.95
CA LYS B 520 -12.96 -42.03 8.61
C LYS B 520 -12.37 -42.96 7.57
N VAL B 521 -13.15 -43.23 6.52
CA VAL B 521 -12.74 -44.10 5.43
C VAL B 521 -12.76 -43.29 4.15
N SER B 522 -11.71 -43.42 3.35
CA SER B 522 -11.62 -42.76 2.04
C SER B 522 -11.29 -43.81 0.99
N ILE B 523 -12.25 -44.06 0.09
CA ILE B 523 -12.09 -45.04 -0.97
C ILE B 523 -12.47 -44.39 -2.29
N ALA B 524 -11.91 -44.93 -3.37
CA ALA B 524 -12.27 -44.46 -4.71
C ALA B 524 -13.75 -44.70 -4.98
N ILE B 525 -14.36 -43.77 -5.71
CA ILE B 525 -15.80 -43.80 -5.89
C ILE B 525 -16.24 -45.05 -6.64
N GLU B 526 -15.45 -45.48 -7.63
CA GLU B 526 -15.75 -46.74 -8.30
C GLU B 526 -15.41 -47.93 -7.42
N GLU B 527 -14.29 -47.87 -6.71
CA GLU B 527 -13.86 -48.99 -5.88
C GLU B 527 -14.77 -49.17 -4.67
N VAL B 528 -15.22 -48.07 -4.06
CA VAL B 528 -16.03 -48.15 -2.86
C VAL B 528 -17.35 -48.86 -3.12
N THR B 529 -17.81 -48.87 -4.38
CA THR B 529 -19.03 -49.60 -4.73
C THR B 529 -18.88 -51.10 -4.58
N ARG B 530 -17.65 -51.60 -4.42
CA ARG B 530 -17.41 -53.04 -4.26
C ARG B 530 -16.42 -53.27 -3.12
N CYS B 531 -16.60 -52.56 -2.01
CA CYS B 531 -15.73 -52.68 -0.86
C CYS B 531 -16.52 -53.18 0.35
N HIS B 532 -15.80 -53.81 1.28
CA HIS B 532 -16.38 -54.34 2.50
C HIS B 532 -15.38 -54.16 3.63
N ILE B 533 -15.89 -54.04 4.86
CA ILE B 533 -15.08 -53.79 6.04
C ILE B 533 -15.33 -54.89 7.06
N ARG B 534 -14.26 -55.36 7.70
CA ARG B 534 -14.33 -56.39 8.73
C ARG B 534 -13.89 -55.81 10.05
N PHE B 535 -14.41 -56.37 11.14
CA PHE B 535 -14.05 -55.97 12.51
C PHE B 535 -13.70 -57.23 13.29
N THR B 536 -12.43 -57.61 13.23
CA THR B 536 -11.94 -58.75 14.00
C THR B 536 -11.53 -58.29 15.39
N PHE B 537 -12.00 -59.01 16.40
CA PHE B 537 -11.77 -58.67 17.79
C PHE B 537 -10.83 -59.69 18.42
N ARG B 538 -9.64 -59.23 18.78
CA ARG B 538 -8.57 -60.10 19.25
C ARG B 538 -8.41 -59.98 20.76
N HIS B 539 -8.32 -61.12 21.44
CA HIS B 539 -8.07 -61.12 22.86
C HIS B 539 -6.60 -60.84 23.13
N ARG B 540 -6.34 -59.87 24.01
CA ARG B 540 -4.98 -59.45 24.32
C ARG B 540 -4.65 -59.87 25.74
N SER B 541 -3.53 -60.56 25.90
CA SER B 541 -3.11 -61.09 27.20
C SER B 541 -2.03 -60.22 27.82
N SER B 542 -1.73 -60.49 29.09
CA SER B 542 -0.73 -59.72 29.81
C SER B 542 0.66 -59.96 29.24
N GLN B 543 1.06 -61.21 29.09
CA GLN B 543 2.35 -61.53 28.52
C GLN B 543 2.30 -61.40 27.00
N GLU B 544 3.42 -60.93 26.43
CA GLU B 544 3.47 -60.68 25.00
C GLU B 544 3.24 -61.96 24.20
N THR B 545 3.74 -63.09 24.71
CA THR B 545 3.58 -64.36 24.01
C THR B 545 2.10 -64.70 23.83
N ARG B 546 1.33 -64.67 24.90
CA ARG B 546 -0.10 -64.98 24.79
C ARG B 546 -0.87 -63.81 24.19
N ASP B 547 -0.39 -62.58 24.37
CA ASP B 547 -1.05 -61.42 23.76
C ASP B 547 -1.04 -61.51 22.24
N LYS B 548 0.11 -61.86 21.65
CA LYS B 548 0.22 -61.93 20.21
C LYS B 548 -0.13 -63.31 19.65
N SER B 549 -0.08 -64.35 20.47
CA SER B 549 -0.44 -65.68 19.98
C SER B 549 -1.95 -65.82 19.81
N GLU B 550 -2.72 -65.28 20.74
CA GLU B 550 -4.17 -65.35 20.64
C GLU B 550 -4.67 -64.48 19.49
N ARG B 551 -5.49 -65.07 18.62
CA ARG B 551 -6.02 -64.40 17.46
C ARG B 551 -7.41 -63.84 17.78
N ALA B 552 -8.11 -63.38 16.75
CA ALA B 552 -9.42 -62.76 16.91
C ALA B 552 -10.42 -63.79 17.42
N PHE B 553 -10.84 -63.63 18.68
CA PHE B 553 -11.87 -64.52 19.23
C PHE B 553 -13.20 -64.32 18.51
N GLY B 554 -13.54 -63.09 18.18
CA GLY B 554 -14.79 -62.80 17.48
C GLY B 554 -14.55 -61.82 16.35
N VAL B 555 -15.33 -61.99 15.28
CA VAL B 555 -15.20 -61.18 14.07
C VAL B 555 -16.54 -60.53 13.78
N ALA B 556 -16.53 -59.22 13.61
CA ALA B 556 -17.67 -58.45 13.13
C ALA B 556 -17.36 -57.88 11.76
N PHE B 557 -18.40 -57.35 11.11
CA PHE B 557 -18.25 -56.79 9.77
C PHE B 557 -19.50 -56.00 9.44
N VAL B 558 -19.38 -55.14 8.44
CA VAL B 558 -20.50 -54.34 7.96
C VAL B 558 -20.44 -54.26 6.44
N LYS B 559 -21.60 -54.34 5.80
CA LYS B 559 -21.69 -54.18 4.36
C LYS B 559 -21.70 -52.70 4.01
N LEU B 560 -20.89 -52.32 3.04
CA LEU B 560 -20.80 -50.92 2.62
C LEU B 560 -21.85 -50.54 1.59
N MET B 561 -22.56 -51.53 1.02
CA MET B 561 -23.62 -51.28 0.06
C MET B 561 -24.83 -52.13 0.44
N ASN B 562 -25.82 -52.15 -0.44
CA ASN B 562 -27.00 -52.98 -0.29
C ASN B 562 -27.30 -53.67 -1.62
N PRO B 563 -27.89 -54.87 -1.59
CA PRO B 563 -28.16 -55.59 -2.84
C PRO B 563 -29.03 -54.82 -3.82
N ASP B 564 -29.98 -54.02 -3.33
CA ASP B 564 -30.83 -53.23 -4.21
C ASP B 564 -30.09 -52.04 -4.82
N GLY B 565 -28.88 -51.75 -4.36
CA GLY B 565 -28.09 -50.65 -4.86
C GLY B 565 -27.77 -49.59 -3.83
N THR B 566 -28.47 -49.58 -2.70
CA THR B 566 -28.26 -48.57 -1.68
C THR B 566 -26.97 -48.83 -0.91
N THR B 567 -26.62 -47.88 -0.04
CA THR B 567 -25.49 -47.98 0.86
C THR B 567 -26.00 -47.98 2.30
N LEU B 568 -25.07 -48.05 3.24
CA LEU B 568 -25.43 -48.08 4.65
C LEU B 568 -26.05 -46.75 5.07
N GLN B 569 -27.30 -46.80 5.53
CA GLN B 569 -27.99 -45.59 5.95
C GLN B 569 -27.32 -44.98 7.17
N ASP B 570 -27.28 -43.65 7.23
CA ASP B 570 -26.77 -42.97 8.40
C ASP B 570 -27.72 -43.16 9.58
N GLY B 571 -27.14 -43.24 10.78
CA GLY B 571 -27.89 -43.39 12.00
C GLY B 571 -27.23 -44.39 12.91
N ARG B 572 -27.88 -44.63 14.05
CA ARG B 572 -27.37 -45.56 15.05
C ARG B 572 -27.65 -46.99 14.62
N HIS B 573 -26.62 -47.82 14.59
CA HIS B 573 -26.75 -49.22 14.19
C HIS B 573 -26.12 -50.10 15.27
N ASP B 574 -26.77 -51.20 15.59
CA ASP B 574 -26.23 -52.15 16.55
C ASP B 574 -25.47 -53.26 15.83
N LEU B 575 -24.62 -53.96 16.58
CA LEU B 575 -23.83 -55.06 16.05
C LEU B 575 -23.97 -56.28 16.94
N VAL B 576 -23.89 -57.45 16.32
CA VAL B 576 -23.85 -58.74 17.01
C VAL B 576 -22.67 -59.52 16.46
N VAL B 577 -21.80 -59.98 17.34
CA VAL B 577 -20.54 -60.63 16.96
C VAL B 577 -20.75 -62.13 16.92
N TYR B 578 -19.91 -62.82 16.14
CA TYR B 578 -19.94 -64.27 16.03
C TYR B 578 -18.57 -64.82 16.44
N LYS B 579 -18.59 -65.83 17.30
CA LYS B 579 -17.37 -66.47 17.79
C LYS B 579 -17.41 -67.96 17.45
N GLY B 580 -16.42 -68.70 17.95
CA GLY B 580 -16.36 -70.13 17.72
C GLY B 580 -15.59 -70.50 16.47
N ASP B 581 -16.30 -70.73 15.38
CA ASP B 581 -15.66 -71.13 14.13
C ASP B 581 -14.73 -70.03 13.63
N ASN B 582 -13.58 -70.44 13.09
CA ASN B 582 -12.59 -69.53 12.57
C ASN B 582 -12.32 -69.69 11.08
N LYS B 583 -12.94 -70.67 10.43
CA LYS B 583 -12.71 -70.90 9.01
C LYS B 583 -13.78 -70.28 8.12
N LYS B 584 -15.03 -70.21 8.59
CA LYS B 584 -16.10 -69.62 7.79
C LYS B 584 -16.02 -68.09 7.74
N MET B 585 -15.32 -67.47 8.68
CA MET B 585 -15.25 -66.02 8.76
C MET B 585 -13.95 -65.45 8.20
N GLU B 586 -13.17 -66.25 7.48
CA GLU B 586 -11.91 -65.79 6.89
C GLU B 586 -11.92 -65.78 5.37
N ASP B 587 -12.52 -66.79 4.74
CA ASP B 587 -12.60 -66.83 3.29
C ASP B 587 -13.53 -65.72 2.80
N ALA B 588 -13.00 -64.85 1.93
CA ALA B 588 -13.72 -63.63 1.56
C ALA B 588 -15.04 -63.93 0.87
N LYS B 589 -15.04 -64.88 -0.06
CA LYS B 589 -16.23 -65.17 -0.86
C LYS B 589 -17.37 -65.76 -0.03
N PHE B 590 -17.09 -66.28 1.16
CA PHE B 590 -18.11 -66.93 1.98
C PHE B 590 -18.97 -65.91 2.72
N TYR B 591 -18.35 -65.05 3.52
CA TYR B 591 -19.09 -64.12 4.36
C TYR B 591 -19.58 -62.89 3.60
N LEU B 592 -19.59 -62.91 2.27
CA LEU B 592 -20.19 -61.82 1.52
C LEU B 592 -21.68 -61.70 1.77
N THR B 593 -22.33 -62.80 2.15
CA THR B 593 -23.76 -62.82 2.43
C THR B 593 -24.05 -63.26 3.87
N LEU B 594 -23.20 -62.82 4.83
CA LEU B 594 -23.45 -63.11 6.24
C LEU B 594 -23.96 -61.87 6.95
N PRO B 595 -24.75 -62.04 8.01
CA PRO B 595 -25.34 -60.88 8.72
C PRO B 595 -24.25 -60.03 9.37
N GLY B 596 -24.19 -58.76 8.97
CA GLY B 596 -23.24 -57.83 9.54
C GLY B 596 -23.84 -56.49 9.95
N THR B 597 -25.08 -56.25 9.55
CA THR B 597 -25.76 -55.01 9.90
C THR B 597 -27.15 -55.34 10.42
N LYS B 598 -27.67 -54.46 11.27
CA LYS B 598 -28.92 -54.74 11.98
C LYS B 598 -30.09 -54.88 11.02
N MET B 599 -30.20 -53.96 10.05
CA MET B 599 -31.36 -54.00 9.15
C MET B 599 -31.35 -55.26 8.30
N GLU B 600 -30.20 -55.60 7.71
CA GLU B 600 -30.14 -56.79 6.87
C GLU B 600 -30.29 -58.05 7.73
N MET B 601 -29.73 -58.05 8.94
CA MET B 601 -29.88 -59.20 9.82
C MET B 601 -31.35 -59.43 10.18
N GLU B 602 -32.06 -58.35 10.52
CA GLU B 602 -33.46 -58.52 10.93
C GLU B 602 -34.33 -58.89 9.73
N GLU B 603 -34.07 -58.33 8.55
CA GLU B 603 -34.86 -58.72 7.40
C GLU B 603 -34.57 -60.17 7.01
N LYS B 604 -33.32 -60.62 7.15
CA LYS B 604 -32.99 -62.00 6.85
C LYS B 604 -33.65 -62.96 7.84
N GLU B 605 -33.66 -62.61 9.13
CA GLU B 605 -34.33 -63.48 10.08
C GLU B 605 -35.84 -63.49 9.89
N LEU B 606 -36.42 -62.36 9.47
CA LEU B 606 -37.84 -62.35 9.12
C LEU B 606 -38.12 -63.23 7.92
N GLN B 607 -37.25 -63.18 6.90
CA GLN B 607 -37.40 -64.06 5.75
C GLN B 607 -37.28 -65.53 6.15
N ALA B 608 -36.36 -65.84 7.06
CA ALA B 608 -36.24 -67.20 7.56
C ALA B 608 -37.51 -67.61 8.30
N SER B 609 -38.08 -66.70 9.08
CA SER B 609 -39.33 -67.00 9.79
C SER B 609 -40.46 -67.30 8.80
N LYS B 610 -40.57 -66.49 7.74
CA LYS B 610 -41.61 -66.75 6.74
C LYS B 610 -41.22 -67.90 5.81
N ASN B 611 -39.94 -68.07 5.54
CA ASN B 611 -39.47 -69.15 4.65
C ASN B 611 -38.08 -69.58 5.12
N LEU B 612 -38.03 -70.70 5.84
CA LEU B 612 -36.77 -71.22 6.37
C LEU B 612 -36.08 -72.10 5.32
N VAL B 613 -35.86 -71.51 4.15
CA VAL B 613 -35.22 -72.18 3.03
C VAL B 613 -34.02 -71.34 2.59
N THR B 614 -32.85 -71.97 2.51
CA THR B 614 -31.58 -71.35 2.12
C THR B 614 -31.13 -70.25 3.07
N PHE B 615 -31.87 -70.01 4.15
CA PHE B 615 -31.50 -69.00 5.14
C PHE B 615 -32.02 -69.46 6.49
N THR B 616 -31.10 -69.84 7.38
CA THR B 616 -31.46 -70.26 8.73
C THR B 616 -30.63 -69.48 9.74
N PRO B 617 -31.22 -69.14 10.89
CA PRO B 617 -30.47 -68.38 11.90
C PRO B 617 -29.41 -69.26 12.56
N SER B 618 -28.16 -68.83 12.46
CA SER B 618 -27.04 -69.57 13.02
C SER B 618 -27.00 -69.41 14.54
N LYS B 619 -26.38 -70.39 15.21
CA LYS B 619 -26.26 -70.40 16.65
C LYS B 619 -24.87 -69.98 17.13
N ASP B 620 -24.02 -69.47 16.23
CA ASP B 620 -22.65 -69.14 16.59
C ASP B 620 -22.52 -67.84 17.37
N SER B 621 -23.60 -67.07 17.49
CA SER B 621 -23.54 -65.82 18.23
C SER B 621 -23.38 -66.08 19.73
N THR B 622 -22.76 -65.12 20.41
CA THR B 622 -22.53 -65.17 21.85
C THR B 622 -23.40 -64.14 22.55
N LYS B 623 -23.15 -63.96 23.85
CA LYS B 623 -23.98 -63.16 24.73
C LYS B 623 -23.62 -61.68 24.71
N ASP B 624 -23.00 -61.20 23.64
CA ASP B 624 -22.58 -59.81 23.54
C ASP B 624 -23.17 -59.15 22.30
N SER B 625 -23.13 -57.82 22.30
CA SER B 625 -23.59 -57.01 21.18
C SER B 625 -22.84 -55.70 21.21
N PHE B 626 -22.89 -54.98 20.08
CA PHE B 626 -22.22 -53.70 19.94
C PHE B 626 -23.15 -52.72 19.25
N GLN B 627 -22.79 -51.44 19.29
CA GLN B 627 -23.57 -50.39 18.64
C GLN B 627 -22.63 -49.42 17.96
N ILE B 628 -22.99 -49.01 16.74
CA ILE B 628 -22.17 -48.11 15.94
C ILE B 628 -23.01 -46.94 15.46
N ALA B 629 -22.33 -45.84 15.12
CA ALA B 629 -22.95 -44.67 14.51
C ALA B 629 -22.30 -44.45 13.15
N THR B 630 -23.12 -44.31 12.12
CA THR B 630 -22.64 -44.13 10.76
C THR B 630 -23.10 -42.79 10.23
N LEU B 631 -22.16 -41.99 9.72
CA LEU B 631 -22.46 -40.70 9.08
C LEU B 631 -21.51 -40.57 7.89
N ILE B 632 -21.95 -41.01 6.73
CA ILE B 632 -21.12 -41.02 5.53
C ILE B 632 -21.34 -39.70 4.80
N CYS B 633 -20.37 -38.79 4.91
CA CYS B 633 -20.41 -37.51 4.22
C CYS B 633 -19.62 -37.59 2.91
N SER B 634 -20.09 -38.44 2.01
CA SER B 634 -19.47 -38.64 0.71
C SER B 634 -20.29 -37.94 -0.37
N THR B 635 -19.84 -38.09 -1.61
CA THR B 635 -20.50 -37.47 -2.75
C THR B 635 -21.18 -38.47 -3.68
N LYS B 636 -20.95 -39.77 -3.50
CA LYS B 636 -21.52 -40.78 -4.38
C LYS B 636 -22.37 -41.81 -3.65
N LEU B 637 -22.54 -41.69 -2.34
CA LEU B 637 -23.38 -42.62 -1.60
C LEU B 637 -24.85 -42.41 -1.96
N THR B 638 -25.69 -43.35 -1.51
CA THR B 638 -27.13 -43.23 -1.71
C THR B 638 -27.82 -43.90 -0.53
N GLN B 639 -28.14 -43.09 0.48
CA GLN B 639 -28.90 -43.57 1.64
C GLN B 639 -30.38 -43.23 1.49
N ASN B 640 -30.95 -43.71 0.39
CA ASN B 640 -32.35 -43.46 0.09
C ASN B 640 -32.81 -44.50 -0.92
N VAL B 641 -33.77 -45.33 -0.54
CA VAL B 641 -34.36 -46.26 -1.50
C VAL B 641 -35.02 -45.50 -2.63
N ASP B 642 -35.66 -44.35 -2.33
CA ASP B 642 -36.27 -43.55 -3.38
C ASP B 642 -35.23 -43.00 -4.34
N LEU B 643 -33.99 -42.80 -3.87
CA LEU B 643 -32.94 -42.32 -4.74
C LEU B 643 -32.65 -43.32 -5.86
N LEU B 644 -32.41 -44.58 -5.51
CA LEU B 644 -32.21 -45.60 -6.53
C LEU B 644 -33.49 -45.83 -7.33
N GLY B 645 -34.65 -45.70 -6.67
CA GLY B 645 -35.90 -45.81 -7.41
C GLY B 645 -36.00 -44.79 -8.52
N LEU B 646 -35.57 -43.57 -8.25
CA LEU B 646 -35.38 -42.59 -9.33
C LEU B 646 -34.34 -43.08 -10.32
N LEU B 647 -33.26 -43.69 -9.82
CA LEU B 647 -32.22 -44.21 -10.72
C LEU B 647 -32.73 -45.40 -11.53
N ASN B 648 -33.43 -46.33 -10.90
CA ASN B 648 -33.81 -47.57 -11.59
C ASN B 648 -35.32 -47.85 -11.51
N TRP B 649 -36.15 -46.85 -11.85
CA TRP B 649 -37.59 -47.05 -11.80
C TRP B 649 -38.06 -48.16 -12.73
N ARG B 650 -37.28 -48.48 -13.77
CA ARG B 650 -37.67 -49.57 -14.67
C ARG B 650 -37.72 -50.91 -13.94
N SER B 651 -36.88 -51.07 -12.91
CA SER B 651 -36.82 -52.33 -12.19
C SER B 651 -38.04 -52.53 -11.28
N ASN B 652 -38.47 -51.48 -10.59
CA ASN B 652 -39.54 -51.58 -9.59
C ASN B 652 -40.57 -50.49 -9.81
N SER B 653 -41.03 -50.36 -11.06
CA SER B 653 -42.06 -49.37 -11.40
C SER B 653 -43.39 -49.61 -10.69
N GLN B 654 -43.55 -50.73 -9.99
CA GLN B 654 -44.79 -50.98 -9.27
C GLN B 654 -45.00 -49.97 -8.15
N ASN B 655 -43.92 -49.59 -7.47
CA ASN B 655 -43.97 -48.62 -6.38
C ASN B 655 -43.81 -47.18 -6.85
N ILE B 656 -44.14 -46.89 -8.11
CA ILE B 656 -43.98 -45.54 -8.64
C ILE B 656 -44.84 -44.55 -7.87
N LYS B 657 -46.10 -44.92 -7.59
CA LYS B 657 -46.97 -44.03 -6.84
C LYS B 657 -46.42 -43.78 -5.44
N HIS B 658 -45.97 -44.83 -4.76
CA HIS B 658 -45.42 -44.69 -3.42
C HIS B 658 -44.19 -43.79 -3.41
N ASN B 659 -43.30 -43.97 -4.40
CA ASN B 659 -42.11 -43.14 -4.47
C ASN B 659 -42.46 -41.69 -4.76
N LEU B 660 -43.41 -41.45 -5.67
CA LEU B 660 -43.82 -40.09 -5.96
C LEU B 660 -44.44 -39.43 -4.72
N LYS B 661 -45.18 -40.20 -3.93
CA LYS B 661 -45.71 -39.67 -2.68
C LYS B 661 -44.59 -39.32 -1.70
N LYS B 662 -43.60 -40.20 -1.58
CA LYS B 662 -42.50 -39.98 -0.64
C LYS B 662 -41.50 -38.94 -1.12
N LEU B 663 -41.59 -38.51 -2.38
CA LEU B 663 -40.62 -37.57 -2.92
C LEU B 663 -40.66 -36.19 -2.27
N MET B 664 -41.68 -35.87 -1.47
CA MET B 664 -41.83 -34.51 -0.98
C MET B 664 -41.40 -34.33 0.47
N GLU B 665 -40.76 -35.32 1.11
CA GLU B 665 -40.21 -35.12 2.45
C GLU B 665 -38.71 -35.35 2.49
N VAL B 666 -38.03 -35.31 1.35
CA VAL B 666 -36.63 -35.73 1.28
C VAL B 666 -35.71 -34.64 1.81
N ASP B 667 -34.60 -35.05 2.43
CA ASP B 667 -33.58 -34.11 2.88
C ASP B 667 -32.89 -33.46 1.68
N GLY B 668 -32.52 -32.18 1.86
CA GLY B 668 -31.99 -31.43 0.74
C GLY B 668 -30.64 -31.91 0.25
N GLY B 669 -29.76 -32.33 1.17
CA GLY B 669 -28.41 -32.68 0.78
C GLY B 669 -28.36 -33.89 -0.14
N GLU B 670 -29.09 -34.95 0.21
CA GLU B 670 -29.14 -36.12 -0.64
C GLU B 670 -29.74 -35.78 -2.00
N ILE B 671 -30.67 -34.84 -2.04
CA ILE B 671 -31.21 -34.37 -3.31
C ILE B 671 -30.12 -33.70 -4.13
N VAL B 672 -29.55 -32.61 -3.61
CA VAL B 672 -28.56 -31.85 -4.34
C VAL B 672 -27.34 -32.68 -4.72
N LYS B 673 -27.17 -33.84 -4.08
CA LYS B 673 -26.07 -34.72 -4.48
C LYS B 673 -26.20 -35.18 -5.92
N PHE B 674 -27.41 -35.57 -6.34
CA PHE B 674 -27.66 -36.07 -7.69
C PHE B 674 -28.93 -35.49 -8.27
N LEU B 675 -29.18 -34.21 -7.99
CA LEU B 675 -30.35 -33.52 -8.50
C LEU B 675 -30.45 -33.62 -10.02
N GLN B 676 -29.32 -33.52 -10.72
CA GLN B 676 -29.34 -33.59 -12.18
C GLN B 676 -29.88 -34.95 -12.63
N ASP B 677 -29.37 -36.03 -12.05
CA ASP B 677 -29.82 -37.36 -12.44
C ASP B 677 -31.29 -37.56 -12.09
N THR B 678 -31.71 -37.09 -10.92
CA THR B 678 -33.11 -37.22 -10.54
C THR B 678 -34.01 -36.49 -11.51
N LEU B 679 -33.64 -35.25 -11.88
CA LEU B 679 -34.45 -34.48 -12.81
C LEU B 679 -34.51 -35.16 -14.18
N ASP B 680 -33.37 -35.65 -14.58
CA ASP B 680 -33.52 -36.28 -15.89
C ASP B 680 -34.51 -37.42 -15.70
N ALA B 681 -34.20 -38.36 -14.80
CA ALA B 681 -35.05 -39.53 -14.66
C ALA B 681 -36.53 -39.13 -14.68
N LEU B 682 -36.88 -38.05 -14.00
CA LEU B 682 -38.26 -37.57 -14.03
C LEU B 682 -38.67 -37.14 -15.43
N PHE B 683 -37.76 -36.49 -16.16
CA PHE B 683 -38.05 -36.08 -17.54
C PHE B 683 -38.33 -37.30 -18.41
N ASN B 684 -37.49 -38.34 -18.29
CA ASN B 684 -37.70 -39.53 -19.08
C ASN B 684 -39.01 -40.21 -18.69
N ILE B 685 -39.32 -40.25 -17.40
CA ILE B 685 -40.56 -40.88 -16.94
C ILE B 685 -41.76 -40.16 -17.53
N MET B 686 -41.76 -38.83 -17.48
CA MET B 686 -42.88 -38.08 -18.03
C MET B 686 -42.91 -38.07 -19.55
N MET B 687 -41.78 -38.38 -20.19
CA MET B 687 -41.75 -38.46 -21.65
C MET B 687 -42.31 -39.79 -22.14
N GLU B 688 -41.65 -40.89 -21.78
CA GLU B 688 -42.05 -42.19 -22.31
C GLU B 688 -43.37 -42.68 -21.73
N MET B 689 -43.67 -42.36 -20.49
CA MET B 689 -44.91 -42.76 -19.84
C MET B 689 -45.79 -41.53 -19.69
N SER B 690 -46.58 -41.26 -20.73
CA SER B 690 -47.52 -40.13 -20.75
C SER B 690 -48.96 -40.59 -20.76
N ASP B 691 -49.20 -41.88 -20.54
CA ASP B 691 -50.55 -42.45 -20.59
C ASP B 691 -51.32 -42.21 -19.30
N SER B 692 -50.66 -42.28 -18.15
CA SER B 692 -51.31 -42.18 -16.85
C SER B 692 -51.26 -40.73 -16.37
N GLU B 693 -52.43 -40.10 -16.27
CA GLU B 693 -52.48 -38.69 -15.88
C GLU B 693 -52.25 -38.51 -14.38
N THR B 694 -52.59 -39.52 -13.57
CA THR B 694 -52.28 -39.45 -12.15
C THR B 694 -50.78 -39.55 -11.91
N TYR B 695 -50.10 -40.38 -12.71
CA TYR B 695 -48.64 -40.35 -12.73
C TYR B 695 -48.14 -38.94 -13.03
N ASP B 696 -48.77 -38.29 -14.00
CA ASP B 696 -48.38 -36.92 -14.35
C ASP B 696 -48.60 -35.96 -13.19
N PHE B 697 -49.72 -36.12 -12.47
CA PHE B 697 -50.00 -35.26 -11.33
C PHE B 697 -48.94 -35.41 -10.25
N LEU B 698 -48.63 -36.66 -9.88
CA LEU B 698 -47.64 -36.88 -8.84
C LEU B 698 -46.25 -36.44 -9.28
N VAL B 699 -45.92 -36.64 -10.55
CA VAL B 699 -44.63 -36.19 -11.07
C VAL B 699 -44.54 -34.67 -11.03
N PHE B 700 -45.61 -33.98 -11.41
CA PHE B 700 -45.61 -32.53 -11.35
C PHE B 700 -45.45 -32.04 -9.92
N ASP B 701 -46.15 -32.67 -8.98
CA ASP B 701 -45.99 -32.30 -7.57
C ASP B 701 -44.56 -32.53 -7.10
N ALA B 702 -43.96 -33.66 -7.48
CA ALA B 702 -42.59 -33.95 -7.06
C ALA B 702 -41.61 -32.94 -7.65
N LEU B 703 -41.76 -32.61 -8.93
CA LEU B 703 -40.86 -31.62 -9.54
C LEU B 703 -41.08 -30.24 -8.93
N VAL B 704 -42.31 -29.92 -8.56
CA VAL B 704 -42.57 -28.67 -7.85
C VAL B 704 -41.81 -28.64 -6.53
N PHE B 705 -41.88 -29.74 -5.77
CA PHE B 705 -41.14 -29.81 -4.51
C PHE B 705 -39.63 -29.69 -4.74
N ILE B 706 -39.12 -30.37 -5.75
CA ILE B 706 -37.68 -30.33 -6.03
C ILE B 706 -37.24 -28.92 -6.39
N ILE B 707 -37.97 -28.28 -7.31
CA ILE B 707 -37.59 -26.94 -7.74
C ILE B 707 -37.77 -25.93 -6.62
N SER B 708 -38.73 -26.19 -5.71
CA SER B 708 -38.87 -25.35 -4.53
C SER B 708 -37.64 -25.46 -3.63
N LEU B 709 -37.22 -26.69 -3.34
CA LEU B 709 -35.99 -26.86 -2.57
C LEU B 709 -34.81 -26.23 -3.28
N ILE B 710 -34.82 -26.25 -4.61
CA ILE B 710 -33.78 -25.57 -5.39
C ILE B 710 -33.82 -24.07 -5.13
N GLY B 711 -35.03 -23.50 -5.04
CA GLY B 711 -35.18 -22.07 -4.88
C GLY B 711 -34.88 -21.53 -3.49
N ASP B 712 -34.57 -22.39 -2.53
CA ASP B 712 -34.35 -21.94 -1.17
C ASP B 712 -33.08 -21.07 -1.09
N ILE B 713 -32.98 -20.32 0.01
CA ILE B 713 -31.85 -19.42 0.21
C ILE B 713 -30.52 -20.14 0.39
N LYS B 714 -30.56 -21.43 0.75
CA LYS B 714 -29.34 -22.18 1.00
C LYS B 714 -28.69 -22.73 -0.26
N PHE B 715 -29.34 -22.59 -1.42
CA PHE B 715 -28.90 -23.30 -2.61
C PHE B 715 -28.93 -22.41 -3.84
N GLN B 716 -28.55 -21.13 -3.68
CA GLN B 716 -28.33 -20.31 -4.88
C GLN B 716 -26.99 -20.62 -5.54
N HIS B 717 -26.09 -21.28 -4.81
CA HIS B 717 -24.80 -21.66 -5.38
C HIS B 717 -24.97 -22.66 -6.52
N PHE B 718 -25.94 -23.57 -6.39
CA PHE B 718 -26.14 -24.59 -7.41
C PHE B 718 -27.03 -24.13 -8.56
N ASN B 719 -27.64 -22.97 -8.45
CA ASN B 719 -28.43 -22.45 -9.57
C ASN B 719 -27.59 -22.28 -10.84
N PRO B 720 -26.36 -21.74 -10.80
CA PRO B 720 -25.52 -21.79 -12.00
C PRO B 720 -25.26 -23.20 -12.50
N VAL B 721 -25.13 -24.18 -11.59
CA VAL B 721 -24.98 -25.56 -12.00
C VAL B 721 -26.21 -26.01 -12.77
N LEU B 722 -27.39 -25.62 -12.30
CA LEU B 722 -28.62 -25.94 -13.02
C LEU B 722 -28.65 -25.28 -14.39
N GLU B 723 -28.22 -24.03 -14.47
CA GLU B 723 -28.16 -23.34 -15.76
C GLU B 723 -27.25 -24.08 -16.72
N THR B 724 -26.06 -24.46 -16.25
CA THR B 724 -25.12 -25.17 -17.11
C THR B 724 -25.67 -26.52 -17.53
N TYR B 725 -26.33 -27.23 -16.62
CA TYR B 725 -26.90 -28.53 -16.97
C TYR B 725 -28.03 -28.37 -17.97
N ILE B 726 -28.80 -27.28 -17.87
CA ILE B 726 -29.79 -26.97 -18.89
C ILE B 726 -29.11 -26.75 -20.24
N TYR B 727 -27.99 -26.03 -20.24
CA TYR B 727 -27.31 -25.75 -21.50
C TYR B 727 -26.62 -26.97 -22.09
N LYS B 728 -26.30 -27.97 -21.27
CA LYS B 728 -25.49 -29.09 -21.78
C LYS B 728 -26.25 -30.40 -21.92
N HIS B 729 -27.08 -30.79 -20.94
CA HIS B 729 -27.69 -32.12 -20.93
C HIS B 729 -29.21 -32.11 -21.06
N PHE B 730 -29.85 -30.94 -21.01
CA PHE B 730 -31.30 -30.87 -21.12
C PHE B 730 -31.72 -31.30 -22.53
N SER B 731 -32.37 -32.47 -22.64
CA SER B 731 -32.69 -33.07 -23.92
C SER B 731 -34.18 -33.25 -24.13
N ALA B 732 -35.00 -32.38 -23.52
CA ALA B 732 -36.44 -32.46 -23.69
C ALA B 732 -36.86 -31.79 -24.99
N THR B 733 -37.72 -32.46 -25.74
CA THR B 733 -38.18 -31.95 -27.03
C THR B 733 -39.69 -31.71 -27.09
N LEU B 734 -40.50 -32.58 -26.49
CA LEU B 734 -41.94 -32.43 -26.49
C LEU B 734 -42.53 -32.28 -25.09
N ALA B 735 -41.68 -32.23 -24.07
CA ALA B 735 -42.18 -32.10 -22.70
C ALA B 735 -42.65 -30.69 -22.38
N TYR B 736 -42.22 -29.69 -23.15
CA TYR B 736 -42.61 -28.32 -22.85
C TYR B 736 -44.12 -28.13 -22.92
N VAL B 737 -44.74 -28.64 -24.00
CA VAL B 737 -46.19 -28.52 -24.15
C VAL B 737 -46.91 -29.35 -23.09
N LYS B 738 -46.35 -30.51 -22.74
CA LYS B 738 -46.93 -31.33 -21.67
C LYS B 738 -46.97 -30.57 -20.35
N LEU B 739 -45.84 -30.00 -19.94
CA LEU B 739 -45.81 -29.27 -18.68
C LEU B 739 -46.69 -28.02 -18.74
N SER B 740 -46.73 -27.36 -19.90
CA SER B 740 -47.59 -26.19 -20.04
C SER B 740 -49.06 -26.56 -19.86
N LYS B 741 -49.49 -27.66 -20.47
CA LYS B 741 -50.87 -28.10 -20.30
C LYS B 741 -51.14 -28.53 -18.87
N VAL B 742 -50.17 -29.17 -18.22
CA VAL B 742 -50.36 -29.59 -16.84
C VAL B 742 -50.55 -28.37 -15.93
N LEU B 743 -49.73 -27.34 -16.11
CA LEU B 743 -49.88 -26.14 -15.29
C LEU B 743 -51.14 -25.37 -15.66
N ASN B 744 -51.57 -25.44 -16.92
CA ASN B 744 -52.87 -24.89 -17.29
C ASN B 744 -53.99 -25.59 -16.53
N PHE B 745 -53.92 -26.91 -16.42
CA PHE B 745 -54.86 -27.64 -15.57
C PHE B 745 -54.75 -27.19 -14.13
N TYR B 746 -53.53 -26.97 -13.65
CA TYR B 746 -53.30 -26.50 -12.29
C TYR B 746 -54.05 -25.20 -12.02
N VAL B 747 -53.86 -24.22 -12.89
CA VAL B 747 -54.48 -22.91 -12.66
C VAL B 747 -56.00 -22.98 -12.86
N ALA B 748 -56.45 -23.73 -13.87
CA ALA B 748 -57.89 -23.86 -14.10
C ALA B 748 -58.58 -24.64 -12.99
N ASN B 749 -57.84 -25.43 -12.22
CA ASN B 749 -58.38 -26.22 -11.13
C ASN B 749 -57.87 -25.72 -9.79
N ALA B 750 -57.77 -24.40 -9.65
CA ALA B 750 -57.27 -23.77 -8.44
C ALA B 750 -58.32 -23.69 -7.33
N ASP B 751 -59.40 -24.46 -7.43
CA ASP B 751 -60.52 -24.32 -6.51
C ASP B 751 -60.35 -25.12 -5.22
N ASP B 752 -59.37 -26.01 -5.16
CA ASP B 752 -59.23 -26.87 -3.99
C ASP B 752 -58.50 -26.14 -2.86
N SER B 753 -58.98 -26.35 -1.63
CA SER B 753 -58.30 -25.80 -0.46
C SER B 753 -57.04 -26.60 -0.13
N SER B 754 -57.01 -27.89 -0.48
CA SER B 754 -55.81 -28.68 -0.28
C SER B 754 -54.73 -28.33 -1.30
N LYS B 755 -55.11 -27.70 -2.42
CA LYS B 755 -54.18 -27.28 -3.46
C LYS B 755 -53.54 -25.93 -3.16
N THR B 756 -53.89 -25.31 -2.04
CA THR B 756 -53.48 -23.93 -1.77
C THR B 756 -51.96 -23.80 -1.74
N GLU B 757 -51.29 -24.47 -0.80
CA GLU B 757 -49.85 -24.31 -0.67
C GLU B 757 -49.12 -24.89 -1.86
N LEU B 758 -49.68 -25.93 -2.48
CA LEU B 758 -49.05 -26.51 -3.66
C LEU B 758 -48.97 -25.51 -4.80
N LEU B 759 -50.11 -24.90 -5.14
CA LEU B 759 -50.11 -23.88 -6.18
C LEU B 759 -49.32 -22.64 -5.73
N PHE B 760 -49.30 -22.37 -4.43
CA PHE B 760 -48.53 -21.25 -3.93
C PHE B 760 -47.05 -21.43 -4.22
N ALA B 761 -46.50 -22.60 -3.88
CA ALA B 761 -45.10 -22.88 -4.19
C ALA B 761 -44.85 -22.96 -5.68
N ALA B 762 -45.83 -23.49 -6.43
CA ALA B 762 -45.69 -23.56 -7.88
C ALA B 762 -45.54 -22.17 -8.49
N LEU B 763 -46.39 -21.24 -8.08
CA LEU B 763 -46.28 -19.87 -8.59
C LEU B 763 -45.03 -19.19 -8.04
N LYS B 764 -44.58 -19.60 -6.85
CA LYS B 764 -43.33 -19.10 -6.33
C LYS B 764 -42.16 -19.48 -7.22
N ALA B 765 -42.14 -20.71 -7.71
CA ALA B 765 -41.01 -21.23 -8.48
C ALA B 765 -41.26 -21.25 -9.99
N LEU B 766 -42.33 -20.60 -10.46
CA LEU B 766 -42.63 -20.53 -11.89
C LEU B 766 -41.41 -20.19 -12.74
N LYS B 767 -40.48 -19.39 -12.22
CA LYS B 767 -39.34 -18.94 -13.02
C LYS B 767 -38.56 -20.10 -13.60
N TYR B 768 -38.14 -21.04 -12.74
CA TYR B 768 -37.27 -22.11 -13.19
C TYR B 768 -38.01 -23.08 -14.11
N LEU B 769 -39.27 -23.39 -13.80
CA LEU B 769 -40.02 -24.28 -14.69
C LEU B 769 -40.24 -23.65 -16.05
N PHE B 770 -40.49 -22.34 -16.11
CA PHE B 770 -40.62 -21.69 -17.41
C PHE B 770 -39.29 -21.65 -18.13
N ARG B 771 -38.18 -21.55 -17.40
CA ARG B 771 -36.86 -21.74 -18.02
C ARG B 771 -36.76 -23.12 -18.68
N PHE B 772 -37.19 -24.15 -17.97
CA PHE B 772 -37.15 -25.51 -18.52
C PHE B 772 -38.01 -25.60 -19.77
N ILE B 773 -39.21 -25.02 -19.71
CA ILE B 773 -40.13 -25.07 -20.84
C ILE B 773 -39.54 -24.36 -22.05
N ILE B 774 -38.94 -23.18 -21.84
CA ILE B 774 -38.34 -22.44 -22.93
C ILE B 774 -37.20 -23.24 -23.54
N GLN B 775 -36.37 -23.87 -22.69
CA GLN B 775 -35.29 -24.70 -23.22
C GLN B 775 -35.84 -25.84 -24.07
N SER B 776 -36.86 -26.53 -23.56
CA SER B 776 -37.41 -27.66 -24.31
C SER B 776 -38.00 -27.22 -25.65
N ARG B 777 -38.71 -26.09 -25.65
CA ARG B 777 -39.34 -25.62 -26.88
C ARG B 777 -38.29 -25.16 -27.90
N VAL B 778 -37.24 -24.47 -27.44
CA VAL B 778 -36.21 -24.06 -28.39
C VAL B 778 -35.44 -25.27 -28.90
N LEU B 779 -35.27 -26.30 -28.06
CA LEU B 779 -34.67 -27.54 -28.54
C LEU B 779 -35.51 -28.17 -29.63
N TYR B 780 -36.83 -28.21 -29.42
CA TYR B 780 -37.73 -28.73 -30.45
C TYR B 780 -37.64 -27.91 -31.74
N LEU B 781 -37.64 -26.58 -31.60
CA LEU B 781 -37.58 -25.72 -32.78
C LEU B 781 -36.29 -25.90 -33.56
N ARG B 782 -35.15 -26.00 -32.86
CA ARG B 782 -33.88 -26.18 -33.56
C ARG B 782 -33.71 -27.59 -34.11
N PHE B 783 -34.34 -28.58 -33.48
CA PHE B 783 -34.29 -29.93 -34.02
C PHE B 783 -35.11 -30.05 -35.30
N TYR B 784 -36.28 -29.41 -35.33
CA TYR B 784 -37.16 -29.48 -36.49
C TYR B 784 -37.09 -28.24 -37.37
N GLY B 785 -36.17 -27.32 -37.11
CA GLY B 785 -36.00 -26.14 -37.92
C GLY B 785 -37.08 -25.12 -37.69
N GLN B 786 -38.30 -25.40 -38.17
CA GLN B 786 -39.46 -24.56 -37.96
C GLN B 786 -40.62 -25.42 -37.50
N SER B 787 -41.34 -24.95 -36.49
CA SER B 787 -42.47 -25.67 -35.92
C SER B 787 -43.74 -24.90 -36.20
N LYS B 788 -44.69 -25.54 -36.89
CA LYS B 788 -46.03 -24.98 -36.98
C LYS B 788 -46.80 -25.12 -35.68
N ASP B 789 -46.29 -25.90 -34.73
CA ASP B 789 -46.83 -25.94 -33.39
C ASP B 789 -46.49 -24.70 -32.58
N GLY B 790 -45.81 -23.73 -33.18
CA GLY B 790 -45.58 -22.47 -32.50
C GLY B 790 -46.86 -21.71 -32.25
N ASP B 791 -47.77 -21.70 -33.24
CA ASP B 791 -49.04 -21.01 -33.08
C ASP B 791 -49.88 -21.64 -31.97
N GLU B 792 -49.95 -22.96 -31.94
CA GLU B 792 -50.75 -23.62 -30.90
C GLU B 792 -50.15 -23.42 -29.53
N PHE B 793 -48.82 -23.37 -29.41
CA PHE B 793 -48.23 -23.16 -28.09
C PHE B 793 -48.36 -21.70 -27.65
N ASN B 794 -48.31 -20.77 -28.60
CA ASN B 794 -48.63 -19.38 -28.28
C ASN B 794 -50.06 -19.26 -27.79
N ASN B 795 -50.97 -19.99 -28.43
CA ASN B 795 -52.36 -20.03 -27.96
C ASN B 795 -52.44 -20.66 -26.57
N SER B 796 -51.61 -21.66 -26.30
CA SER B 796 -51.55 -22.26 -24.96
C SER B 796 -51.11 -21.24 -23.93
N ILE B 797 -50.09 -20.44 -24.25
CA ILE B 797 -49.63 -19.41 -23.34
C ILE B 797 -50.71 -18.35 -23.13
N ARG B 798 -51.41 -17.98 -24.20
CA ARG B 798 -52.48 -16.99 -24.07
C ARG B 798 -53.63 -17.54 -23.23
N GLN B 799 -53.93 -18.83 -23.37
CA GLN B 799 -54.93 -19.47 -22.53
C GLN B 799 -54.47 -19.50 -21.07
N LEU B 800 -53.17 -19.69 -20.84
CA LEU B 800 -52.63 -19.57 -19.49
C LEU B 800 -52.84 -18.16 -18.95
N PHE B 801 -52.63 -17.15 -19.81
CA PHE B 801 -52.88 -15.77 -19.42
C PHE B 801 -54.34 -15.56 -19.02
N LEU B 802 -55.27 -16.07 -19.84
CA LEU B 802 -56.68 -15.89 -19.52
C LEU B 802 -57.07 -16.70 -18.29
N ALA B 803 -56.41 -17.84 -18.08
CA ALA B 803 -56.61 -18.60 -16.84
C ALA B 803 -56.18 -17.81 -15.63
N PHE B 804 -55.06 -17.10 -15.74
CA PHE B 804 -54.64 -16.21 -14.66
C PHE B 804 -55.63 -15.05 -14.50
N ASN B 805 -56.18 -14.58 -15.62
CA ASN B 805 -57.22 -13.54 -15.56
C ASN B 805 -58.39 -14.00 -14.71
N MET B 806 -58.91 -15.19 -14.97
CA MET B 806 -60.04 -15.70 -14.20
C MET B 806 -59.62 -16.09 -12.79
N LEU B 807 -58.35 -16.48 -12.61
CA LEU B 807 -57.82 -16.73 -11.28
C LEU B 807 -57.86 -15.49 -10.42
N MET B 808 -57.53 -14.33 -11.00
CA MET B 808 -57.69 -13.07 -10.28
C MET B 808 -59.15 -12.66 -10.18
N ASP B 809 -59.97 -13.02 -11.17
CA ASP B 809 -61.39 -12.67 -11.15
C ASP B 809 -62.14 -13.39 -10.03
N ARG B 810 -61.82 -14.65 -9.78
CA ARG B 810 -62.50 -15.41 -8.75
C ARG B 810 -62.20 -14.81 -7.37
N PRO B 811 -63.08 -15.06 -6.38
CA PRO B 811 -62.95 -14.39 -5.09
C PRO B 811 -61.58 -14.61 -4.44
N LEU B 812 -61.07 -13.54 -3.84
CA LEU B 812 -59.75 -13.48 -3.23
C LEU B 812 -59.75 -13.94 -1.78
N GLU B 813 -60.92 -14.29 -1.23
CA GLU B 813 -61.04 -14.53 0.21
C GLU B 813 -60.12 -15.64 0.70
N GLU B 814 -59.74 -16.57 -0.19
CA GLU B 814 -58.91 -17.70 0.20
C GLU B 814 -57.51 -17.67 -0.40
N ALA B 815 -57.23 -16.73 -1.31
CA ALA B 815 -55.94 -16.66 -1.99
C ALA B 815 -55.39 -15.25 -1.95
N VAL B 816 -55.57 -14.56 -0.82
CA VAL B 816 -55.09 -13.19 -0.69
C VAL B 816 -53.57 -13.14 -0.86
N LYS B 817 -52.85 -13.78 0.08
CA LYS B 817 -51.40 -13.87 -0.03
C LYS B 817 -50.99 -14.62 -1.28
N ILE B 818 -51.76 -15.63 -1.67
CA ILE B 818 -51.40 -16.46 -2.81
C ILE B 818 -51.42 -15.64 -4.10
N LYS B 819 -52.52 -14.92 -4.35
CA LYS B 819 -52.59 -14.12 -5.57
C LYS B 819 -51.65 -12.92 -5.49
N GLY B 820 -51.44 -12.37 -4.29
CA GLY B 820 -50.46 -11.30 -4.15
C GLY B 820 -49.07 -11.74 -4.58
N ALA B 821 -48.64 -12.91 -4.09
CA ALA B 821 -47.35 -13.43 -4.50
C ALA B 821 -47.35 -13.81 -5.98
N ALA B 822 -48.48 -14.30 -6.48
CA ALA B 822 -48.56 -14.66 -7.89
C ALA B 822 -48.29 -13.46 -8.78
N LEU B 823 -48.93 -12.33 -8.49
CA LEU B 823 -48.58 -11.11 -9.20
C LEU B 823 -47.16 -10.67 -8.89
N LYS B 824 -46.67 -10.97 -7.68
CA LYS B 824 -45.34 -10.52 -7.28
C LYS B 824 -44.25 -11.06 -8.19
N TYR B 825 -44.31 -12.34 -8.52
CA TYR B 825 -43.30 -12.97 -9.37
C TYR B 825 -43.78 -13.19 -10.79
N LEU B 826 -44.92 -12.62 -11.18
CA LEU B 826 -45.52 -12.96 -12.47
C LEU B 826 -44.62 -12.68 -13.66
N PRO B 827 -44.04 -11.48 -13.83
CA PRO B 827 -43.25 -11.20 -15.02
C PRO B 827 -41.77 -11.53 -14.90
N SER B 828 -41.37 -12.29 -13.88
CA SER B 828 -39.95 -12.55 -13.66
C SER B 828 -39.32 -13.25 -14.85
N ILE B 829 -40.03 -14.18 -15.47
CA ILE B 829 -39.49 -14.97 -16.57
C ILE B 829 -39.90 -14.45 -17.94
N ILE B 830 -40.95 -13.62 -18.02
CA ILE B 830 -41.41 -13.14 -19.32
C ILE B 830 -40.33 -12.37 -20.05
N ASN B 831 -39.29 -11.94 -19.33
CA ASN B 831 -38.11 -11.38 -19.99
C ASN B 831 -37.54 -12.36 -21.01
N ASP B 832 -37.30 -13.60 -20.59
CA ASP B 832 -36.78 -14.61 -21.53
C ASP B 832 -37.88 -15.11 -22.47
N VAL B 833 -39.14 -14.97 -22.08
CA VAL B 833 -40.24 -15.33 -22.98
C VAL B 833 -40.29 -14.36 -24.16
N LYS B 834 -39.92 -13.10 -23.94
CA LYS B 834 -39.83 -12.16 -25.05
C LYS B 834 -38.85 -12.64 -26.10
N LEU B 835 -37.78 -13.33 -25.69
CA LEU B 835 -36.82 -13.88 -26.64
C LEU B 835 -37.48 -14.89 -27.56
N VAL B 836 -38.55 -15.54 -27.12
CA VAL B 836 -39.19 -16.59 -27.91
C VAL B 836 -40.59 -16.21 -28.40
N PHE B 837 -41.23 -15.20 -27.82
CA PHE B 837 -42.58 -14.80 -28.23
C PHE B 837 -42.59 -13.36 -28.71
N ASP B 838 -43.67 -12.99 -29.38
CA ASP B 838 -43.84 -11.65 -29.92
C ASP B 838 -43.94 -10.64 -28.79
N PRO B 839 -43.06 -9.62 -28.75
CA PRO B 839 -43.11 -8.67 -27.63
C PRO B 839 -44.39 -7.86 -27.55
N VAL B 840 -44.96 -7.48 -28.70
CA VAL B 840 -46.18 -6.67 -28.71
C VAL B 840 -47.30 -7.41 -27.99
N GLU B 841 -47.48 -8.69 -28.33
CA GLU B 841 -48.58 -9.45 -27.76
C GLU B 841 -48.38 -9.68 -26.27
N LEU B 842 -47.15 -9.97 -25.85
CA LEU B 842 -46.86 -10.13 -24.42
C LEU B 842 -47.16 -8.85 -23.65
N SER B 843 -46.72 -7.72 -24.19
CA SER B 843 -46.94 -6.44 -23.53
C SER B 843 -48.43 -6.13 -23.42
N VAL B 844 -49.18 -6.31 -24.51
CA VAL B 844 -50.60 -5.95 -24.48
C VAL B 844 -51.37 -6.94 -23.59
N LEU B 845 -50.95 -8.20 -23.54
CA LEU B 845 -51.59 -9.15 -22.65
C LEU B 845 -51.36 -8.76 -21.19
N PHE B 846 -50.13 -8.34 -20.87
CA PHE B 846 -49.89 -7.85 -19.52
C PHE B 846 -50.68 -6.58 -19.23
N CYS B 847 -50.86 -5.73 -20.26
CA CYS B 847 -51.69 -4.54 -20.08
C CYS B 847 -53.13 -4.91 -19.76
N LYS B 848 -53.68 -5.87 -20.49
CA LYS B 848 -55.03 -6.34 -20.20
C LYS B 848 -55.11 -6.95 -18.81
N PHE B 849 -54.09 -7.72 -18.42
CA PHE B 849 -54.08 -8.33 -17.09
C PHE B 849 -54.11 -7.27 -16.00
N ILE B 850 -53.26 -6.25 -16.11
CA ILE B 850 -53.19 -5.26 -15.04
C ILE B 850 -54.42 -4.37 -15.04
N GLN B 851 -54.96 -4.00 -16.22
CA GLN B 851 -56.21 -3.27 -16.24
C GLN B 851 -57.36 -4.09 -15.68
N SER B 852 -57.26 -5.43 -15.75
CA SER B 852 -58.23 -6.29 -15.10
C SER B 852 -58.00 -6.41 -13.60
N ILE B 853 -56.84 -6.02 -13.11
CA ILE B 853 -56.57 -6.11 -11.66
C ILE B 853 -57.49 -5.14 -10.92
N PRO B 854 -58.21 -5.60 -9.90
CA PRO B 854 -59.17 -4.71 -9.22
C PRO B 854 -58.48 -3.56 -8.51
N ASP B 855 -59.22 -2.47 -8.35
CA ASP B 855 -58.75 -1.25 -7.69
C ASP B 855 -59.16 -1.20 -6.23
N ASN B 856 -59.21 -2.36 -5.56
CA ASN B 856 -59.80 -2.45 -4.23
C ASN B 856 -58.89 -3.06 -3.17
N GLN B 857 -58.00 -3.98 -3.52
CA GLN B 857 -57.24 -4.74 -2.53
C GLN B 857 -55.77 -4.80 -2.90
N LEU B 858 -54.92 -4.55 -1.91
CA LEU B 858 -53.47 -4.79 -2.01
C LEU B 858 -52.85 -4.01 -3.17
N VAL B 859 -53.07 -2.70 -3.16
CA VAL B 859 -52.56 -1.86 -4.23
C VAL B 859 -51.05 -1.73 -4.16
N ARG B 860 -50.49 -1.63 -2.95
CA ARG B 860 -49.05 -1.43 -2.83
C ARG B 860 -48.27 -2.62 -3.38
N GLN B 861 -48.76 -3.83 -3.14
CA GLN B 861 -48.09 -5.02 -3.65
C GLN B 861 -48.06 -5.03 -5.17
N LYS B 862 -49.23 -4.78 -5.79
CA LYS B 862 -49.26 -4.75 -7.26
C LYS B 862 -48.46 -3.57 -7.80
N LEU B 863 -48.28 -2.52 -7.00
CA LEU B 863 -47.44 -1.42 -7.45
C LEU B 863 -45.97 -1.81 -7.42
N ASN B 864 -45.55 -2.58 -6.42
CA ASN B 864 -44.21 -3.16 -6.47
C ASN B 864 -44.06 -4.05 -7.69
N CYS B 865 -45.10 -4.85 -7.97
CA CYS B 865 -45.10 -5.66 -9.18
C CYS B 865 -44.85 -4.80 -10.41
N MET B 866 -45.64 -3.73 -10.59
CA MET B 866 -45.49 -2.84 -11.73
C MET B 866 -44.11 -2.20 -11.77
N THR B 867 -43.58 -1.84 -10.60
CA THR B 867 -42.22 -1.32 -10.50
C THR B 867 -41.25 -2.26 -11.18
N LYS B 868 -41.29 -3.54 -10.82
CA LYS B 868 -40.43 -4.50 -11.50
C LYS B 868 -40.87 -4.72 -12.95
N ILE B 869 -42.13 -4.42 -13.27
CA ILE B 869 -42.67 -4.69 -14.60
C ILE B 869 -42.03 -3.78 -15.63
N VAL B 870 -42.25 -2.46 -15.50
CA VAL B 870 -41.74 -1.55 -16.51
C VAL B 870 -40.22 -1.53 -16.46
N GLU B 871 -39.65 -1.88 -15.30
CA GLU B 871 -38.21 -2.03 -15.17
C GLU B 871 -37.64 -2.95 -16.22
N SER B 872 -38.35 -4.00 -16.56
CA SER B 872 -37.89 -4.97 -17.54
C SER B 872 -38.63 -4.78 -18.86
N THR B 873 -37.87 -4.77 -19.96
CA THR B 873 -38.30 -4.83 -21.35
C THR B 873 -39.06 -3.59 -21.82
N LEU B 874 -39.37 -2.65 -20.94
CA LEU B 874 -39.73 -1.33 -21.44
C LEU B 874 -38.52 -0.66 -22.09
N PHE B 875 -37.32 -1.02 -21.65
CA PHE B 875 -36.12 -0.63 -22.38
C PHE B 875 -36.08 -1.28 -23.75
N ARG B 876 -36.83 -2.37 -23.94
CA ARG B 876 -37.09 -2.91 -25.28
C ARG B 876 -38.25 -2.12 -25.88
N GLN B 877 -38.02 -0.81 -26.01
CA GLN B 877 -39.05 0.17 -26.28
C GLN B 877 -39.51 0.18 -27.73
N SER B 878 -38.88 -0.61 -28.61
CA SER B 878 -39.16 -0.49 -30.03
C SER B 878 -40.61 -0.79 -30.38
N GLU B 879 -41.35 -1.45 -29.48
CA GLU B 879 -42.72 -1.83 -29.78
C GLU B 879 -43.66 -1.69 -28.58
N CYS B 880 -43.23 -1.08 -27.49
CA CYS B 880 -44.02 -1.10 -26.25
C CYS B 880 -44.11 0.29 -25.64
N ARG B 881 -44.17 1.33 -26.48
CA ARG B 881 -44.32 2.68 -25.96
C ARG B 881 -45.78 3.11 -25.91
N GLU B 882 -46.43 3.19 -27.07
CA GLU B 882 -47.78 3.74 -27.17
C GLU B 882 -48.83 2.89 -26.46
N VAL B 883 -48.44 1.76 -25.89
CA VAL B 883 -49.40 0.89 -25.20
C VAL B 883 -49.06 0.82 -23.72
N LEU B 884 -47.78 0.68 -23.39
CA LEU B 884 -47.37 0.66 -21.99
C LEU B 884 -47.57 2.02 -21.33
N LEU B 885 -47.27 3.11 -22.06
CA LEU B 885 -47.44 4.44 -21.48
C LEU B 885 -48.87 4.71 -21.05
N PRO B 886 -49.91 4.40 -21.84
CA PRO B 886 -51.29 4.58 -21.32
C PRO B 886 -51.58 3.80 -20.05
N LEU B 887 -51.04 2.59 -19.91
CA LEU B 887 -51.27 1.84 -18.68
C LEU B 887 -50.63 2.55 -17.49
N LEU B 888 -49.39 3.00 -17.66
CA LEU B 888 -48.73 3.75 -16.60
C LEU B 888 -49.54 4.99 -16.25
N THR B 889 -50.07 5.66 -17.27
CA THR B 889 -50.88 6.86 -17.03
C THR B 889 -52.12 6.53 -16.22
N ASP B 890 -52.81 5.43 -16.58
CA ASP B 890 -54.03 5.07 -15.87
C ASP B 890 -53.74 4.71 -14.42
N GLN B 891 -52.68 3.92 -14.20
CA GLN B 891 -52.39 3.51 -12.82
C GLN B 891 -51.92 4.70 -11.98
N LEU B 892 -51.16 5.63 -12.58
CA LEU B 892 -50.78 6.82 -11.82
C LEU B 892 -51.99 7.70 -11.55
N SER B 893 -52.93 7.81 -12.49
CA SER B 893 -54.13 8.58 -12.26
C SER B 893 -54.96 7.99 -11.12
N GLY B 894 -55.05 6.66 -11.07
CA GLY B 894 -55.69 6.03 -9.93
C GLY B 894 -54.93 6.29 -8.64
N GLN B 895 -53.60 6.34 -8.74
CA GLN B 895 -52.78 6.68 -7.58
C GLN B 895 -53.03 8.11 -7.10
N LEU B 896 -53.43 9.01 -8.01
CA LEU B 896 -53.47 10.43 -7.71
C LEU B 896 -54.40 10.73 -6.53
N ASP B 897 -55.69 10.52 -6.72
CA ASP B 897 -56.69 10.99 -5.76
C ASP B 897 -57.28 9.79 -5.04
N ASP B 898 -56.80 9.56 -3.82
CA ASP B 898 -57.31 8.50 -2.97
C ASP B 898 -57.53 8.93 -1.53
N ASN B 899 -57.00 10.07 -1.11
CA ASN B 899 -57.06 10.57 0.27
C ASN B 899 -56.37 9.63 1.25
N SER B 900 -55.64 8.63 0.75
CA SER B 900 -54.90 7.71 1.60
C SER B 900 -53.57 7.30 0.97
N ASN B 901 -52.98 8.17 0.14
CA ASN B 901 -51.76 7.86 -0.59
C ASN B 901 -50.50 8.12 0.21
N LYS B 902 -50.58 8.15 1.53
CA LYS B 902 -49.37 8.40 2.33
C LYS B 902 -48.28 7.34 2.12
N PRO B 903 -48.56 6.02 2.19
CA PRO B 903 -47.49 5.06 1.87
C PRO B 903 -47.32 4.88 0.37
N ASP B 904 -48.32 5.32 -0.40
CA ASP B 904 -48.26 5.28 -1.85
C ASP B 904 -47.18 6.18 -2.42
N HIS B 905 -46.68 7.14 -1.63
CA HIS B 905 -45.73 8.11 -2.16
C HIS B 905 -44.45 7.43 -2.64
N GLU B 906 -43.91 6.49 -1.85
CA GLU B 906 -42.66 5.85 -2.23
C GLU B 906 -42.85 4.98 -3.46
N ALA B 907 -43.96 4.25 -3.55
CA ALA B 907 -44.21 3.41 -4.71
C ALA B 907 -44.35 4.25 -5.97
N SER B 908 -45.18 5.29 -5.91
CA SER B 908 -45.34 6.17 -7.07
C SER B 908 -44.04 6.86 -7.41
N SER B 909 -43.21 7.14 -6.39
CA SER B 909 -41.90 7.73 -6.63
C SER B 909 -41.03 6.79 -7.45
N GLN B 910 -40.89 5.55 -6.98
CA GLN B 910 -40.11 4.58 -7.76
C GLN B 910 -40.68 4.43 -9.16
N LEU B 911 -42.01 4.43 -9.27
CA LEU B 911 -42.67 4.28 -10.57
C LEU B 911 -42.22 5.39 -11.52
N LEU B 912 -42.52 6.63 -11.17
CA LEU B 912 -42.20 7.75 -12.05
C LEU B 912 -40.70 7.85 -12.28
N SER B 913 -39.91 7.55 -11.24
CA SER B 913 -38.46 7.54 -11.41
C SER B 913 -38.07 6.63 -12.56
N ASN B 914 -38.53 5.38 -12.53
CA ASN B 914 -38.09 4.42 -13.52
C ASN B 914 -38.69 4.72 -14.89
N ILE B 915 -39.89 5.29 -14.93
CA ILE B 915 -40.45 5.64 -16.24
C ILE B 915 -39.61 6.74 -16.87
N LEU B 916 -39.19 7.73 -16.09
CA LEU B 916 -38.29 8.74 -16.63
C LEU B 916 -36.95 8.12 -17.01
N GLU B 917 -36.51 7.11 -16.24
CA GLU B 917 -35.27 6.42 -16.57
C GLU B 917 -35.33 5.83 -17.97
N VAL B 918 -36.44 5.15 -18.29
CA VAL B 918 -36.59 4.64 -19.65
C VAL B 918 -36.78 5.77 -20.65
N LEU B 919 -37.36 6.89 -20.23
CA LEU B 919 -37.56 8.00 -21.16
C LEU B 919 -36.25 8.64 -21.56
N ASP B 920 -35.24 8.57 -20.69
CA ASP B 920 -33.97 9.23 -20.96
C ASP B 920 -32.94 8.33 -21.63
N ARG B 921 -33.18 7.02 -21.68
CA ARG B 921 -32.15 6.11 -22.16
C ARG B 921 -31.79 6.39 -23.62
N LYS B 922 -30.48 6.42 -23.88
CA LYS B 922 -29.97 6.62 -25.23
C LYS B 922 -30.10 5.39 -26.11
N ASP B 923 -30.41 4.23 -25.53
CA ASP B 923 -30.66 3.00 -26.27
C ASP B 923 -32.14 2.85 -26.61
N VAL B 924 -32.83 3.96 -26.78
CA VAL B 924 -34.27 3.99 -27.03
C VAL B 924 -34.58 4.36 -28.48
N GLY B 925 -34.05 5.49 -28.94
CA GLY B 925 -34.34 5.96 -30.27
C GLY B 925 -35.12 7.26 -30.27
N ALA B 926 -36.24 7.29 -31.01
CA ALA B 926 -37.07 8.48 -31.07
C ALA B 926 -38.19 8.37 -30.04
N THR B 927 -38.36 9.42 -29.23
CA THR B 927 -39.40 9.44 -28.21
C THR B 927 -40.12 10.79 -28.18
N ALA B 928 -40.25 11.43 -29.33
CA ALA B 928 -40.79 12.80 -29.36
C ALA B 928 -42.27 12.82 -29.00
N VAL B 929 -43.11 12.15 -29.79
CA VAL B 929 -44.55 12.22 -29.57
C VAL B 929 -44.96 11.51 -28.29
N HIS B 930 -44.23 10.47 -27.90
CA HIS B 930 -44.57 9.75 -26.68
C HIS B 930 -44.28 10.59 -25.44
N ILE B 931 -43.11 11.21 -25.38
CA ILE B 931 -42.81 12.17 -24.32
C ILE B 931 -43.79 13.34 -24.40
N GLN B 932 -44.23 13.69 -25.61
CA GLN B 932 -45.21 14.76 -25.77
C GLN B 932 -46.51 14.42 -25.07
N LEU B 933 -47.04 13.22 -25.31
CA LEU B 933 -48.26 12.80 -24.60
C LEU B 933 -48.01 12.68 -23.11
N ILE B 934 -46.82 12.22 -22.73
CA ILE B 934 -46.44 12.15 -21.32
C ILE B 934 -46.63 13.51 -20.66
N MET B 935 -45.93 14.53 -21.16
CA MET B 935 -46.08 15.87 -20.61
C MET B 935 -47.48 16.41 -20.81
N GLU B 936 -48.23 15.88 -21.79
CA GLU B 936 -49.64 16.23 -21.89
C GLU B 936 -50.42 15.73 -20.68
N ARG B 937 -49.94 14.66 -20.04
CA ARG B 937 -50.62 14.18 -18.84
C ARG B 937 -49.64 13.79 -17.74
N LEU B 938 -48.57 14.57 -17.54
CA LEU B 938 -47.65 14.29 -16.44
C LEU B 938 -47.15 15.55 -15.75
N LEU B 939 -47.89 16.66 -15.80
CA LEU B 939 -47.45 17.88 -15.16
C LEU B 939 -48.37 18.39 -14.07
N ARG B 940 -49.64 18.63 -14.39
CA ARG B 940 -50.55 19.20 -13.40
C ARG B 940 -50.75 18.25 -12.23
N ARG B 941 -50.75 16.94 -12.52
CA ARG B 941 -50.99 15.96 -11.46
C ARG B 941 -49.88 15.97 -10.43
N ILE B 942 -48.61 16.04 -10.87
CA ILE B 942 -47.52 16.08 -9.90
C ILE B 942 -47.46 17.41 -9.20
N ASN B 943 -47.81 18.49 -9.91
CA ASN B 943 -47.94 19.78 -9.24
C ASN B 943 -48.94 19.69 -8.09
N ARG B 944 -50.11 19.09 -8.36
CA ARG B 944 -51.12 18.96 -7.33
C ARG B 944 -50.65 18.06 -6.19
N THR B 945 -49.94 16.97 -6.52
CA THR B 945 -49.46 16.07 -5.48
C THR B 945 -48.50 16.79 -4.55
N VAL B 946 -47.52 17.53 -5.11
CA VAL B 946 -46.58 18.22 -4.25
C VAL B 946 -47.28 19.33 -3.47
N ILE B 947 -48.26 19.99 -4.07
CA ILE B 947 -49.06 20.98 -3.34
C ILE B 947 -49.71 20.33 -2.12
N GLY B 948 -50.29 19.14 -2.31
CA GLY B 948 -50.90 18.45 -1.19
C GLY B 948 -49.90 18.05 -0.14
N MET B 949 -48.72 17.56 -0.56
CA MET B 949 -47.74 17.02 0.36
C MET B 949 -46.59 17.98 0.64
N ASN B 950 -46.86 19.29 0.61
CA ASN B 950 -45.86 20.27 0.99
C ASN B 950 -45.36 20.09 2.42
N ARG B 951 -45.99 19.24 3.22
CA ARG B 951 -45.47 18.91 4.54
C ARG B 951 -44.08 18.30 4.39
N GLN B 952 -43.19 18.65 5.32
CA GLN B 952 -41.77 18.40 5.18
C GLN B 952 -41.31 17.12 5.87
N SER B 953 -42.22 16.35 6.46
CA SER B 953 -41.85 15.09 7.11
C SER B 953 -41.60 13.94 6.12
N PRO B 954 -42.44 13.76 5.05
CA PRO B 954 -42.21 12.63 4.14
C PRO B 954 -40.94 12.77 3.32
N HIS B 955 -40.71 11.83 2.41
CA HIS B 955 -39.52 11.83 1.57
C HIS B 955 -39.82 12.58 0.26
N ILE B 956 -40.01 13.89 0.42
CA ILE B 956 -40.43 14.72 -0.71
C ILE B 956 -39.33 14.82 -1.75
N GLY B 957 -38.07 14.87 -1.32
CA GLY B 957 -36.97 15.08 -2.25
C GLY B 957 -36.99 14.12 -3.41
N SER B 958 -37.51 12.91 -3.20
CA SER B 958 -37.70 11.97 -4.30
C SER B 958 -38.56 12.60 -5.40
N PHE B 959 -39.74 13.08 -5.03
CA PHE B 959 -40.63 13.67 -6.01
C PHE B 959 -40.07 14.99 -6.54
N VAL B 960 -39.30 15.69 -5.71
CA VAL B 960 -38.58 16.86 -6.18
C VAL B 960 -37.69 16.49 -7.35
N ALA B 961 -36.86 15.46 -7.16
CA ALA B 961 -35.99 14.98 -8.22
C ALA B 961 -36.80 14.56 -9.42
N CYS B 962 -37.93 13.90 -9.18
CA CYS B 962 -38.79 13.48 -10.28
C CYS B 962 -39.21 14.67 -11.12
N MET B 963 -39.81 15.67 -10.49
CA MET B 963 -40.34 16.81 -11.24
C MET B 963 -39.23 17.61 -11.91
N ILE B 964 -38.07 17.74 -11.24
CA ILE B 964 -37.01 18.52 -11.84
C ILE B 964 -36.42 17.79 -13.03
N ALA B 965 -36.21 16.47 -12.92
CA ALA B 965 -35.81 15.68 -14.06
C ALA B 965 -36.79 15.84 -15.20
N LEU B 966 -38.09 15.77 -14.88
CA LEU B 966 -39.12 15.97 -15.90
C LEU B 966 -38.94 17.31 -16.60
N LEU B 967 -38.84 18.39 -15.81
CA LEU B 967 -38.78 19.72 -16.41
C LEU B 967 -37.54 19.89 -17.28
N GLN B 968 -36.39 19.40 -16.82
CA GLN B 968 -35.19 19.54 -17.65
C GLN B 968 -35.25 18.65 -18.88
N GLN B 969 -35.88 17.49 -18.78
CA GLN B 969 -35.83 16.52 -19.86
C GLN B 969 -36.52 17.03 -21.12
N MET B 970 -37.70 17.63 -20.98
CA MET B 970 -38.43 18.10 -22.15
C MET B 970 -37.73 19.32 -22.73
N ASP B 971 -37.59 19.31 -24.05
CA ASP B 971 -37.03 20.44 -24.79
C ASP B 971 -38.09 21.51 -24.95
N ASP B 972 -37.65 22.72 -25.30
CA ASP B 972 -38.55 23.86 -25.42
C ASP B 972 -39.64 23.65 -26.45
N SER B 973 -39.40 22.80 -27.46
CA SER B 973 -40.36 22.62 -28.54
C SER B 973 -41.69 22.07 -28.01
N HIS B 974 -41.63 21.01 -27.20
CA HIS B 974 -42.87 20.43 -26.67
C HIS B 974 -43.53 21.36 -25.67
N TYR B 975 -42.74 22.12 -24.91
CA TYR B 975 -43.30 23.17 -24.06
C TYR B 975 -44.17 24.11 -24.89
N SER B 976 -43.60 24.60 -26.00
CA SER B 976 -44.29 25.60 -26.88
C SER B 976 -45.49 24.97 -27.57
N HIS B 977 -45.39 23.69 -27.82
CA HIS B 977 -46.46 23.04 -28.58
C HIS B 977 -47.67 22.72 -27.70
N TYR B 978 -47.43 22.20 -26.49
CA TYR B 978 -48.62 21.90 -25.69
C TYR B 978 -48.60 22.51 -24.29
N ILE B 979 -47.44 22.59 -23.64
CA ILE B 979 -47.40 23.19 -22.31
C ILE B 979 -47.92 24.62 -22.38
N SER B 980 -47.60 25.33 -23.46
CA SER B 980 -48.25 26.59 -23.76
C SER B 980 -49.72 26.40 -24.14
N THR B 981 -50.04 25.35 -24.89
CA THR B 981 -51.39 25.16 -25.42
C THR B 981 -52.29 24.46 -24.39
N PHE B 982 -52.46 25.14 -23.27
CA PHE B 982 -53.37 24.70 -22.22
C PHE B 982 -54.74 25.33 -22.42
N LYS B 983 -55.57 25.28 -21.38
CA LYS B 983 -56.95 25.74 -21.44
C LYS B 983 -57.06 27.26 -21.35
N THR B 984 -58.28 27.75 -21.09
CA THR B 984 -58.61 29.16 -21.19
C THR B 984 -57.71 30.03 -20.32
N ARG B 985 -57.79 31.34 -20.57
CA ARG B 985 -56.85 32.29 -19.96
C ARG B 985 -56.95 32.29 -18.45
N GLN B 986 -58.17 32.23 -17.91
CA GLN B 986 -58.32 32.12 -16.46
C GLN B 986 -57.68 30.83 -15.95
N ASP B 987 -57.92 29.72 -16.64
CA ASP B 987 -57.35 28.44 -16.21
C ASP B 987 -55.83 28.45 -16.29
N ILE B 988 -55.27 28.98 -17.37
CA ILE B 988 -53.81 28.99 -17.50
C ILE B 988 -53.20 29.96 -16.49
N ILE B 989 -53.89 31.06 -16.18
CA ILE B 989 -53.40 31.98 -15.16
C ILE B 989 -53.38 31.30 -13.79
N ASP B 990 -54.43 30.52 -13.49
CA ASP B 990 -54.44 29.75 -12.26
C ASP B 990 -53.30 28.75 -12.23
N PHE B 991 -53.05 28.08 -13.35
CA PHE B 991 -51.90 27.19 -13.46
C PHE B 991 -50.61 27.93 -13.13
N LEU B 992 -50.43 29.11 -13.73
CA LEU B 992 -49.19 29.86 -13.52
C LEU B 992 -49.03 30.24 -12.04
N MET B 993 -50.09 30.75 -11.42
CA MET B 993 -49.96 31.19 -10.03
C MET B 993 -49.74 30.01 -9.10
N GLU B 994 -50.39 28.86 -9.36
CA GLU B 994 -50.13 27.67 -8.56
C GLU B 994 -48.69 27.21 -8.72
N THR B 995 -48.16 27.26 -9.94
CA THR B 995 -46.77 26.90 -10.15
C THR B 995 -45.83 27.82 -9.38
N PHE B 996 -46.14 29.13 -9.38
CA PHE B 996 -45.32 30.05 -8.62
C PHE B 996 -45.37 29.73 -7.14
N ILE B 997 -46.56 29.39 -6.63
CA ILE B 997 -46.71 29.04 -5.23
C ILE B 997 -45.85 27.82 -4.89
N MET B 998 -45.93 26.78 -5.71
CA MET B 998 -45.18 25.57 -5.40
C MET B 998 -43.68 25.80 -5.55
N PHE B 999 -43.27 26.64 -6.50
CA PHE B 999 -41.85 26.99 -6.60
C PHE B 999 -41.37 27.68 -5.34
N LYS B 1000 -42.09 28.71 -4.90
CA LYS B 1000 -41.66 29.43 -3.71
C LYS B 1000 -41.69 28.54 -2.47
N ASP B 1001 -42.60 27.57 -2.44
CA ASP B 1001 -42.66 26.68 -1.28
C ASP B 1001 -41.52 25.66 -1.31
N LEU B 1002 -41.15 25.18 -2.50
CA LEU B 1002 -39.98 24.30 -2.61
C LEU B 1002 -38.72 25.05 -2.17
N ILE B 1003 -38.50 26.23 -2.73
CA ILE B 1003 -37.35 27.03 -2.33
C ILE B 1003 -37.49 27.44 -0.87
N GLY B 1004 -38.66 27.92 -0.49
CA GLY B 1004 -38.90 28.34 0.88
C GLY B 1004 -38.75 27.21 1.87
N LYS B 1005 -37.67 27.26 2.66
CA LYS B 1005 -37.35 26.24 3.65
C LYS B 1005 -37.25 24.86 3.00
N ASN B 1006 -36.31 24.73 2.07
CA ASN B 1006 -36.01 23.42 1.52
C ASN B 1006 -35.44 22.54 2.62
N VAL B 1007 -35.87 21.28 2.65
CA VAL B 1007 -35.71 20.45 3.84
C VAL B 1007 -34.82 19.24 3.56
N TYR B 1008 -33.81 19.41 2.72
CA TYR B 1008 -32.81 18.36 2.55
C TYR B 1008 -31.92 18.31 3.79
N ALA B 1009 -30.89 17.46 3.73
CA ALA B 1009 -29.97 17.29 4.84
C ALA B 1009 -28.77 18.24 4.75
N LYS B 1010 -28.97 19.41 4.13
CA LYS B 1010 -27.97 20.47 3.96
C LYS B 1010 -26.61 19.92 3.55
N ASP B 1011 -26.62 18.86 2.73
CA ASP B 1011 -25.39 18.19 2.33
C ASP B 1011 -25.30 17.90 0.84
N TRP B 1012 -26.40 17.92 0.10
CA TRP B 1012 -26.40 17.59 -1.32
C TRP B 1012 -26.38 18.86 -2.18
N MET B 1013 -25.26 19.58 -2.09
CA MET B 1013 -25.13 20.83 -2.84
C MET B 1013 -25.31 20.60 -4.34
N VAL B 1014 -24.88 19.45 -4.85
CA VAL B 1014 -25.07 19.15 -6.26
C VAL B 1014 -26.56 19.06 -6.58
N MET B 1015 -27.33 18.41 -5.71
CA MET B 1015 -28.79 18.39 -5.88
C MET B 1015 -29.34 19.81 -5.92
N ASN B 1016 -28.87 20.67 -5.02
CA ASN B 1016 -29.36 22.04 -4.96
C ASN B 1016 -29.04 22.79 -6.25
N MET B 1017 -27.81 22.66 -6.74
CA MET B 1017 -27.42 23.41 -7.93
C MET B 1017 -28.16 22.91 -9.17
N THR B 1018 -28.37 21.60 -9.27
CA THR B 1018 -29.19 21.08 -10.36
C THR B 1018 -30.61 21.62 -10.28
N GLN B 1019 -31.16 21.66 -9.06
CA GLN B 1019 -32.50 22.20 -8.88
C GLN B 1019 -32.55 23.67 -9.26
N ASN B 1020 -31.51 24.42 -8.94
CA ASN B 1020 -31.50 25.84 -9.30
C ASN B 1020 -31.38 26.02 -10.81
N ARG B 1021 -30.60 25.15 -11.46
CA ARG B 1021 -30.51 25.19 -12.92
C ARG B 1021 -31.87 24.96 -13.56
N VAL B 1022 -32.60 23.97 -13.07
CA VAL B 1022 -33.91 23.71 -13.68
C VAL B 1022 -34.91 24.79 -13.26
N PHE B 1023 -34.72 25.42 -12.11
CA PHE B 1023 -35.51 26.60 -11.77
C PHE B 1023 -35.29 27.70 -12.77
N LEU B 1024 -34.03 27.92 -13.16
CA LEU B 1024 -33.72 28.89 -14.20
C LEU B 1024 -34.41 28.53 -15.51
N ARG B 1025 -34.37 27.25 -15.87
CA ARG B 1025 -35.04 26.82 -17.10
C ARG B 1025 -36.54 27.08 -17.03
N ALA B 1026 -37.16 26.79 -15.89
CA ALA B 1026 -38.59 27.02 -15.72
C ALA B 1026 -38.92 28.50 -15.82
N ILE B 1027 -38.10 29.35 -15.22
CA ILE B 1027 -38.33 30.79 -15.30
C ILE B 1027 -38.17 31.26 -16.75
N ASN B 1028 -37.19 30.71 -17.47
CA ASN B 1028 -36.97 31.10 -18.85
C ASN B 1028 -38.16 30.72 -19.72
N GLN B 1029 -38.71 29.52 -19.52
CA GLN B 1029 -39.88 29.15 -20.32
C GLN B 1029 -41.11 29.95 -19.93
N PHE B 1030 -41.24 30.30 -18.64
CA PHE B 1030 -42.28 31.24 -18.23
C PHE B 1030 -42.16 32.54 -19.00
N ALA B 1031 -40.94 33.08 -19.07
CA ALA B 1031 -40.72 34.33 -19.77
C ALA B 1031 -41.07 34.21 -21.25
N GLU B 1032 -40.68 33.11 -21.88
CA GLU B 1032 -40.90 32.98 -23.32
C GLU B 1032 -42.38 32.79 -23.63
N VAL B 1033 -43.11 32.04 -22.80
CA VAL B 1033 -44.55 31.91 -23.05
C VAL B 1033 -45.26 33.23 -22.77
N LEU B 1034 -44.80 33.99 -21.77
CA LEU B 1034 -45.39 35.30 -21.51
C LEU B 1034 -45.17 36.22 -22.70
N THR B 1035 -43.98 36.20 -23.29
CA THR B 1035 -43.75 36.95 -24.52
C THR B 1035 -44.63 36.46 -25.65
N ARG B 1036 -44.88 35.14 -25.71
CA ARG B 1036 -45.68 34.59 -26.79
C ARG B 1036 -47.13 35.07 -26.73
N PHE B 1037 -47.74 35.07 -25.55
CA PHE B 1037 -49.15 35.43 -25.51
C PHE B 1037 -49.55 36.36 -24.38
N PHE B 1038 -48.71 37.33 -24.01
CA PHE B 1038 -49.10 38.36 -23.05
C PHE B 1038 -48.57 39.72 -23.49
N MET B 1039 -48.76 40.03 -24.78
CA MET B 1039 -48.25 41.26 -25.38
C MET B 1039 -49.15 42.46 -25.12
N ASP B 1040 -48.96 43.54 -25.88
CA ASP B 1040 -49.65 44.80 -25.62
C ASP B 1040 -51.17 44.63 -25.59
N GLN B 1041 -51.70 43.67 -26.35
CA GLN B 1041 -53.13 43.40 -26.29
C GLN B 1041 -53.54 42.91 -24.91
N ALA B 1042 -52.65 42.21 -24.20
CA ALA B 1042 -52.96 41.66 -22.89
C ALA B 1042 -52.49 42.60 -21.78
N SER B 1043 -52.97 43.83 -21.83
CA SER B 1043 -52.75 44.77 -20.73
C SER B 1043 -53.51 44.35 -19.48
N PHE B 1044 -54.47 43.45 -19.59
CA PHE B 1044 -55.20 42.94 -18.44
C PHE B 1044 -54.36 41.91 -17.70
N GLU B 1045 -54.90 41.46 -16.56
CA GLU B 1045 -54.38 40.34 -15.77
C GLU B 1045 -52.86 40.40 -15.60
N LEU B 1046 -52.36 41.62 -15.46
CA LEU B 1046 -50.93 41.82 -15.28
C LEU B 1046 -50.51 41.81 -13.81
N GLN B 1047 -51.46 41.71 -12.88
CA GLN B 1047 -51.11 41.68 -11.47
C GLN B 1047 -50.29 40.45 -11.11
N LEU B 1048 -50.38 39.38 -11.90
CA LEU B 1048 -49.61 38.19 -11.58
C LEU B 1048 -48.13 38.37 -11.86
N TRP B 1049 -47.78 39.30 -12.76
CA TRP B 1049 -46.37 39.64 -12.97
C TRP B 1049 -45.70 40.09 -11.68
N ASN B 1050 -46.45 40.74 -10.79
CA ASN B 1050 -45.90 41.19 -9.53
C ASN B 1050 -45.32 40.01 -8.74
N ASN B 1051 -46.16 39.05 -8.41
CA ASN B 1051 -45.71 37.86 -7.71
C ASN B 1051 -44.71 37.06 -8.55
N TYR B 1052 -44.83 37.14 -9.87
CA TYR B 1052 -43.91 36.45 -10.76
C TYR B 1052 -42.47 36.92 -10.52
N PHE B 1053 -42.26 38.23 -10.58
CA PHE B 1053 -40.92 38.75 -10.37
C PHE B 1053 -40.53 38.71 -8.90
N HIS B 1054 -41.51 38.78 -7.99
CA HIS B 1054 -41.21 38.57 -6.58
C HIS B 1054 -40.56 37.21 -6.36
N LEU B 1055 -41.17 36.16 -6.91
CA LEU B 1055 -40.58 34.83 -6.84
C LEU B 1055 -39.27 34.76 -7.61
N ALA B 1056 -39.18 35.47 -8.75
CA ALA B 1056 -37.93 35.47 -9.51
C ALA B 1056 -36.78 35.96 -8.66
N VAL B 1057 -36.96 37.07 -7.95
CA VAL B 1057 -35.90 37.59 -7.09
C VAL B 1057 -35.68 36.69 -5.88
N ALA B 1058 -36.78 36.15 -5.31
CA ALA B 1058 -36.65 35.25 -4.17
C ALA B 1058 -35.82 34.03 -4.54
N PHE B 1059 -35.88 33.61 -5.79
CA PHE B 1059 -34.99 32.56 -6.28
C PHE B 1059 -33.59 33.11 -6.53
N LEU B 1060 -33.51 34.35 -7.01
CA LEU B 1060 -32.24 34.97 -7.32
C LEU B 1060 -31.37 35.18 -6.09
N THR B 1061 -31.97 35.19 -4.90
CA THR B 1061 -31.27 35.64 -3.69
C THR B 1061 -30.67 34.49 -2.89
N HIS B 1062 -30.17 33.44 -3.54
CA HIS B 1062 -29.44 32.40 -2.83
C HIS B 1062 -28.35 31.84 -3.74
N GLU B 1063 -27.43 31.10 -3.10
CA GLU B 1063 -26.32 30.44 -3.80
C GLU B 1063 -25.45 31.45 -4.54
N SER B 1064 -25.03 32.48 -3.82
CA SER B 1064 -24.33 33.62 -4.40
C SER B 1064 -22.86 33.59 -4.02
N LEU B 1065 -22.14 34.66 -4.38
CA LEU B 1065 -20.68 34.68 -4.27
C LEU B 1065 -20.22 34.51 -2.81
N GLN B 1066 -20.83 35.26 -1.89
CA GLN B 1066 -20.43 35.16 -0.49
C GLN B 1066 -20.82 33.82 0.10
N LEU B 1067 -21.86 33.18 -0.41
CA LEU B 1067 -22.18 31.82 0.03
C LEU B 1067 -21.05 30.86 -0.29
N GLU B 1068 -20.49 30.95 -1.49
CA GLU B 1068 -19.42 30.07 -1.95
C GLU B 1068 -18.03 30.61 -1.65
N THR B 1069 -17.91 31.73 -0.94
CA THR B 1069 -16.64 32.39 -0.73
C THR B 1069 -15.68 31.61 0.17
N PHE B 1070 -16.14 30.52 0.80
CA PHE B 1070 -15.31 29.82 1.78
C PHE B 1070 -14.00 29.33 1.17
N SER B 1071 -14.08 28.72 -0.02
CA SER B 1071 -12.88 28.24 -0.71
C SER B 1071 -13.01 28.50 -2.20
N GLN B 1072 -11.92 28.93 -2.81
CA GLN B 1072 -11.93 29.26 -4.24
C GLN B 1072 -12.24 28.04 -5.10
N ALA B 1073 -11.98 26.84 -4.58
CA ALA B 1073 -12.25 25.64 -5.35
C ALA B 1073 -13.73 25.52 -5.71
N LYS B 1074 -14.62 25.88 -4.79
CA LYS B 1074 -16.04 25.83 -5.08
C LYS B 1074 -16.40 26.78 -6.22
N ARG B 1075 -15.87 28.00 -6.19
CA ARG B 1075 -16.14 28.94 -7.26
C ARG B 1075 -15.59 28.43 -8.59
N ASN B 1076 -14.38 27.89 -8.59
CA ASN B 1076 -13.79 27.38 -9.83
C ASN B 1076 -14.62 26.25 -10.40
N LYS B 1077 -15.02 25.29 -9.55
CA LYS B 1077 -15.78 24.16 -10.06
C LYS B 1077 -17.15 24.59 -10.55
N ILE B 1078 -17.81 25.52 -9.86
CA ILE B 1078 -19.15 25.92 -10.30
C ILE B 1078 -19.08 26.71 -11.60
N VAL B 1079 -18.09 27.59 -11.74
CA VAL B 1079 -17.96 28.31 -13.01
C VAL B 1079 -17.51 27.38 -14.14
N LYS B 1080 -16.80 26.29 -13.82
CA LYS B 1080 -16.43 25.35 -14.87
C LYS B 1080 -17.62 24.52 -15.33
N LYS B 1081 -18.48 24.10 -14.40
CA LYS B 1081 -19.58 23.22 -14.80
C LYS B 1081 -20.81 24.00 -15.29
N TYR B 1082 -21.27 24.98 -14.52
CA TYR B 1082 -22.44 25.76 -14.89
C TYR B 1082 -22.10 27.19 -15.28
N GLY B 1083 -21.22 27.85 -14.55
CA GLY B 1083 -21.13 29.28 -14.59
C GLY B 1083 -22.20 29.91 -13.71
N ASP B 1084 -22.01 31.19 -13.39
CA ASP B 1084 -22.98 31.86 -12.54
C ASP B 1084 -24.31 32.02 -13.26
N MET B 1085 -25.39 31.65 -12.55
CA MET B 1085 -26.74 31.75 -13.07
C MET B 1085 -27.43 33.04 -12.69
N ARG B 1086 -27.12 33.59 -11.51
CA ARG B 1086 -27.69 34.87 -11.12
C ARG B 1086 -27.41 35.95 -12.15
N LYS B 1087 -26.29 35.83 -12.87
CA LYS B 1087 -26.00 36.76 -13.96
C LYS B 1087 -27.08 36.72 -15.03
N GLU B 1088 -27.42 35.53 -15.51
CA GLU B 1088 -28.48 35.46 -16.52
C GLU B 1088 -29.85 35.72 -15.92
N ILE B 1089 -30.02 35.52 -14.61
CA ILE B 1089 -31.25 35.96 -13.96
C ILE B 1089 -31.42 37.46 -14.13
N GLY B 1090 -30.36 38.20 -13.79
CA GLY B 1090 -30.40 39.65 -13.97
C GLY B 1090 -30.57 40.06 -15.41
N PHE B 1091 -29.88 39.35 -16.33
CA PHE B 1091 -29.99 39.67 -17.75
C PHE B 1091 -31.41 39.47 -18.26
N ARG B 1092 -32.04 38.36 -17.89
CA ARG B 1092 -33.41 38.11 -18.31
C ARG B 1092 -34.36 39.10 -17.70
N ILE B 1093 -34.16 39.45 -16.43
CA ILE B 1093 -35.00 40.45 -15.79
C ILE B 1093 -34.89 41.78 -16.52
N ARG B 1094 -33.66 42.20 -16.84
CA ARG B 1094 -33.48 43.50 -17.47
C ARG B 1094 -34.04 43.53 -18.89
N ASP B 1095 -33.87 42.45 -19.66
CA ASP B 1095 -34.42 42.47 -21.01
C ASP B 1095 -35.94 42.40 -20.99
N MET B 1096 -36.50 41.65 -20.04
CA MET B 1096 -37.95 41.65 -19.89
C MET B 1096 -38.48 43.03 -19.51
N TRP B 1097 -37.77 43.73 -18.62
CA TRP B 1097 -38.20 45.08 -18.27
C TRP B 1097 -38.06 46.02 -19.46
N TYR B 1098 -37.03 45.84 -20.28
CA TYR B 1098 -36.90 46.64 -21.50
C TYR B 1098 -38.09 46.42 -22.43
N ASN B 1099 -38.47 45.16 -22.63
CA ASN B 1099 -39.59 44.82 -23.48
C ASN B 1099 -40.95 44.94 -22.78
N LEU B 1100 -40.97 45.37 -21.53
CA LEU B 1100 -42.16 45.25 -20.70
C LEU B 1100 -43.28 46.17 -21.17
N GLY B 1101 -43.06 47.48 -21.12
CA GLY B 1101 -44.08 48.44 -21.49
C GLY B 1101 -44.24 49.56 -20.48
N PRO B 1102 -45.05 50.56 -20.84
CA PRO B 1102 -45.16 51.77 -20.01
C PRO B 1102 -46.04 51.65 -18.79
N HIS B 1103 -46.48 50.45 -18.40
CA HIS B 1103 -47.31 50.28 -17.22
C HIS B 1103 -46.49 50.09 -15.95
N LYS B 1104 -45.27 50.63 -15.90
CA LYS B 1104 -44.40 50.43 -14.76
C LYS B 1104 -44.86 51.15 -13.50
N ILE B 1105 -45.83 52.06 -13.63
CA ILE B 1105 -46.22 52.87 -12.47
C ILE B 1105 -46.77 51.99 -11.36
N LYS B 1106 -47.65 51.04 -11.72
CA LYS B 1106 -48.20 50.13 -10.74
C LYS B 1106 -47.16 49.18 -10.18
N PHE B 1107 -46.02 49.02 -10.85
CA PHE B 1107 -44.98 48.14 -10.33
C PHE B 1107 -44.35 48.70 -9.07
N ILE B 1108 -44.24 50.02 -8.99
CA ILE B 1108 -43.41 50.73 -8.01
C ILE B 1108 -43.61 50.19 -6.59
N PRO B 1109 -44.79 50.30 -5.98
CA PRO B 1109 -44.91 49.92 -4.57
C PRO B 1109 -44.61 48.45 -4.34
N SER B 1110 -44.67 47.64 -5.39
CA SER B 1110 -44.28 46.24 -5.35
C SER B 1110 -42.83 46.04 -5.76
N MET B 1111 -42.42 46.60 -6.91
CA MET B 1111 -41.09 46.33 -7.45
C MET B 1111 -39.98 46.99 -6.65
N VAL B 1112 -40.29 47.90 -5.72
CA VAL B 1112 -39.23 48.59 -5.00
C VAL B 1112 -38.37 47.62 -4.21
N GLY B 1113 -39.00 46.75 -3.41
CA GLY B 1113 -38.28 45.82 -2.58
C GLY B 1113 -37.37 44.87 -3.33
N PRO B 1114 -37.89 44.18 -4.35
CA PRO B 1114 -37.08 43.17 -5.04
C PRO B 1114 -35.84 43.72 -5.71
N ILE B 1115 -35.91 44.87 -6.37
CA ILE B 1115 -34.79 45.34 -7.16
C ILE B 1115 -33.62 45.77 -6.28
N LEU B 1116 -33.85 45.91 -4.96
CA LEU B 1116 -32.78 46.34 -4.07
C LEU B 1116 -31.65 45.32 -4.01
N GLU B 1117 -31.98 44.04 -3.87
CA GLU B 1117 -30.95 43.02 -3.72
C GLU B 1117 -30.07 42.92 -4.95
N VAL B 1118 -30.68 42.96 -6.15
CA VAL B 1118 -29.90 42.98 -7.37
C VAL B 1118 -29.14 44.30 -7.51
N THR B 1119 -29.67 45.39 -6.94
CA THR B 1119 -28.93 46.64 -6.92
C THR B 1119 -27.63 46.48 -6.15
N LEU B 1120 -27.67 45.80 -5.00
CA LEU B 1120 -26.51 45.67 -4.14
C LEU B 1120 -25.78 44.34 -4.34
N THR B 1121 -25.72 43.86 -5.58
CA THR B 1121 -25.03 42.61 -5.86
C THR B 1121 -23.54 42.74 -5.58
N PRO B 1122 -22.89 41.69 -5.09
CA PRO B 1122 -21.43 41.74 -4.90
C PRO B 1122 -20.66 41.98 -6.18
N GLU B 1123 -21.17 41.52 -7.32
CA GLU B 1123 -20.46 41.68 -8.58
C GLU B 1123 -20.64 43.09 -9.12
N VAL B 1124 -20.06 43.35 -10.29
CA VAL B 1124 -20.05 44.67 -10.90
C VAL B 1124 -20.61 44.65 -12.32
N GLU B 1125 -20.13 43.73 -13.16
CA GLU B 1125 -20.43 43.77 -14.59
C GLU B 1125 -21.93 43.67 -14.85
N LEU B 1126 -22.59 42.68 -14.24
CA LEU B 1126 -24.04 42.59 -14.38
C LEU B 1126 -24.70 43.81 -13.77
N ARG B 1127 -24.16 44.32 -12.65
CA ARG B 1127 -24.66 45.56 -12.10
C ARG B 1127 -24.47 46.70 -13.08
N LYS B 1128 -23.34 46.72 -13.80
CA LYS B 1128 -23.13 47.71 -14.84
C LYS B 1128 -24.23 47.66 -15.88
N ALA B 1129 -24.56 46.46 -16.35
CA ALA B 1129 -25.62 46.33 -17.35
C ALA B 1129 -27.00 46.61 -16.78
N THR B 1130 -27.18 46.45 -15.47
CA THR B 1130 -28.50 46.55 -14.86
C THR B 1130 -28.84 47.96 -14.39
N ILE B 1131 -27.84 48.78 -14.09
CA ILE B 1131 -28.10 50.12 -13.57
C ILE B 1131 -29.05 50.94 -14.43
N PRO B 1132 -28.94 50.95 -15.76
CA PRO B 1132 -29.86 51.77 -16.58
C PRO B 1132 -31.34 51.53 -16.31
N ILE B 1133 -31.71 50.44 -15.63
CA ILE B 1133 -33.11 50.26 -15.25
C ILE B 1133 -33.54 51.38 -14.31
N PHE B 1134 -32.63 51.89 -13.49
CA PHE B 1134 -32.97 53.01 -12.62
C PHE B 1134 -33.22 54.28 -13.41
N PHE B 1135 -32.41 54.53 -14.43
CA PHE B 1135 -32.65 55.67 -15.31
C PHE B 1135 -34.01 55.55 -15.98
N ASP B 1136 -34.32 54.37 -16.50
CA ASP B 1136 -35.60 54.17 -17.18
C ASP B 1136 -36.77 54.34 -16.22
N MET B 1137 -36.66 53.78 -15.01
CA MET B 1137 -37.76 53.91 -14.07
C MET B 1137 -37.90 55.34 -13.57
N MET B 1138 -36.79 56.09 -13.47
CA MET B 1138 -36.88 57.48 -13.08
C MET B 1138 -37.56 58.32 -14.15
N GLN B 1139 -37.22 58.10 -15.43
CA GLN B 1139 -37.89 58.87 -16.47
C GLN B 1139 -39.37 58.48 -16.57
N CYS B 1140 -39.70 57.20 -16.34
CA CYS B 1140 -41.10 56.80 -16.30
C CYS B 1140 -41.82 57.39 -15.09
N GLU B 1141 -41.11 57.52 -13.98
CA GLU B 1141 -41.68 58.18 -12.80
C GLU B 1141 -41.98 59.64 -13.10
N PHE B 1142 -41.10 60.31 -13.85
CA PHE B 1142 -41.41 61.65 -14.30
C PHE B 1142 -42.63 61.66 -15.22
N ASN B 1143 -42.71 60.69 -16.14
CA ASN B 1143 -43.88 60.59 -17.00
C ASN B 1143 -45.16 60.50 -16.19
N PHE B 1144 -45.14 59.73 -15.10
CA PHE B 1144 -46.33 59.58 -14.26
C PHE B 1144 -46.58 60.81 -13.39
N SER B 1145 -45.52 61.42 -12.85
CA SER B 1145 -45.64 62.44 -11.81
C SER B 1145 -45.35 63.85 -12.31
N GLY B 1146 -45.43 64.08 -13.62
CA GLY B 1146 -45.30 65.43 -14.13
C GLY B 1146 -46.27 66.41 -13.50
N ASN B 1147 -47.43 65.93 -13.06
CA ASN B 1147 -48.37 66.75 -12.30
C ASN B 1147 -48.01 66.79 -10.81
N GLY B 1148 -46.77 67.16 -10.52
CA GLY B 1148 -46.30 67.22 -9.15
C GLY B 1148 -44.85 66.78 -9.01
N ASN B 1149 -44.48 66.31 -7.82
CA ASN B 1149 -43.15 65.79 -7.57
C ASN B 1149 -43.17 64.26 -7.70
N PHE B 1150 -41.99 63.66 -7.52
CA PHE B 1150 -41.86 62.21 -7.70
C PHE B 1150 -40.99 61.60 -6.63
N HIS B 1151 -41.22 61.98 -5.36
CA HIS B 1151 -40.50 61.37 -4.25
C HIS B 1151 -40.89 59.90 -4.09
N MET B 1152 -42.02 59.49 -4.68
CA MET B 1152 -42.75 58.30 -4.25
C MET B 1152 -41.99 57.01 -4.49
N PHE B 1153 -40.91 57.05 -5.28
CA PHE B 1153 -40.01 55.91 -5.40
C PHE B 1153 -38.79 56.05 -4.50
N GLU B 1154 -38.19 57.24 -4.48
CA GLU B 1154 -36.94 57.44 -3.78
C GLU B 1154 -37.09 57.25 -2.28
N ASN B 1155 -38.26 57.62 -1.72
CA ASN B 1155 -38.47 57.48 -0.29
C ASN B 1155 -38.26 56.04 0.17
N GLU B 1156 -39.11 55.13 -0.32
CA GLU B 1156 -38.96 53.73 0.06
C GLU B 1156 -37.72 53.11 -0.54
N LEU B 1157 -37.16 53.68 -1.62
CA LEU B 1157 -35.86 53.23 -2.11
C LEU B 1157 -34.81 53.39 -1.02
N ILE B 1158 -34.75 54.58 -0.42
CA ILE B 1158 -33.81 54.84 0.67
C ILE B 1158 -34.13 53.96 1.86
N THR B 1159 -35.42 53.81 2.18
CA THR B 1159 -35.80 52.97 3.30
C THR B 1159 -35.27 51.54 3.13
N LYS B 1160 -35.54 50.94 1.97
CA LYS B 1160 -35.10 49.57 1.73
C LYS B 1160 -33.57 49.49 1.65
N LEU B 1161 -32.91 50.54 1.16
CA LEU B 1161 -31.45 50.58 1.20
C LEU B 1161 -30.95 50.51 2.64
N ASP B 1162 -31.80 51.18 3.41
CA ASP B 1162 -31.49 51.32 4.85
C ASP B 1162 -31.53 49.94 5.48
N GLN B 1163 -32.55 49.20 5.15
CA GLN B 1163 -32.81 47.85 5.65
C GLN B 1163 -31.75 46.87 5.13
N GLU B 1164 -31.39 46.97 3.85
CA GLU B 1164 -30.40 46.08 3.26
C GLU B 1164 -29.04 46.24 3.92
N VAL B 1165 -28.61 47.48 4.14
CA VAL B 1165 -27.31 47.70 4.77
C VAL B 1165 -27.34 47.25 6.22
N GLU B 1166 -28.46 47.46 6.91
CA GLU B 1166 -28.66 46.89 8.24
C GLU B 1166 -28.53 45.37 8.21
N GLY B 1167 -28.93 44.74 7.11
CA GLY B 1167 -28.66 43.32 6.94
C GLY B 1167 -27.23 42.98 6.64
N GLY B 1168 -26.40 43.97 6.31
CA GLY B 1168 -24.99 43.75 6.10
C GLY B 1168 -24.58 43.46 4.68
N ARG B 1169 -24.98 44.33 3.74
CA ARG B 1169 -24.59 44.17 2.35
C ARG B 1169 -24.20 45.49 1.70
N GLY B 1170 -23.65 46.42 2.48
CA GLY B 1170 -23.26 47.71 1.93
C GLY B 1170 -21.85 47.74 1.40
N ASP B 1171 -21.60 48.69 0.49
CA ASP B 1171 -20.28 48.82 -0.11
C ASP B 1171 -20.06 50.26 -0.55
N GLU B 1172 -18.78 50.63 -0.64
CA GLU B 1172 -18.36 52.00 -0.92
C GLU B 1172 -17.94 52.21 -2.37
N GLN B 1173 -17.03 51.39 -2.89
CA GLN B 1173 -16.68 51.51 -4.30
C GLN B 1173 -17.89 51.25 -5.18
N TYR B 1174 -18.85 50.45 -4.68
CA TYR B 1174 -20.13 50.34 -5.38
C TYR B 1174 -20.85 51.68 -5.42
N LYS B 1175 -20.70 52.40 -4.35
CA LYS B 1175 -21.36 53.68 -4.52
C LYS B 1175 -20.63 54.36 -5.66
N VAL B 1176 -19.32 54.53 -5.49
CA VAL B 1176 -18.58 55.32 -6.46
C VAL B 1176 -19.02 54.98 -7.88
N LEU B 1177 -19.15 53.68 -8.17
CA LEU B 1177 -19.60 53.26 -9.50
C LEU B 1177 -21.04 53.71 -9.76
N LEU B 1178 -21.89 53.63 -8.74
CA LEU B 1178 -23.24 54.18 -8.83
C LEU B 1178 -23.19 55.63 -9.27
N GLU B 1179 -22.36 56.43 -8.59
CA GLU B 1179 -22.27 57.85 -8.88
C GLU B 1179 -21.78 58.09 -10.32
N LYS B 1180 -20.78 57.31 -10.75
CA LYS B 1180 -20.34 57.41 -12.14
C LYS B 1180 -21.49 57.15 -13.10
N LEU B 1181 -22.24 56.07 -12.85
CA LEU B 1181 -23.34 55.70 -13.75
C LEU B 1181 -24.42 56.77 -13.78
N LEU B 1182 -24.79 57.31 -12.61
CA LEU B 1182 -25.86 58.30 -12.59
C LEU B 1182 -25.41 59.63 -13.14
N LEU B 1183 -24.11 59.95 -13.02
CA LEU B 1183 -23.58 61.10 -13.74
C LEU B 1183 -23.74 60.90 -15.24
N GLU B 1184 -23.44 59.69 -15.72
CA GLU B 1184 -23.67 59.39 -17.13
C GLU B 1184 -25.13 59.57 -17.49
N HIS B 1185 -26.03 59.09 -16.63
CA HIS B 1185 -27.46 59.18 -16.90
C HIS B 1185 -27.92 60.63 -16.96
N CYS B 1186 -27.44 61.46 -16.01
CA CYS B 1186 -27.79 62.87 -16.02
C CYS B 1186 -27.26 63.55 -17.28
N ARG B 1187 -26.07 63.15 -17.74
CA ARG B 1187 -25.59 63.65 -19.02
C ARG B 1187 -26.46 63.18 -20.17
N LYS B 1188 -27.08 62.00 -20.02
CA LYS B 1188 -27.98 61.48 -21.05
C LYS B 1188 -29.36 62.15 -21.03
N HIS B 1189 -29.66 62.98 -20.04
CA HIS B 1189 -30.99 63.51 -19.84
C HIS B 1189 -30.96 65.05 -19.88
N LYS B 1190 -32.10 65.66 -19.55
CA LYS B 1190 -32.35 67.09 -19.61
C LYS B 1190 -32.61 67.62 -18.20
N TYR B 1191 -33.11 68.86 -18.13
CA TYR B 1191 -33.15 69.69 -16.91
C TYR B 1191 -33.49 68.94 -15.63
N LEU B 1192 -34.33 67.90 -15.73
CA LEU B 1192 -34.59 67.07 -14.56
C LEU B 1192 -33.36 66.28 -14.13
N SER B 1193 -32.30 66.27 -14.95
CA SER B 1193 -31.07 65.61 -14.57
C SER B 1193 -30.49 66.20 -13.30
N SER B 1194 -30.60 67.53 -13.13
CA SER B 1194 -30.12 68.14 -11.91
C SER B 1194 -30.87 67.60 -10.69
N SER B 1195 -32.19 67.49 -10.80
CA SER B 1195 -32.97 66.89 -9.73
C SER B 1195 -32.51 65.48 -9.45
N GLY B 1196 -32.45 64.63 -10.48
CA GLY B 1196 -32.07 63.25 -10.26
C GLY B 1196 -30.68 63.13 -9.65
N GLU B 1197 -29.75 63.97 -10.09
CA GLU B 1197 -28.38 63.87 -9.61
C GLU B 1197 -28.24 64.35 -8.19
N VAL B 1198 -28.97 65.40 -7.77
CA VAL B 1198 -28.91 65.78 -6.37
C VAL B 1198 -29.58 64.71 -5.51
N PHE B 1199 -30.65 64.10 -6.01
CA PHE B 1199 -31.25 62.99 -5.28
C PHE B 1199 -30.23 61.88 -5.09
N ALA B 1200 -29.52 61.53 -6.15
CA ALA B 1200 -28.51 60.48 -6.09
C ALA B 1200 -27.34 60.89 -5.20
N LEU B 1201 -27.03 62.19 -5.13
CA LEU B 1201 -26.03 62.66 -4.19
C LEU B 1201 -26.47 62.36 -2.76
N LEU B 1202 -27.72 62.66 -2.44
CA LEU B 1202 -28.27 62.30 -1.15
C LEU B 1202 -28.20 60.79 -0.93
N VAL B 1203 -28.53 60.03 -1.97
CA VAL B 1203 -28.52 58.57 -1.88
C VAL B 1203 -27.13 58.07 -1.50
N SER B 1204 -26.12 58.51 -2.26
CA SER B 1204 -24.76 58.04 -2.03
C SER B 1204 -24.23 58.51 -0.68
N SER B 1205 -24.52 59.75 -0.31
CA SER B 1205 -24.03 60.26 0.97
C SER B 1205 -24.65 59.48 2.13
N LEU B 1206 -25.95 59.20 2.07
CA LEU B 1206 -26.56 58.43 3.13
C LEU B 1206 -26.08 56.98 3.13
N LEU B 1207 -25.82 56.44 1.94
CA LEU B 1207 -25.33 55.06 1.86
C LEU B 1207 -23.95 54.94 2.48
N GLU B 1208 -23.05 55.90 2.20
CA GLU B 1208 -21.75 55.87 2.86
C GLU B 1208 -21.86 56.20 4.34
N ASN B 1209 -22.85 57.00 4.72
CA ASN B 1209 -23.16 57.20 6.13
C ASN B 1209 -23.39 55.85 6.81
N LEU B 1210 -24.28 55.05 6.23
CA LEU B 1210 -24.57 53.75 6.85
C LEU B 1210 -23.44 52.76 6.66
N LEU B 1211 -22.62 52.95 5.63
CA LEU B 1211 -21.41 52.14 5.48
C LEU B 1211 -20.45 52.38 6.65
N ASP B 1212 -20.25 53.66 7.00
CA ASP B 1212 -19.46 53.97 8.18
C ASP B 1212 -20.11 53.40 9.43
N TYR B 1213 -21.44 53.50 9.53
CA TYR B 1213 -22.14 52.95 10.68
C TYR B 1213 -21.88 51.46 10.82
N ARG B 1214 -21.97 50.71 9.72
CA ARG B 1214 -21.80 49.27 9.79
C ARG B 1214 -20.34 48.89 10.02
N THR B 1215 -19.40 49.63 9.44
CA THR B 1215 -18.00 49.30 9.63
C THR B 1215 -17.47 49.73 10.99
N ILE B 1216 -18.19 50.59 11.71
CA ILE B 1216 -17.78 50.95 13.06
C ILE B 1216 -18.59 50.22 14.13
N ILE B 1217 -19.80 49.75 13.79
CA ILE B 1217 -20.60 49.02 14.77
C ILE B 1217 -19.99 47.65 15.07
N MET B 1218 -19.13 47.15 14.19
CA MET B 1218 -18.38 45.93 14.46
C MET B 1218 -17.06 46.21 15.18
N GLN B 1219 -16.49 47.39 14.99
CA GLN B 1219 -15.25 47.77 15.66
C GLN B 1219 -15.59 48.26 17.07
N ASP B 1220 -14.58 48.71 17.80
CA ASP B 1220 -14.81 49.24 19.14
C ASP B 1220 -15.69 50.47 19.08
N GLU B 1221 -16.58 50.60 20.07
CA GLU B 1221 -17.49 51.73 20.11
C GLU B 1221 -16.74 53.04 20.31
N SER B 1222 -17.11 54.04 19.52
CA SER B 1222 -16.52 55.38 19.61
C SER B 1222 -17.53 56.43 20.03
N LYS B 1223 -18.79 56.30 19.58
CA LYS B 1223 -19.93 57.07 20.06
C LYS B 1223 -19.93 58.53 19.57
N GLU B 1224 -19.04 58.89 18.65
CA GLU B 1224 -19.16 60.26 18.13
C GLU B 1224 -19.30 60.29 16.61
N ASN B 1225 -18.54 59.47 15.88
CA ASN B 1225 -18.71 59.40 14.43
C ASN B 1225 -20.08 58.82 14.10
N ARG B 1226 -20.52 57.82 14.85
CA ARG B 1226 -21.86 57.27 14.64
C ARG B 1226 -22.92 58.32 14.89
N MET B 1227 -22.75 59.15 15.94
CA MET B 1227 -23.75 60.17 16.21
C MET B 1227 -23.77 61.25 15.14
N SER B 1228 -22.60 61.64 14.65
CA SER B 1228 -22.55 62.56 13.52
C SER B 1228 -23.25 61.97 12.30
N CYS B 1229 -23.01 60.69 12.03
CA CYS B 1229 -23.68 60.05 10.91
C CYS B 1229 -25.18 60.04 11.10
N THR B 1230 -25.64 59.79 12.33
CA THR B 1230 -27.07 59.76 12.60
C THR B 1230 -27.71 61.13 12.40
N VAL B 1231 -27.06 62.19 12.87
CA VAL B 1231 -27.63 63.51 12.60
C VAL B 1231 -27.60 63.81 11.10
N ASN B 1232 -26.63 63.24 10.39
CA ASN B 1232 -26.65 63.36 8.93
C ASN B 1232 -27.87 62.70 8.33
N VAL B 1233 -28.20 61.48 8.79
CA VAL B 1233 -29.38 60.80 8.28
C VAL B 1233 -30.64 61.57 8.66
N LEU B 1234 -30.61 62.24 9.83
CA LEU B 1234 -31.73 63.06 10.22
C LEU B 1234 -31.93 64.21 9.25
N ASN B 1235 -30.83 64.86 8.85
CA ASN B 1235 -30.91 65.88 7.83
C ASN B 1235 -31.45 65.31 6.52
N PHE B 1236 -30.99 64.12 6.14
CA PHE B 1236 -31.50 63.47 4.94
C PHE B 1236 -33.01 63.31 5.00
N TYR B 1237 -33.51 62.73 6.08
CA TYR B 1237 -34.93 62.43 6.19
C TYR B 1237 -35.77 63.71 6.22
N LYS B 1238 -35.35 64.70 7.01
CA LYS B 1238 -36.11 65.95 7.05
C LYS B 1238 -36.09 66.67 5.71
N GLU B 1239 -35.02 66.53 4.93
CA GLU B 1239 -34.99 67.17 3.63
C GLU B 1239 -35.80 66.39 2.60
N LYS B 1240 -35.92 65.07 2.77
CA LYS B 1240 -36.59 64.21 1.82
C LYS B 1240 -38.05 63.95 2.18
N LYS B 1241 -38.58 64.64 3.19
CA LYS B 1241 -40.00 64.57 3.55
C LYS B 1241 -40.40 63.16 3.99
N ARG B 1242 -39.48 62.46 4.64
CA ARG B 1242 -39.75 61.13 5.17
C ARG B 1242 -39.45 61.10 6.66
N GLU B 1243 -40.21 60.28 7.39
CA GLU B 1243 -40.20 60.30 8.84
C GLU B 1243 -40.07 58.93 9.50
N ASP B 1244 -40.50 57.86 8.82
CA ASP B 1244 -40.56 56.55 9.47
C ASP B 1244 -39.21 56.09 9.97
N ILE B 1245 -38.26 55.86 9.05
CA ILE B 1245 -36.92 55.50 9.51
C ILE B 1245 -36.30 56.65 10.29
N TYR B 1246 -36.72 57.87 10.01
CA TYR B 1246 -36.28 59.01 10.80
C TYR B 1246 -36.66 58.88 12.26
N ILE B 1247 -37.93 58.58 12.54
CA ILE B 1247 -38.35 58.45 13.94
C ILE B 1247 -37.73 57.20 14.57
N ARG B 1248 -37.60 56.11 13.82
CA ARG B 1248 -37.03 54.91 14.41
C ARG B 1248 -35.55 55.11 14.74
N TYR B 1249 -34.81 55.80 13.87
CA TYR B 1249 -33.40 56.01 14.13
C TYR B 1249 -33.17 57.07 15.21
N LEU B 1250 -34.07 58.06 15.34
CA LEU B 1250 -33.95 58.92 16.51
C LEU B 1250 -34.33 58.19 17.80
N TYR B 1251 -35.22 57.20 17.70
CA TYR B 1251 -35.43 56.29 18.83
C TYR B 1251 -34.13 55.58 19.19
N LYS B 1252 -33.41 55.08 18.19
CA LYS B 1252 -32.11 54.47 18.44
C LYS B 1252 -31.14 55.46 19.06
N LEU B 1253 -31.19 56.72 18.63
CA LEU B 1253 -30.36 57.77 19.22
C LEU B 1253 -30.68 57.95 20.68
N ARG B 1254 -31.97 57.97 21.02
CA ARG B 1254 -32.37 58.11 22.42
C ARG B 1254 -31.90 56.91 23.23
N ASP B 1255 -31.96 55.72 22.65
CA ASP B 1255 -31.47 54.53 23.34
C ASP B 1255 -29.98 54.65 23.63
N LEU B 1256 -29.21 55.08 22.63
CA LEU B 1256 -27.77 55.24 22.84
C LEU B 1256 -27.46 56.32 23.85
N HIS B 1257 -28.21 57.41 23.77
CA HIS B 1257 -27.98 58.43 24.79
C HIS B 1257 -28.15 57.74 26.15
N ARG B 1258 -29.34 57.15 26.36
CA ARG B 1258 -29.55 56.48 27.63
C ARG B 1258 -28.34 55.62 28.00
N ASP B 1259 -27.78 54.92 27.02
CA ASP B 1259 -26.62 54.06 27.29
C ASP B 1259 -25.36 54.88 27.54
N CYS B 1260 -25.38 56.16 27.22
CA CYS B 1260 -24.21 57.02 27.46
C CYS B 1260 -24.61 58.28 28.21
N MET C 8 83.04 33.01 1.34
CA MET C 8 82.91 32.34 0.05
C MET C 8 82.33 30.94 0.21
N GLN C 9 82.49 30.38 1.40
CA GLN C 9 82.04 29.01 1.67
C GLN C 9 80.52 28.99 1.81
N SER C 10 79.84 28.37 0.86
CA SER C 10 78.39 28.28 0.89
C SER C 10 77.95 27.27 1.93
N ILE C 11 76.88 27.59 2.66
CA ILE C 11 76.40 26.76 3.76
C ILE C 11 74.89 26.62 3.65
N LYS C 12 74.35 25.55 4.25
CA LYS C 12 72.91 25.35 4.34
C LYS C 12 72.31 26.29 5.38
N CYS C 13 70.99 26.50 5.28
CA CYS C 13 70.30 27.40 6.18
C CYS C 13 68.85 26.96 6.38
N VAL C 14 68.33 27.16 7.59
CA VAL C 14 66.94 26.89 7.94
C VAL C 14 66.40 28.09 8.71
N VAL C 15 65.19 28.52 8.37
CA VAL C 15 64.50 29.61 9.05
C VAL C 15 63.26 29.04 9.73
N VAL C 16 63.09 29.35 11.02
CA VAL C 16 61.98 28.87 11.81
C VAL C 16 61.37 30.05 12.55
N GLY C 17 60.31 29.77 13.31
CA GLY C 17 59.65 30.82 14.06
C GLY C 17 58.44 30.28 14.79
N ASP C 18 57.74 31.22 15.43
CA ASP C 18 56.56 30.90 16.22
C ASP C 18 55.31 30.87 15.33
N GLY C 19 54.16 30.64 15.97
CA GLY C 19 52.91 30.65 15.24
C GLY C 19 52.32 32.05 15.17
N ALA C 20 51.69 32.34 14.03
CA ALA C 20 50.99 33.60 13.80
C ALA C 20 51.92 34.80 13.99
N VAL C 21 53.02 34.79 13.25
CA VAL C 21 54.01 35.85 13.35
C VAL C 21 54.28 36.56 12.03
N GLY C 22 53.98 35.96 10.87
CA GLY C 22 54.11 36.68 9.62
C GLY C 22 55.13 36.16 8.63
N LYS C 23 55.31 34.84 8.57
CA LYS C 23 56.29 34.27 7.64
C LYS C 23 55.93 34.57 6.19
N THR C 24 54.64 34.48 5.85
CA THR C 24 54.22 34.62 4.46
C THR C 24 54.58 36.00 3.91
N CYS C 25 54.29 37.05 4.67
CA CYS C 25 54.66 38.39 4.23
C CYS C 25 56.17 38.53 4.10
N LEU C 26 56.92 37.88 5.00
CA LEU C 26 58.38 37.90 4.91
C LEU C 26 58.86 37.30 3.60
N LEU C 27 58.31 36.14 3.22
CA LEU C 27 58.72 35.49 1.98
C LEU C 27 58.31 36.32 0.77
N ILE C 28 57.10 36.88 0.79
CA ILE C 28 56.65 37.71 -0.32
C ILE C 28 57.55 38.94 -0.49
N CYS C 29 57.90 39.58 0.62
CA CYS C 29 58.81 40.72 0.56
C CYS C 29 60.18 40.30 0.05
N TYR C 30 60.67 39.14 0.49
CA TYR C 30 61.98 38.69 0.06
C TYR C 30 62.02 38.43 -1.45
N THR C 31 60.95 37.84 -1.99
CA THR C 31 60.95 37.49 -3.40
C THR C 31 60.52 38.62 -4.33
N THR C 32 59.81 39.63 -3.82
CA THR C 32 59.27 40.66 -4.71
C THR C 32 59.47 42.10 -4.21
N ASN C 33 60.06 42.31 -3.04
CA ASN C 33 60.29 43.65 -2.49
C ASN C 33 58.96 44.41 -2.34
N ALA C 34 58.10 43.87 -1.49
CA ALA C 34 56.78 44.46 -1.22
C ALA C 34 56.48 44.28 0.27
N PHE C 35 55.24 44.57 0.65
CA PHE C 35 54.79 44.34 2.03
C PHE C 35 53.26 44.26 2.06
N PRO C 36 52.68 43.12 1.67
CA PRO C 36 51.23 42.99 1.71
C PRO C 36 50.75 42.64 3.11
N LYS C 37 49.71 43.33 3.57
CA LYS C 37 49.09 43.02 4.85
C LYS C 37 48.11 41.87 4.78
N GLU C 38 47.78 41.41 3.58
CA GLU C 38 46.87 40.29 3.42
C GLU C 38 47.53 38.98 3.85
N TYR C 39 46.74 38.12 4.49
CA TYR C 39 47.22 36.81 4.95
C TYR C 39 46.92 35.78 3.88
N ILE C 40 47.95 35.07 3.42
CA ILE C 40 47.83 34.04 2.40
C ILE C 40 48.47 32.78 2.93
N PRO C 41 47.80 31.62 2.89
CA PRO C 41 48.43 30.38 3.36
C PRO C 41 49.62 29.99 2.50
N THR C 42 50.63 29.41 3.15
CA THR C 42 51.82 28.92 2.46
C THR C 42 52.31 27.67 3.18
N VAL C 43 52.69 26.64 2.41
CA VAL C 43 53.12 25.38 3.01
C VAL C 43 54.60 25.43 3.35
N PHE C 44 55.45 25.59 2.33
CA PHE C 44 56.89 25.68 2.54
C PHE C 44 57.51 26.35 1.32
N ASP C 45 58.74 26.84 1.49
CA ASP C 45 59.45 27.55 0.45
C ASP C 45 60.95 27.43 0.69
N ASN C 46 61.72 27.69 -0.36
CA ASN C 46 63.16 27.79 -0.25
C ASN C 46 63.64 28.88 -1.20
N TYR C 47 64.38 29.84 -0.66
CA TYR C 47 65.01 30.89 -1.47
C TYR C 47 66.52 30.73 -1.37
N SER C 48 67.20 30.78 -2.51
CA SER C 48 68.65 30.73 -2.58
C SER C 48 69.13 31.96 -3.33
N ALA C 49 69.61 32.96 -2.59
CA ALA C 49 70.00 34.24 -3.15
C ALA C 49 71.49 34.46 -2.93
N GLN C 50 72.13 35.08 -3.92
CA GLN C 50 73.59 35.30 -3.92
C GLN C 50 73.87 36.74 -3.52
N SER C 51 74.16 36.95 -2.24
CA SER C 51 74.55 38.25 -1.71
C SER C 51 75.91 38.12 -1.04
N ALA C 52 76.78 39.10 -1.26
CA ALA C 52 78.14 39.08 -0.74
C ALA C 52 78.30 40.16 0.33
N VAL C 53 78.83 39.75 1.48
CA VAL C 53 79.08 40.66 2.60
C VAL C 53 80.51 40.46 3.08
N ASP C 54 81.20 41.59 3.33
CA ASP C 54 82.58 41.58 3.81
C ASP C 54 83.52 40.83 2.88
N GLY C 55 83.25 40.89 1.57
CA GLY C 55 84.09 40.23 0.59
C GLY C 55 83.89 38.74 0.46
N ARG C 56 82.92 38.17 1.16
CA ARG C 56 82.64 36.74 1.12
C ARG C 56 81.30 36.51 0.42
N THR C 57 81.29 35.62 -0.56
CA THR C 57 80.10 35.31 -1.35
C THR C 57 79.41 34.12 -0.69
N VAL C 58 78.32 34.39 0.03
CA VAL C 58 77.58 33.38 0.77
C VAL C 58 76.13 33.40 0.29
N ASN C 59 75.60 32.21 -0.03
CA ASN C 59 74.24 32.08 -0.51
C ASN C 59 73.32 31.71 0.65
N LEU C 60 72.28 32.52 0.86
CA LEU C 60 71.28 32.27 1.90
C LEU C 60 70.28 31.26 1.38
N ASN C 61 70.41 30.00 1.82
CA ASN C 61 69.49 28.95 1.43
C ASN C 61 68.26 29.01 2.34
N LEU C 62 67.39 29.96 2.06
CA LEU C 62 66.22 30.18 2.89
C LEU C 62 65.32 28.95 2.88
N TRP C 63 64.54 28.79 3.96
CA TRP C 63 63.66 27.65 4.10
C TRP C 63 62.44 28.05 4.92
N ASP C 64 61.25 27.66 4.48
CA ASP C 64 60.04 27.91 5.22
C ASP C 64 59.66 26.71 6.07
N THR C 65 59.28 26.97 7.31
CA THR C 65 58.84 25.94 8.23
C THR C 65 57.44 26.28 8.74
N ALA C 66 56.60 25.25 8.88
CA ALA C 66 55.22 25.40 9.31
C ALA C 66 55.04 24.77 10.68
N GLY C 67 54.23 25.41 11.51
CA GLY C 67 53.95 24.94 12.85
C GLY C 67 52.84 23.94 12.97
N LEU C 68 52.34 23.41 11.86
CA LEU C 68 51.27 22.43 11.90
C LEU C 68 51.77 21.11 12.50
N GLU C 69 50.86 20.39 13.15
CA GLU C 69 51.21 19.13 13.79
C GLU C 69 51.47 18.04 12.77
N GLU C 70 50.83 18.11 11.60
CA GLU C 70 50.87 17.01 10.63
C GLU C 70 52.27 16.78 10.09
N TYR C 71 53.00 17.85 9.75
CA TYR C 71 54.28 17.74 9.05
C TYR C 71 55.47 17.78 10.01
N ASP C 72 55.29 17.28 11.23
CA ASP C 72 56.40 17.28 12.18
C ASP C 72 57.55 16.40 11.70
N ARG C 73 57.24 15.27 11.07
CA ARG C 73 58.28 14.40 10.54
C ARG C 73 59.10 15.12 9.47
N LEU C 74 58.42 15.85 8.57
CA LEU C 74 59.14 16.60 7.55
C LEU C 74 59.97 17.73 8.16
N ARG C 75 59.41 18.43 9.14
CA ARG C 75 60.07 19.61 9.69
C ARG C 75 61.29 19.24 10.53
N THR C 76 61.16 18.23 11.39
CA THR C 76 62.27 17.84 12.26
C THR C 76 63.31 16.99 11.56
N LEU C 77 63.06 16.58 10.31
CA LEU C 77 64.02 15.76 9.59
C LEU C 77 65.30 16.53 9.28
N SER C 78 65.18 17.79 8.87
CA SER C 78 66.32 18.58 8.46
C SER C 78 66.92 19.39 9.61
N TYR C 79 66.31 19.38 10.79
CA TYR C 79 66.89 20.09 11.93
C TYR C 79 68.27 19.57 12.30
N PRO C 80 68.54 18.25 12.34
CA PRO C 80 69.92 17.81 12.55
C PRO C 80 70.85 18.25 11.43
N GLN C 81 72.10 18.50 11.80
CA GLN C 81 73.16 18.94 10.88
C GLN C 81 72.82 20.26 10.18
N THR C 82 71.93 21.05 10.77
CA THR C 82 71.70 22.41 10.28
C THR C 82 72.74 23.36 10.89
N ASN C 83 73.17 24.35 10.11
CA ASN C 83 74.30 25.17 10.49
C ASN C 83 73.92 26.52 11.09
N VAL C 84 72.76 27.08 10.75
CA VAL C 84 72.38 28.41 11.25
C VAL C 84 70.87 28.52 11.23
N PHE C 85 70.33 29.34 12.15
CA PHE C 85 68.90 29.59 12.24
C PHE C 85 68.62 31.08 12.13
N VAL C 86 67.52 31.41 11.48
CA VAL C 86 66.95 32.75 11.49
C VAL C 86 65.54 32.59 12.06
N ILE C 87 65.30 33.19 13.23
CA ILE C 87 64.06 32.98 13.97
C ILE C 87 63.42 34.33 14.25
N CYS C 88 62.11 34.43 14.01
CA CYS C 88 61.34 35.62 14.29
C CYS C 88 60.21 35.26 15.26
N PHE C 89 60.04 36.07 16.31
CA PHE C 89 59.12 35.74 17.38
C PHE C 89 58.50 37.02 17.94
N SER C 90 57.29 36.88 18.47
CA SER C 90 56.67 37.99 19.19
C SER C 90 57.49 38.33 20.42
N ILE C 91 57.85 39.61 20.56
CA ILE C 91 58.80 40.02 21.59
C ILE C 91 58.23 39.81 22.98
N ALA C 92 56.97 40.19 23.20
CA ALA C 92 56.40 40.30 24.55
C ALA C 92 55.23 39.35 24.76
N SER C 93 55.37 38.10 24.33
CA SER C 93 54.36 37.07 24.57
C SER C 93 54.90 36.05 25.56
N PRO C 94 54.44 36.06 26.81
CA PRO C 94 54.94 35.10 27.81
C PRO C 94 54.74 33.65 27.38
N PRO C 95 53.61 33.29 26.74
CA PRO C 95 53.53 31.93 26.20
C PRO C 95 54.61 31.62 25.18
N SER C 96 55.00 32.62 24.37
CA SER C 96 56.05 32.39 23.39
C SER C 96 57.38 32.06 24.07
N TYR C 97 57.74 32.83 25.10
CA TYR C 97 58.97 32.55 25.83
C TYR C 97 58.90 31.21 26.56
N GLU C 98 57.72 30.89 27.09
CA GLU C 98 57.53 29.59 27.74
C GLU C 98 57.78 28.45 26.76
N ASN C 99 57.18 28.53 25.57
CA ASN C 99 57.39 27.49 24.55
C ASN C 99 58.84 27.47 24.10
N VAL C 100 59.48 28.64 23.99
CA VAL C 100 60.89 28.68 23.61
C VAL C 100 61.74 27.91 24.60
N ARG C 101 61.57 28.22 25.90
CA ARG C 101 62.33 27.53 26.94
C ARG C 101 62.03 26.05 26.97
N HIS C 102 60.78 25.67 26.73
CA HIS C 102 60.42 24.25 26.81
C HIS C 102 60.93 23.45 25.62
N LYS C 103 61.01 24.06 24.44
CA LYS C 103 61.26 23.32 23.21
C LYS C 103 62.58 23.68 22.53
N TRP C 104 62.83 24.95 22.25
CA TRP C 104 63.87 25.31 21.29
C TRP C 104 65.26 25.27 21.92
N HIS C 105 65.48 26.06 22.97
CA HIS C 105 66.83 26.20 23.53
C HIS C 105 67.42 24.89 24.02
N PRO C 106 66.72 24.04 24.81
CA PRO C 106 67.35 22.79 25.25
C PRO C 106 67.78 21.89 24.10
N GLU C 107 66.99 21.81 23.03
CA GLU C 107 67.33 20.90 21.94
C GLU C 107 68.53 21.39 21.15
N VAL C 108 68.56 22.69 20.82
CA VAL C 108 69.70 23.21 20.08
C VAL C 108 70.96 23.19 20.94
N CYS C 109 70.81 23.30 22.27
CA CYS C 109 71.99 23.22 23.14
C CYS C 109 72.50 21.79 23.26
N HIS C 110 71.60 20.81 23.39
CA HIS C 110 72.01 19.43 23.60
C HIS C 110 72.51 18.79 22.32
N HIS C 111 71.87 19.08 21.18
CA HIS C 111 72.26 18.44 19.93
C HIS C 111 73.59 18.98 19.42
N CYS C 112 73.66 20.27 19.14
CA CYS C 112 74.85 20.91 18.59
C CYS C 112 75.34 22.00 19.53
N PRO C 113 76.38 21.75 20.31
CA PRO C 113 76.93 22.82 21.16
C PRO C 113 77.55 23.96 20.39
N ASP C 114 77.80 23.80 19.10
CA ASP C 114 78.50 24.79 18.28
C ASP C 114 77.70 25.15 17.03
N VAL C 115 76.41 25.41 17.19
CA VAL C 115 75.56 25.88 16.10
C VAL C 115 75.29 27.37 16.31
N PRO C 116 75.81 28.25 15.46
CA PRO C 116 75.46 29.67 15.58
C PRO C 116 73.97 29.89 15.40
N ILE C 117 73.42 30.79 16.21
CA ILE C 117 71.99 31.07 16.21
C ILE C 117 71.77 32.57 16.11
N LEU C 118 70.96 32.99 15.13
CA LEU C 118 70.57 34.37 14.96
C LEU C 118 69.11 34.52 15.38
N LEU C 119 68.83 35.45 16.28
CA LEU C 119 67.50 35.62 16.85
C LEU C 119 67.05 37.07 16.67
N VAL C 120 65.80 37.25 16.25
CA VAL C 120 65.19 38.57 16.08
C VAL C 120 63.75 38.51 16.59
N GLY C 121 63.36 39.50 17.37
CA GLY C 121 62.00 39.55 17.88
C GLY C 121 61.09 40.39 17.00
N THR C 122 59.79 40.06 17.04
CA THR C 122 58.76 40.74 16.26
C THR C 122 57.63 41.19 17.18
N LYS C 123 56.58 41.74 16.55
CA LYS C 123 55.39 42.23 17.24
C LYS C 123 55.75 43.27 18.30
N LYS C 124 56.39 44.35 17.86
CA LYS C 124 56.67 45.49 18.71
C LYS C 124 56.17 46.82 18.17
N ASP C 125 55.83 46.90 16.89
CA ASP C 125 55.27 48.13 16.32
C ASP C 125 53.78 48.25 16.58
N LEU C 126 53.17 47.27 17.25
CA LEU C 126 51.74 47.28 17.51
C LEU C 126 51.35 48.33 18.53
N ARG C 127 52.31 49.02 19.16
CA ARG C 127 51.97 50.16 19.98
C ARG C 127 51.25 51.24 19.17
N ALA C 128 51.57 51.35 17.88
CA ALA C 128 50.86 52.26 17.00
C ALA C 128 49.42 51.82 16.73
N GLN C 129 49.07 50.59 17.07
CA GLN C 129 47.70 50.11 16.91
C GLN C 129 47.09 49.89 18.28
N PRO C 130 46.20 50.77 18.75
CA PRO C 130 45.64 50.60 20.10
C PRO C 130 44.79 49.35 20.26
N ASP C 131 44.37 48.72 19.16
CA ASP C 131 43.47 47.57 19.26
C ASP C 131 44.11 46.43 20.06
N THR C 132 45.35 46.08 19.73
CA THR C 132 46.03 45.01 20.46
C THR C 132 46.33 45.41 21.89
N LEU C 133 46.63 46.68 22.14
CA LEU C 133 46.86 47.13 23.51
C LEU C 133 45.60 46.93 24.36
N ARG C 134 44.44 47.30 23.82
CA ARG C 134 43.19 47.08 24.54
C ARG C 134 42.89 45.58 24.67
N ARG C 135 43.23 44.80 23.65
CA ARG C 135 43.00 43.35 23.71
C ARG C 135 43.79 42.72 24.84
N LEU C 136 45.05 43.09 24.99
CA LEU C 136 45.89 42.51 26.04
C LEU C 136 45.70 43.19 27.39
N LYS C 137 45.06 44.36 27.43
CA LYS C 137 44.78 45.00 28.71
C LYS C 137 43.63 44.32 29.44
N GLU C 138 42.59 43.91 28.70
CA GLU C 138 41.43 43.29 29.33
C GLU C 138 41.74 41.93 29.93
N GLN C 139 42.82 41.28 29.49
CA GLN C 139 43.20 39.98 30.03
C GLN C 139 44.19 40.08 31.18
N GLY C 140 44.51 41.30 31.63
CA GLY C 140 45.40 41.48 32.77
C GLY C 140 46.82 41.01 32.54
N GLN C 141 47.39 41.32 31.38
CA GLN C 141 48.76 40.93 31.05
C GLN C 141 49.68 42.12 31.15
N ALA C 142 50.86 41.91 31.73
CA ALA C 142 51.85 42.97 31.87
C ALA C 142 53.00 42.73 30.91
N PRO C 143 53.57 43.80 30.34
CA PRO C 143 54.69 43.63 29.41
C PRO C 143 55.90 43.00 30.08
N ILE C 144 56.67 42.26 29.29
CA ILE C 144 57.88 41.61 29.81
C ILE C 144 58.88 42.68 30.23
N THR C 145 59.45 42.52 31.41
CA THR C 145 60.43 43.48 31.89
C THR C 145 61.69 43.42 31.03
N PRO C 146 62.29 44.58 30.72
CA PRO C 146 63.50 44.58 29.88
C PRO C 146 64.65 43.80 30.50
N GLN C 147 64.77 43.80 31.83
CA GLN C 147 65.85 43.06 32.46
C GLN C 147 65.74 41.56 32.20
N GLN C 148 64.52 41.02 32.31
CA GLN C 148 64.33 39.60 32.02
C GLN C 148 64.55 39.30 30.54
N GLY C 149 64.17 40.22 29.66
CA GLY C 149 64.45 40.03 28.24
C GLY C 149 65.92 39.98 27.94
N GLN C 150 66.70 40.89 28.53
CA GLN C 150 68.15 40.88 28.32
C GLN C 150 68.77 39.63 28.94
N ALA C 151 68.26 39.18 30.10
CA ALA C 151 68.75 37.95 30.69
C ALA C 151 68.48 36.76 29.78
N LEU C 152 67.29 36.70 29.19
CA LEU C 152 66.99 35.64 28.23
C LEU C 152 67.91 35.71 27.02
N ALA C 153 68.18 36.93 26.53
CA ALA C 153 69.06 37.08 25.39
C ALA C 153 70.47 36.60 25.70
N LYS C 154 70.96 36.89 26.90
CA LYS C 154 72.33 36.53 27.25
C LYS C 154 72.46 35.11 27.77
N GLN C 155 71.35 34.44 28.11
CA GLN C 155 71.41 33.10 28.66
C GLN C 155 71.23 31.99 27.63
N ILE C 156 71.03 32.33 26.37
CA ILE C 156 70.82 31.34 25.32
C ILE C 156 72.08 31.08 24.51
N HIS C 157 73.26 31.36 25.08
CA HIS C 157 74.54 31.15 24.42
C HIS C 157 74.61 31.93 23.10
N ALA C 158 74.31 33.22 23.18
CA ALA C 158 74.34 34.11 22.03
C ALA C 158 75.36 35.22 22.29
N VAL C 159 76.21 35.49 21.30
CA VAL C 159 77.24 36.50 21.45
C VAL C 159 76.62 37.89 21.58
N ARG C 160 75.68 38.22 20.71
CA ARG C 160 75.02 39.52 20.74
C ARG C 160 73.66 39.39 20.08
N TYR C 161 72.61 39.69 20.83
CA TYR C 161 71.25 39.64 20.32
C TYR C 161 70.87 40.98 19.72
N LEU C 162 70.20 40.94 18.56
CA LEU C 162 69.79 42.14 17.87
C LEU C 162 68.42 41.92 17.24
N GLU C 163 67.72 43.02 16.97
CA GLU C 163 66.38 42.97 16.40
C GLU C 163 66.29 43.87 15.18
N CYS C 164 65.43 43.48 14.25
CA CYS C 164 65.21 44.23 13.02
C CYS C 164 63.72 44.35 12.77
N SER C 165 63.34 45.39 12.02
CA SER C 165 61.95 45.67 11.70
C SER C 165 61.61 45.12 10.34
N ALA C 166 60.44 44.49 10.23
CA ALA C 166 59.95 44.02 8.94
C ALA C 166 58.96 45.01 8.31
N LEU C 167 58.08 45.59 9.13
CA LEU C 167 57.14 46.57 8.61
C LEU C 167 57.84 47.84 8.17
N GLN C 168 58.74 48.36 9.00
CA GLN C 168 59.51 49.55 8.66
C GLN C 168 60.81 49.22 7.93
N GLN C 169 61.18 47.94 7.85
CA GLN C 169 62.40 47.50 7.17
C GLN C 169 63.63 48.22 7.73
N ASP C 170 63.88 47.99 9.02
CA ASP C 170 64.97 48.66 9.74
C ASP C 170 65.87 47.60 10.36
N GLY C 171 67.16 47.65 10.04
CA GLY C 171 68.15 46.81 10.68
C GLY C 171 68.31 45.43 10.08
N VAL C 172 67.50 45.06 9.08
CA VAL C 172 67.53 43.69 8.56
C VAL C 172 68.89 43.38 7.95
N LYS C 173 69.38 44.25 7.07
CA LYS C 173 70.71 44.06 6.50
C LYS C 173 71.78 44.12 7.58
N GLU C 174 71.63 45.04 8.53
CA GLU C 174 72.57 45.11 9.64
C GLU C 174 72.52 43.85 10.49
N VAL C 175 71.33 43.29 10.71
CA VAL C 175 71.21 42.06 11.48
C VAL C 175 71.90 40.91 10.76
N PHE C 176 71.68 40.78 9.46
CA PHE C 176 72.35 39.72 8.71
C PHE C 176 73.87 39.91 8.72
N ALA C 177 74.34 41.15 8.58
CA ALA C 177 75.77 41.41 8.60
C ALA C 177 76.38 41.07 9.95
N GLU C 178 75.71 41.43 11.05
CA GLU C 178 76.25 41.11 12.36
C GLU C 178 76.19 39.62 12.64
N ALA C 179 75.17 38.92 12.12
CA ALA C 179 75.15 37.47 12.24
C ALA C 179 76.31 36.83 11.50
N VAL C 180 76.61 37.33 10.29
CA VAL C 180 77.75 36.82 9.54
C VAL C 180 79.05 37.08 10.29
N ARG C 181 79.19 38.28 10.84
CA ARG C 181 80.39 38.61 11.61
C ARG C 181 80.53 37.71 12.84
N ALA C 182 79.43 37.44 13.53
CA ALA C 182 79.46 36.55 14.68
C ALA C 182 79.86 35.14 14.29
N VAL C 183 79.33 34.65 13.15
CA VAL C 183 79.72 33.32 12.68
C VAL C 183 81.19 33.29 12.31
N LEU C 184 81.71 34.39 11.76
CA LEU C 184 83.12 34.45 11.39
C LEU C 184 84.02 34.33 12.61
N ASN C 185 83.67 35.00 13.70
CA ASN C 185 84.45 34.98 14.94
C ASN C 185 83.53 34.64 16.10
N PRO C 186 83.14 33.37 16.23
CA PRO C 186 82.23 32.97 17.30
C PRO C 186 82.98 32.71 18.60
N THR C 187 82.23 32.27 19.61
CA THR C 187 82.82 31.93 20.88
C THR C 187 83.71 30.68 20.74
N PRO C 188 84.87 30.67 21.42
CA PRO C 188 85.80 29.53 21.47
C PRO C 188 85.11 28.19 21.71
#